data_2L16
#
_entry.id   2L16
#
_entity_poly.entity_id   1
_entity_poly.type   'polypeptide(L)'
_entity_poly.pdbx_seq_one_letter_code
;MFSNIGIPGLILIFVIALIIFGPSKLPEIGRAAGRTLLEFKSATKSLVSGDEKEEKSAELTAVKQDKNAGLEHHHHHH
;
_entity_poly.pdbx_strand_id   A
#
# COMPACT_ATOMS: atom_id res chain seq x y z
N MET A 1 -5.14 9.29 27.13
CA MET A 1 -5.39 7.83 27.27
C MET A 1 -4.87 7.10 26.04
N PHE A 2 -5.76 6.40 25.36
CA PHE A 2 -5.38 5.65 24.16
C PHE A 2 -5.45 6.54 22.94
N SER A 3 -5.91 7.78 23.13
CA SER A 3 -6.03 8.73 22.02
C SER A 3 -4.87 9.72 22.03
N ASN A 4 -4.27 9.91 23.21
CA ASN A 4 -3.14 10.84 23.34
C ASN A 4 -1.87 10.22 22.78
N ILE A 5 -1.89 8.92 22.55
CA ILE A 5 -0.73 8.23 22.03
C ILE A 5 -0.39 8.71 20.62
N GLY A 6 -1.42 8.86 19.80
CA GLY A 6 -1.22 9.31 18.43
C GLY A 6 -0.46 8.26 17.62
N ILE A 7 0.49 8.71 16.81
CA ILE A 7 1.30 7.79 16.00
C ILE A 7 2.17 6.90 16.90
N PRO A 8 2.88 7.46 17.87
CA PRO A 8 3.74 6.64 18.77
C PRO A 8 3.09 5.32 19.15
N GLY A 9 1.78 5.34 19.38
CA GLY A 9 1.04 4.14 19.73
C GLY A 9 0.86 3.24 18.52
N LEU A 10 0.77 3.85 17.34
CA LEU A 10 0.57 3.09 16.10
C LEU A 10 1.73 2.16 15.83
N ILE A 11 2.95 2.62 16.12
CA ILE A 11 4.14 1.81 15.88
C ILE A 11 4.06 0.52 16.67
N LEU A 12 3.66 0.61 17.94
CA LEU A 12 3.57 -0.58 18.76
C LEU A 12 2.61 -1.58 18.13
N ILE A 13 1.47 -1.07 17.68
CA ILE A 13 0.48 -1.92 17.01
C ILE A 13 1.02 -2.43 15.69
N PHE A 14 1.69 -1.55 14.97
CA PHE A 14 2.20 -1.91 13.67
C PHE A 14 3.14 -3.10 13.79
N VAL A 15 3.96 -3.08 14.82
CA VAL A 15 4.91 -4.15 15.06
C VAL A 15 4.18 -5.48 15.17
N ILE A 16 3.06 -5.46 15.88
CA ILE A 16 2.26 -6.68 16.06
C ILE A 16 1.97 -7.29 14.71
N ALA A 17 1.81 -6.43 13.71
CA ALA A 17 1.54 -6.87 12.36
C ALA A 17 2.83 -7.39 11.70
N LEU A 18 3.93 -6.76 12.04
CA LEU A 18 5.22 -7.13 11.47
C LEU A 18 5.65 -8.53 11.90
N ILE A 19 5.41 -8.86 13.14
CA ILE A 19 5.78 -10.18 13.61
C ILE A 19 5.05 -11.26 12.81
N ILE A 20 3.77 -11.03 12.54
CA ILE A 20 2.99 -11.97 11.77
C ILE A 20 3.21 -11.79 10.27
N PHE A 21 3.38 -10.53 9.82
CA PHE A 21 3.60 -10.25 8.41
C PHE A 21 5.09 -10.09 8.11
N GLY A 22 5.70 -8.98 8.55
CA GLY A 22 7.13 -8.75 8.32
C GLY A 22 7.34 -7.43 7.57
N PRO A 23 8.38 -6.70 7.88
CA PRO A 23 8.67 -5.40 7.21
C PRO A 23 9.11 -5.59 5.76
N SER A 24 9.48 -6.83 5.42
CA SER A 24 9.92 -7.14 4.06
C SER A 24 8.76 -7.66 3.23
N LYS A 25 7.58 -7.73 3.85
CA LYS A 25 6.40 -8.23 3.16
C LYS A 25 5.50 -7.09 2.68
N LEU A 26 5.42 -6.02 3.46
CA LEU A 26 4.58 -4.91 3.07
C LEU A 26 5.15 -4.21 1.83
N PRO A 27 6.44 -3.97 1.79
CA PRO A 27 7.10 -3.29 0.62
C PRO A 27 7.03 -4.16 -0.63
N GLU A 28 7.10 -5.47 -0.44
CA GLU A 28 7.03 -6.41 -1.55
C GLU A 28 5.68 -6.35 -2.25
N ILE A 29 4.63 -6.24 -1.47
CA ILE A 29 3.27 -6.17 -2.01
C ILE A 29 3.09 -4.89 -2.82
N GLY A 30 3.58 -3.78 -2.29
CA GLY A 30 3.46 -2.50 -2.98
C GLY A 30 4.15 -2.55 -4.33
N ARG A 31 5.35 -3.13 -4.35
CA ARG A 31 6.12 -3.24 -5.58
C ARG A 31 5.39 -4.12 -6.58
N ALA A 32 4.92 -5.26 -6.09
CA ALA A 32 4.22 -6.20 -6.95
C ALA A 32 2.97 -5.55 -7.52
N ALA A 33 2.18 -4.93 -6.63
CA ALA A 33 0.97 -4.24 -7.05
C ALA A 33 1.35 -3.06 -7.93
N GLY A 34 2.54 -2.54 -7.68
CA GLY A 34 3.02 -1.39 -8.41
C GLY A 34 2.99 -1.65 -9.91
N ARG A 35 3.42 -2.84 -10.31
CA ARG A 35 3.43 -3.21 -11.72
C ARG A 35 2.02 -3.38 -12.26
N THR A 36 1.18 -4.01 -11.45
CA THR A 36 -0.20 -4.24 -11.82
C THR A 36 -0.94 -2.91 -11.96
N LEU A 37 -0.72 -2.01 -11.02
CA LEU A 37 -1.37 -0.72 -11.06
C LEU A 37 -0.88 0.13 -12.22
N LEU A 38 0.41 0.02 -12.49
CA LEU A 38 1.05 0.77 -13.55
C LEU A 38 0.37 0.49 -14.88
N GLU A 39 0.05 -0.76 -15.13
CA GLU A 39 -0.61 -1.10 -16.38
C GLU A 39 -2.06 -0.67 -16.34
N PHE A 40 -2.61 -0.48 -15.14
CA PHE A 40 -4.00 -0.09 -14.99
C PHE A 40 -4.27 1.29 -15.59
N LYS A 41 -3.43 2.24 -15.24
CA LYS A 41 -3.61 3.60 -15.73
C LYS A 41 -3.46 3.65 -17.24
N SER A 42 -2.58 2.81 -17.76
CA SER A 42 -2.33 2.75 -19.18
C SER A 42 -3.58 2.25 -19.90
N ALA A 43 -4.24 1.27 -19.31
CA ALA A 43 -5.47 0.73 -19.89
C ALA A 43 -6.58 1.77 -19.82
N THR A 44 -6.60 2.51 -18.71
CA THR A 44 -7.59 3.54 -18.50
C THR A 44 -7.45 4.66 -19.53
N LYS A 45 -6.22 5.04 -19.80
CA LYS A 45 -5.95 6.11 -20.76
C LYS A 45 -6.66 5.82 -22.07
N SER A 46 -6.80 4.54 -22.38
CA SER A 46 -7.46 4.15 -23.61
C SER A 46 -8.98 4.30 -23.49
N LEU A 47 -9.52 4.10 -22.29
CA LEU A 47 -10.95 4.23 -22.07
C LEU A 47 -11.39 5.69 -22.18
N VAL A 48 -10.62 6.56 -21.56
CA VAL A 48 -10.92 7.99 -21.59
C VAL A 48 -10.65 8.58 -22.96
N SER A 49 -9.56 8.14 -23.57
CA SER A 49 -9.19 8.65 -24.87
C SER A 49 -10.27 8.33 -25.89
N GLY A 50 -10.77 7.10 -25.85
CA GLY A 50 -11.82 6.67 -26.75
C GLY A 50 -11.54 7.16 -28.18
N ASP A 51 -10.28 7.27 -28.52
CA ASP A 51 -9.88 7.73 -29.85
C ASP A 51 -8.37 7.59 -30.03
N GLU A 52 -7.91 7.95 -31.22
CA GLU A 52 -6.48 7.86 -31.53
C GLU A 52 -5.65 8.43 -30.37
N MET A 1 -6.91 7.66 24.78
CA MET A 1 -7.00 6.20 24.46
C MET A 1 -5.99 5.87 23.36
N PHE A 2 -6.49 5.36 22.24
CA PHE A 2 -5.64 5.00 21.12
C PHE A 2 -5.37 6.21 20.24
N SER A 3 -5.98 7.34 20.60
CA SER A 3 -5.80 8.58 19.84
C SER A 3 -4.84 9.51 20.56
N ASN A 4 -4.75 9.36 21.88
CA ASN A 4 -3.87 10.19 22.68
C ASN A 4 -2.42 9.75 22.53
N ILE A 5 -2.23 8.56 21.97
CA ILE A 5 -0.88 8.05 21.79
C ILE A 5 -0.08 8.96 20.88
N GLY A 6 -0.68 9.33 19.75
CA GLY A 6 -0.02 10.21 18.78
C GLY A 6 0.59 9.36 17.65
N ILE A 7 1.91 9.44 17.51
CA ILE A 7 2.63 8.65 16.52
C ILE A 7 3.42 7.47 17.15
N PRO A 8 3.69 7.45 18.45
CA PRO A 8 4.49 6.36 19.09
C PRO A 8 3.71 5.04 19.20
N GLY A 9 2.53 5.11 19.80
CA GLY A 9 1.72 3.92 19.95
C GLY A 9 1.46 3.27 18.60
N LEU A 10 1.59 4.06 17.54
CA LEU A 10 1.37 3.55 16.20
C LEU A 10 2.38 2.46 15.88
N ILE A 11 3.63 2.68 16.27
CA ILE A 11 4.70 1.72 16.02
C ILE A 11 4.38 0.40 16.69
N LEU A 12 3.94 0.44 17.94
CA LEU A 12 3.63 -0.78 18.65
C LEU A 12 2.56 -1.55 17.91
N ILE A 13 1.54 -0.84 17.45
CA ILE A 13 0.46 -1.47 16.69
C ILE A 13 0.97 -1.96 15.35
N PHE A 14 1.80 -1.15 14.73
CA PHE A 14 2.31 -1.48 13.43
C PHE A 14 3.01 -2.84 13.47
N VAL A 15 3.78 -3.05 14.54
CA VAL A 15 4.51 -4.30 14.71
C VAL A 15 3.55 -5.48 14.70
N ILE A 16 2.42 -5.30 15.37
CA ILE A 16 1.41 -6.36 15.42
C ILE A 16 1.06 -6.81 14.02
N ALA A 17 1.11 -5.89 13.08
CA ALA A 17 0.82 -6.20 11.69
C ALA A 17 2.02 -6.91 11.05
N LEU A 18 3.21 -6.52 11.46
CA LEU A 18 4.43 -7.09 10.91
C LEU A 18 4.55 -8.56 11.22
N ILE A 19 4.21 -8.94 12.42
CA ILE A 19 4.30 -10.34 12.80
C ILE A 19 3.43 -11.20 11.89
N ILE A 20 2.24 -10.70 11.59
CA ILE A 20 1.32 -11.42 10.72
C ILE A 20 1.63 -11.16 9.24
N PHE A 21 2.09 -9.94 8.93
CA PHE A 21 2.42 -9.59 7.55
C PHE A 21 3.92 -9.69 7.28
N GLY A 22 4.73 -8.82 7.89
CA GLY A 22 6.16 -8.84 7.69
C GLY A 22 6.60 -7.48 7.14
N PRO A 23 7.74 -6.96 7.52
CA PRO A 23 8.23 -5.63 7.05
C PRO A 23 8.91 -5.76 5.71
N SER A 24 9.21 -7.01 5.42
CA SER A 24 9.88 -7.38 4.20
C SER A 24 8.86 -7.97 3.23
N LYS A 25 7.70 -8.37 3.79
CA LYS A 25 6.63 -8.94 2.99
C LYS A 25 5.61 -7.88 2.64
N LEU A 26 5.70 -6.75 3.31
CA LEU A 26 4.79 -5.62 3.09
C LEU A 26 5.25 -4.79 1.88
N PRO A 27 6.41 -4.19 1.96
CA PRO A 27 6.93 -3.35 0.84
C PRO A 27 7.08 -4.14 -0.45
N GLU A 28 7.39 -5.43 -0.31
CA GLU A 28 7.53 -6.29 -1.48
C GLU A 28 6.23 -6.35 -2.25
N ILE A 29 5.14 -6.53 -1.53
CA ILE A 29 3.82 -6.62 -2.15
C ILE A 29 3.46 -5.28 -2.80
N GLY A 30 3.74 -4.19 -2.09
CA GLY A 30 3.43 -2.87 -2.61
C GLY A 30 4.19 -2.62 -3.91
N ARG A 31 5.47 -3.00 -3.92
CA ARG A 31 6.29 -2.82 -5.11
C ARG A 31 5.76 -3.65 -6.26
N ALA A 32 5.43 -4.90 -5.96
CA ALA A 32 4.93 -5.79 -6.99
C ALA A 32 3.63 -5.25 -7.56
N ALA A 33 2.72 -4.86 -6.66
CA ALA A 33 1.45 -4.29 -7.08
C ALA A 33 1.70 -2.97 -7.78
N GLY A 34 2.77 -2.32 -7.38
CA GLY A 34 3.12 -1.02 -7.94
C GLY A 34 3.22 -1.11 -9.45
N ARG A 35 3.89 -2.15 -9.94
CA ARG A 35 4.05 -2.34 -11.38
C ARG A 35 2.71 -2.61 -12.04
N THR A 36 1.91 -3.43 -11.37
CA THR A 36 0.58 -3.78 -11.88
C THR A 36 -0.29 -2.54 -11.93
N LEU A 37 -0.22 -1.74 -10.88
CA LEU A 37 -1.03 -0.54 -10.83
C LEU A 37 -0.55 0.50 -11.81
N LEU A 38 0.76 0.55 -11.99
CA LEU A 38 1.38 1.50 -12.90
C LEU A 38 0.83 1.32 -14.29
N GLU A 39 0.68 0.09 -14.73
CA GLU A 39 0.17 -0.16 -16.06
C GLU A 39 -1.33 0.11 -16.09
N PHE A 40 -1.98 0.09 -14.92
CA PHE A 40 -3.43 0.31 -14.86
C PHE A 40 -3.81 1.71 -15.32
N LYS A 41 -3.11 2.71 -14.80
CA LYS A 41 -3.39 4.09 -15.16
C LYS A 41 -3.09 4.33 -16.62
N SER A 42 -2.06 3.65 -17.12
CA SER A 42 -1.67 3.78 -18.51
C SER A 42 -2.78 3.26 -19.41
N ALA A 43 -3.41 2.17 -19.00
CA ALA A 43 -4.50 1.59 -19.77
C ALA A 43 -5.73 2.50 -19.70
N THR A 44 -5.96 3.07 -18.52
CA THR A 44 -7.07 3.96 -18.32
C THR A 44 -6.94 5.21 -19.19
N LYS A 45 -5.74 5.75 -19.24
CA LYS A 45 -5.50 6.95 -20.02
C LYS A 45 -5.93 6.72 -21.46
N SER A 46 -5.82 5.47 -21.89
CA SER A 46 -6.19 5.12 -23.25
C SER A 46 -7.71 5.07 -23.40
N LEU A 47 -8.41 4.68 -22.34
CA LEU A 47 -9.86 4.58 -22.38
C LEU A 47 -10.49 5.98 -22.44
N VAL A 48 -9.96 6.88 -21.63
CA VAL A 48 -10.46 8.25 -21.60
C VAL A 48 -10.04 9.01 -22.83
N SER A 49 -8.91 8.63 -23.39
CA SER A 49 -8.40 9.28 -24.57
C SER A 49 -9.39 9.15 -25.74
N GLY A 50 -9.93 7.96 -25.91
CA GLY A 50 -10.89 7.71 -26.97
C GLY A 50 -10.80 6.26 -27.47
N ASP A 51 -10.67 5.33 -26.52
CA ASP A 51 -10.56 3.90 -26.86
C ASP A 51 -11.62 3.09 -26.11
N GLU A 52 -12.63 2.63 -26.84
CA GLU A 52 -13.70 1.84 -26.23
C GLU A 52 -13.15 0.53 -25.69
N MET A 1 -8.15 7.74 23.31
CA MET A 1 -7.71 6.33 23.50
C MET A 1 -6.62 6.00 22.49
N PHE A 2 -6.99 5.28 21.44
CA PHE A 2 -6.05 4.89 20.41
C PHE A 2 -5.81 6.05 19.45
N SER A 3 -6.51 7.16 19.66
CA SER A 3 -6.38 8.33 18.81
C SER A 3 -5.50 9.38 19.49
N ASN A 4 -5.45 9.33 20.83
CA ASN A 4 -4.65 10.29 21.58
C ASN A 4 -3.17 9.99 21.44
N ILE A 5 -2.86 8.78 20.97
CA ILE A 5 -1.48 8.39 20.80
C ILE A 5 -0.81 9.29 19.76
N GLY A 6 -1.48 9.46 18.61
CA GLY A 6 -0.95 10.28 17.52
C GLY A 6 -0.29 9.38 16.48
N ILE A 7 1.01 9.60 16.26
CA ILE A 7 1.79 8.78 15.33
C ILE A 7 2.72 7.77 16.06
N PRO A 8 3.01 7.95 17.35
CA PRO A 8 3.94 7.02 18.08
C PRO A 8 3.33 5.65 18.35
N GLY A 9 2.18 5.64 19.02
CA GLY A 9 1.51 4.39 19.33
C GLY A 9 1.29 3.57 18.06
N LEU A 10 1.31 4.26 16.91
CA LEU A 10 1.12 3.58 15.64
C LEU A 10 2.24 2.58 15.41
N ILE A 11 3.47 2.99 15.72
CA ILE A 11 4.63 2.13 15.53
C ILE A 11 4.48 0.86 16.36
N LEU A 12 4.07 0.99 17.60
CA LEU A 12 3.92 -0.17 18.46
C LEU A 12 2.92 -1.12 17.84
N ILE A 13 1.81 -0.60 17.37
CA ILE A 13 0.79 -1.42 16.72
C ILE A 13 1.32 -1.99 15.43
N PHE A 14 2.04 -1.17 14.68
CA PHE A 14 2.55 -1.60 13.40
C PHE A 14 3.41 -2.84 13.57
N VAL A 15 4.24 -2.84 14.60
CA VAL A 15 5.12 -3.97 14.88
C VAL A 15 4.30 -5.24 15.04
N ILE A 16 3.18 -5.13 15.72
CA ILE A 16 2.30 -6.30 15.93
C ILE A 16 1.97 -6.93 14.59
N ALA A 17 1.90 -6.10 13.57
CA ALA A 17 1.61 -6.58 12.22
C ALA A 17 2.86 -7.19 11.59
N LEU A 18 4.01 -6.60 11.89
CA LEU A 18 5.26 -7.07 11.33
C LEU A 18 5.59 -8.48 11.79
N ILE A 19 5.36 -8.74 13.06
CA ILE A 19 5.65 -10.06 13.59
C ILE A 19 4.88 -11.13 12.82
N ILE A 20 3.63 -10.85 12.51
CA ILE A 20 2.78 -11.78 11.76
C ILE A 20 3.02 -11.63 10.27
N PHE A 21 3.26 -10.39 9.80
CA PHE A 21 3.51 -10.15 8.38
C PHE A 21 5.02 -10.13 8.10
N GLY A 22 5.69 -9.03 8.45
CA GLY A 22 7.12 -8.91 8.25
C GLY A 22 7.46 -7.61 7.52
N PRO A 23 8.54 -6.95 7.88
CA PRO A 23 8.95 -5.67 7.23
C PRO A 23 9.46 -5.89 5.81
N SER A 24 9.85 -7.12 5.51
CA SER A 24 10.37 -7.46 4.17
C SER A 24 9.25 -7.98 3.28
N LYS A 25 8.20 -8.51 3.89
CA LYS A 25 7.07 -9.04 3.15
C LYS A 25 6.13 -7.93 2.72
N LEU A 26 6.10 -6.87 3.53
CA LEU A 26 5.24 -5.72 3.24
C LEU A 26 5.69 -5.01 1.94
N PRO A 27 6.91 -4.54 1.89
CA PRO A 27 7.43 -3.83 0.67
C PRO A 27 7.33 -4.69 -0.58
N GLU A 28 7.47 -6.00 -0.41
CA GLU A 28 7.39 -6.91 -1.55
C GLU A 28 6.00 -6.87 -2.16
N ILE A 29 4.99 -6.87 -1.31
CA ILE A 29 3.60 -6.85 -1.79
C ILE A 29 3.33 -5.54 -2.51
N GLY A 30 3.80 -4.43 -1.94
CA GLY A 30 3.58 -3.13 -2.55
C GLY A 30 4.21 -3.07 -3.93
N ARG A 31 5.42 -3.59 -4.05
CA ARG A 31 6.12 -3.61 -5.32
C ARG A 31 5.39 -4.46 -6.33
N ALA A 32 4.95 -5.63 -5.88
CA ALA A 32 4.26 -6.52 -6.78
C ALA A 32 2.97 -5.87 -7.27
N ALA A 33 2.23 -5.31 -6.33
CA ALA A 33 0.98 -4.62 -6.68
C ALA A 33 1.30 -3.39 -7.52
N GLY A 34 2.48 -2.84 -7.30
CA GLY A 34 2.88 -1.65 -8.01
C GLY A 34 2.80 -1.88 -9.52
N ARG A 35 3.29 -3.03 -9.97
CA ARG A 35 3.27 -3.36 -11.38
C ARG A 35 1.84 -3.56 -11.87
N THR A 36 1.04 -4.22 -11.06
CA THR A 36 -0.35 -4.46 -11.40
C THR A 36 -1.11 -3.15 -11.51
N LEU A 37 -0.86 -2.26 -10.56
CA LEU A 37 -1.53 -0.98 -10.56
C LEU A 37 -1.05 -0.11 -11.72
N LEU A 38 0.23 -0.21 -12.02
CA LEU A 38 0.83 0.57 -13.09
C LEU A 38 0.11 0.31 -14.40
N GLU A 39 -0.20 -0.94 -14.65
CA GLU A 39 -0.87 -1.27 -15.90
C GLU A 39 -2.34 -0.86 -15.83
N PHE A 40 -2.86 -0.70 -14.61
CA PHE A 40 -4.27 -0.34 -14.43
C PHE A 40 -4.57 1.03 -15.00
N LYS A 41 -3.74 2.00 -14.64
CA LYS A 41 -3.93 3.36 -15.12
C LYS A 41 -3.75 3.44 -16.62
N SER A 42 -2.84 2.63 -17.13
CA SER A 42 -2.57 2.60 -18.55
C SER A 42 -3.80 2.10 -19.30
N ALA A 43 -4.47 1.10 -18.73
CA ALA A 43 -5.67 0.55 -19.34
C ALA A 43 -6.81 1.56 -19.26
N THR A 44 -6.88 2.27 -18.14
CA THR A 44 -7.90 3.29 -17.94
C THR A 44 -7.77 4.40 -18.97
N LYS A 45 -6.54 4.82 -19.22
CA LYS A 45 -6.30 5.89 -20.17
C LYS A 45 -6.96 5.56 -21.50
N SER A 46 -7.08 4.28 -21.80
CA SER A 46 -7.70 3.88 -23.05
C SER A 46 -9.23 3.99 -22.97
N LEU A 47 -9.78 3.84 -21.76
CA LEU A 47 -11.22 3.91 -21.55
C LEU A 47 -11.73 5.34 -21.69
N VAL A 48 -10.83 6.30 -21.51
CA VAL A 48 -11.18 7.71 -21.60
C VAL A 48 -11.85 8.00 -22.95
N SER A 49 -11.76 9.24 -23.39
CA SER A 49 -12.35 9.62 -24.67
C SER A 49 -11.61 8.96 -25.83
N GLY A 50 -11.11 7.73 -25.60
CA GLY A 50 -10.38 7.01 -26.64
C GLY A 50 -9.28 7.88 -27.25
N ASP A 51 -8.64 8.69 -26.40
CA ASP A 51 -7.56 9.56 -26.86
C ASP A 51 -6.64 9.93 -25.70
N GLU A 52 -5.56 10.65 -26.01
CA GLU A 52 -4.61 11.07 -25.00
C GLU A 52 -5.25 12.04 -24.02
N MET A 1 -11.32 7.20 20.72
CA MET A 1 -10.00 6.72 21.20
C MET A 1 -9.14 6.34 20.00
N PHE A 2 -7.96 5.80 20.28
CA PHE A 2 -7.05 5.38 19.26
C PHE A 2 -7.05 6.38 18.08
N SER A 3 -7.47 7.62 18.35
CA SER A 3 -7.52 8.67 17.33
C SER A 3 -6.61 9.83 17.74
N ASN A 4 -6.53 10.06 19.04
CA ASN A 4 -5.71 11.14 19.58
C ASN A 4 -4.24 10.80 19.43
N ILE A 5 -3.95 9.54 19.16
CA ILE A 5 -2.58 9.11 19.00
C ILE A 5 -1.92 9.85 17.85
N GLY A 6 -2.58 9.86 16.70
CA GLY A 6 -2.06 10.53 15.51
C GLY A 6 -1.31 9.52 14.65
N ILE A 7 -0.02 9.77 14.41
CA ILE A 7 0.82 8.87 13.61
C ILE A 7 1.76 7.99 14.48
N PRO A 8 2.08 8.36 15.70
CA PRO A 8 3.00 7.54 16.55
C PRO A 8 2.37 6.22 16.98
N GLY A 9 1.06 6.21 17.13
CA GLY A 9 0.35 5.00 17.52
C GLY A 9 0.31 4.02 16.36
N LEU A 10 0.40 4.54 15.15
CA LEU A 10 0.36 3.70 13.96
C LEU A 10 1.55 2.74 13.93
N ILE A 11 2.72 3.25 14.30
CA ILE A 11 3.93 2.45 14.30
C ILE A 11 3.78 1.27 15.25
N LEU A 12 3.26 1.51 16.44
CA LEU A 12 3.09 0.43 17.40
C LEU A 12 2.19 -0.65 16.81
N ILE A 13 1.10 -0.23 16.18
CA ILE A 13 0.18 -1.17 15.53
C ILE A 13 0.85 -1.85 14.36
N PHE A 14 1.59 -1.07 13.60
CA PHE A 14 2.24 -1.58 12.43
C PHE A 14 3.13 -2.76 12.79
N VAL A 15 3.84 -2.61 13.90
CA VAL A 15 4.74 -3.66 14.37
C VAL A 15 3.97 -4.95 14.60
N ILE A 16 2.79 -4.82 15.19
CA ILE A 16 1.94 -5.98 15.45
C ILE A 16 1.75 -6.78 14.19
N ALA A 17 1.80 -6.10 13.07
CA ALA A 17 1.66 -6.73 11.77
C ALA A 17 3.01 -7.30 11.32
N LEU A 18 4.08 -6.59 11.64
CA LEU A 18 5.41 -7.02 11.26
C LEU A 18 5.81 -8.32 11.93
N ILE A 19 5.48 -8.44 13.20
CA ILE A 19 5.83 -9.64 13.94
C ILE A 19 5.21 -10.86 13.25
N ILE A 20 3.96 -10.72 12.81
CA ILE A 20 3.28 -11.80 12.13
C ILE A 20 3.64 -11.84 10.64
N PHE A 21 3.78 -10.66 10.02
CA PHE A 21 4.14 -10.60 8.60
C PHE A 21 5.66 -10.46 8.42
N GLY A 22 6.22 -9.29 8.75
CA GLY A 22 7.66 -9.07 8.63
C GLY A 22 7.94 -7.85 7.75
N PRO A 23 8.93 -7.05 8.09
CA PRO A 23 9.28 -5.83 7.30
C PRO A 23 9.91 -6.19 5.95
N SER A 24 10.36 -7.42 5.82
CA SER A 24 10.99 -7.89 4.59
C SER A 24 9.97 -8.60 3.70
N LYS A 25 8.76 -8.79 4.24
CA LYS A 25 7.71 -9.46 3.50
C LYS A 25 6.73 -8.45 2.88
N LEU A 26 6.67 -7.25 3.45
CA LEU A 26 5.78 -6.23 2.95
C LEU A 26 6.36 -5.61 1.68
N PRO A 27 7.62 -5.24 1.70
CA PRO A 27 8.31 -4.63 0.52
C PRO A 27 8.21 -5.54 -0.71
N GLU A 28 8.33 -6.85 -0.48
CA GLU A 28 8.26 -7.81 -1.56
C GLU A 28 6.90 -7.78 -2.23
N ILE A 29 5.86 -7.69 -1.41
CA ILE A 29 4.49 -7.65 -1.92
C ILE A 29 4.27 -6.36 -2.71
N GLY A 30 4.75 -5.25 -2.17
CA GLY A 30 4.59 -3.96 -2.83
C GLY A 30 5.28 -3.99 -4.20
N ARG A 31 6.48 -4.55 -4.24
CA ARG A 31 7.23 -4.64 -5.48
C ARG A 31 6.50 -5.53 -6.47
N ALA A 32 6.07 -6.68 -5.98
CA ALA A 32 5.39 -7.62 -6.83
C ALA A 32 4.10 -6.99 -7.37
N ALA A 33 3.42 -6.26 -6.49
CA ALA A 33 2.20 -5.57 -6.86
C ALA A 33 2.53 -4.33 -7.67
N GLY A 34 3.71 -3.78 -7.42
CA GLY A 34 4.12 -2.57 -8.09
C GLY A 34 4.05 -2.70 -9.61
N ARG A 35 4.67 -3.73 -10.14
CA ARG A 35 4.67 -3.97 -11.57
C ARG A 35 3.27 -4.24 -12.08
N THR A 36 2.53 -5.04 -11.34
CA THR A 36 1.16 -5.37 -11.70
C THR A 36 0.29 -4.11 -11.67
N LEU A 37 0.48 -3.32 -10.64
CA LEU A 37 -0.27 -2.08 -10.49
C LEU A 37 0.18 -1.03 -11.47
N LEU A 38 1.47 -1.05 -11.74
CA LEU A 38 2.08 -0.10 -12.65
C LEU A 38 1.44 -0.19 -14.02
N GLU A 39 1.13 -1.39 -14.45
CA GLU A 39 0.51 -1.59 -15.75
C GLU A 39 -0.98 -1.27 -15.67
N PHE A 40 -1.55 -1.32 -14.46
CA PHE A 40 -2.97 -1.05 -14.29
C PHE A 40 -3.30 0.41 -14.58
N LYS A 41 -2.53 1.31 -14.00
CA LYS A 41 -2.76 2.73 -14.18
C LYS A 41 -2.57 3.12 -15.63
N SER A 42 -1.63 2.46 -16.29
CA SER A 42 -1.35 2.72 -17.69
C SER A 42 -2.55 2.33 -18.54
N ALA A 43 -3.18 1.22 -18.18
CA ALA A 43 -4.36 0.75 -18.91
C ALA A 43 -5.56 1.65 -18.59
N THR A 44 -5.70 2.01 -17.33
CA THR A 44 -6.77 2.89 -16.88
C THR A 44 -6.68 4.26 -17.53
N LYS A 45 -5.47 4.78 -17.60
CA LYS A 45 -5.26 6.10 -18.18
C LYS A 45 -5.88 6.14 -19.57
N SER A 46 -5.91 4.98 -20.22
CA SER A 46 -6.47 4.89 -21.55
C SER A 46 -7.99 4.92 -21.51
N LEU A 47 -8.58 4.35 -20.46
CA LEU A 47 -10.04 4.31 -20.32
C LEU A 47 -10.60 5.70 -20.04
N VAL A 48 -9.91 6.43 -19.17
CA VAL A 48 -10.35 7.78 -18.81
C VAL A 48 -10.11 8.74 -19.94
N SER A 49 -9.12 8.46 -20.75
CA SER A 49 -8.79 9.33 -21.86
C SER A 49 -9.98 9.44 -22.80
N GLY A 50 -10.85 8.44 -22.76
CA GLY A 50 -12.03 8.44 -23.62
C GLY A 50 -13.07 9.43 -23.12
N ASP A 51 -12.59 10.58 -22.66
CA ASP A 51 -13.47 11.63 -22.16
C ASP A 51 -14.01 12.47 -23.30
N GLU A 52 -14.97 13.34 -22.99
CA GLU A 52 -15.56 14.20 -24.00
C GLU A 52 -14.58 15.28 -24.44
N MET A 1 -7.84 9.44 24.69
CA MET A 1 -7.31 8.18 25.28
C MET A 1 -6.41 7.49 24.27
N PHE A 2 -7.04 6.82 23.30
CA PHE A 2 -6.31 6.11 22.27
C PHE A 2 -5.83 7.08 21.19
N SER A 3 -6.20 8.35 21.35
CA SER A 3 -5.81 9.37 20.37
C SER A 3 -4.59 10.14 20.89
N ASN A 4 -4.40 10.12 22.20
CA ASN A 4 -3.26 10.81 22.81
C ASN A 4 -1.97 10.12 22.45
N ILE A 5 -2.05 8.83 22.18
CA ILE A 5 -0.87 8.07 21.83
C ILE A 5 -0.26 8.60 20.55
N GLY A 6 -1.08 8.79 19.53
CA GLY A 6 -0.57 9.31 18.25
C GLY A 6 0.36 8.30 17.59
N ILE A 7 1.49 8.79 17.06
CA ILE A 7 2.44 7.90 16.40
C ILE A 7 2.91 6.80 17.36
N PRO A 8 3.41 7.14 18.52
CA PRO A 8 3.85 6.13 19.53
C PRO A 8 2.84 4.97 19.69
N GLY A 9 1.56 5.21 19.36
CA GLY A 9 0.55 4.15 19.43
C GLY A 9 0.50 3.47 18.07
N LEU A 10 0.86 4.24 17.02
CA LEU A 10 0.87 3.72 15.66
C LEU A 10 1.87 2.56 15.50
N ILE A 11 3.05 2.68 16.10
CA ILE A 11 4.06 1.65 16.00
C ILE A 11 3.56 0.34 16.57
N LEU A 12 2.91 0.40 17.73
CA LEU A 12 2.40 -0.81 18.36
C LEU A 12 1.43 -1.50 17.42
N ILE A 13 0.53 -0.73 16.83
CA ILE A 13 -0.44 -1.28 15.88
C ILE A 13 0.28 -1.78 14.63
N PHE A 14 1.25 -1.02 14.18
CA PHE A 14 1.96 -1.37 12.97
C PHE A 14 2.58 -2.74 13.11
N VAL A 15 3.16 -3.00 14.27
CA VAL A 15 3.79 -4.27 14.55
C VAL A 15 2.80 -5.41 14.34
N ILE A 16 1.58 -5.20 14.80
CA ILE A 16 0.53 -6.22 14.65
C ILE A 16 0.40 -6.61 13.19
N ALA A 17 0.65 -5.66 12.32
CA ALA A 17 0.57 -5.90 10.88
C ALA A 17 1.83 -6.63 10.40
N LEU A 18 2.94 -6.36 11.05
CA LEU A 18 4.21 -6.98 10.69
C LEU A 18 4.24 -8.46 11.06
N ILE A 19 3.76 -8.77 12.25
CA ILE A 19 3.76 -10.17 12.68
C ILE A 19 2.98 -11.01 11.69
N ILE A 20 1.83 -10.51 11.29
CA ILE A 20 1.01 -11.18 10.30
C ILE A 20 1.65 -11.06 8.92
N PHE A 21 1.93 -9.83 8.50
CA PHE A 21 2.53 -9.59 7.18
C PHE A 21 4.05 -9.74 7.24
N GLY A 22 4.76 -8.74 7.77
CA GLY A 22 6.23 -8.80 7.85
C GLY A 22 6.84 -7.54 7.23
N PRO A 23 7.93 -7.04 7.78
CA PRO A 23 8.61 -5.83 7.24
C PRO A 23 9.30 -6.11 5.90
N SER A 24 9.58 -7.38 5.64
CA SER A 24 10.24 -7.77 4.39
C SER A 24 9.22 -8.12 3.32
N LYS A 25 8.07 -8.65 3.74
CA LYS A 25 7.04 -9.03 2.82
C LYS A 25 6.27 -7.80 2.35
N LEU A 26 6.13 -6.83 3.25
CA LEU A 26 5.41 -5.60 2.93
C LEU A 26 6.03 -4.89 1.73
N PRO A 27 7.27 -4.49 1.81
CA PRO A 27 7.96 -3.78 0.68
C PRO A 27 7.98 -4.63 -0.59
N GLU A 28 8.01 -5.95 -0.40
CA GLU A 28 8.02 -6.86 -1.55
C GLU A 28 6.72 -6.75 -2.34
N ILE A 29 5.62 -6.68 -1.63
CA ILE A 29 4.31 -6.57 -2.27
C ILE A 29 4.20 -5.25 -3.03
N GLY A 30 4.65 -4.18 -2.41
CA GLY A 30 4.59 -2.86 -3.04
C GLY A 30 5.38 -2.85 -4.34
N ARG A 31 6.57 -3.45 -4.29
CA ARG A 31 7.42 -3.52 -5.47
C ARG A 31 6.77 -4.34 -6.56
N ALA A 32 6.29 -5.50 -6.18
CA ALA A 32 5.65 -6.39 -7.13
C ALA A 32 4.42 -5.72 -7.73
N ALA A 33 3.68 -5.02 -6.88
CA ALA A 33 2.49 -4.30 -7.31
C ALA A 33 2.89 -3.07 -8.11
N GLY A 34 4.07 -2.55 -7.81
CA GLY A 34 4.54 -1.36 -8.44
C GLY A 34 4.51 -1.48 -9.96
N ARG A 35 5.08 -2.54 -10.48
CA ARG A 35 5.12 -2.77 -11.92
C ARG A 35 3.70 -2.93 -12.46
N THR A 36 2.88 -3.64 -11.72
CA THR A 36 1.49 -3.86 -12.12
C THR A 36 0.73 -2.52 -12.14
N LEU A 37 0.99 -1.70 -11.13
CA LEU A 37 0.34 -0.41 -11.02
C LEU A 37 0.72 0.49 -12.19
N LEU A 38 1.96 0.37 -12.63
CA LEU A 38 2.45 1.15 -13.74
C LEU A 38 1.60 0.90 -14.97
N GLU A 39 1.15 -0.33 -15.11
CA GLU A 39 0.35 -0.72 -16.25
C GLU A 39 -1.09 -0.22 -16.07
N PHE A 40 -1.48 0.01 -14.82
CA PHE A 40 -2.83 0.45 -14.53
C PHE A 40 -3.10 1.85 -15.10
N LYS A 41 -2.19 2.76 -14.82
CA LYS A 41 -2.33 4.13 -15.28
C LYS A 41 -2.34 4.19 -16.80
N SER A 42 -1.55 3.30 -17.41
CA SER A 42 -1.46 3.25 -18.87
C SER A 42 -2.81 2.84 -19.45
N ALA A 43 -3.47 1.91 -18.79
CA ALA A 43 -4.77 1.45 -19.25
C ALA A 43 -5.80 2.54 -19.02
N THR A 44 -5.69 3.23 -17.90
CA THR A 44 -6.59 4.31 -17.56
C THR A 44 -6.49 5.44 -18.58
N LYS A 45 -5.27 5.78 -18.96
CA LYS A 45 -5.06 6.85 -19.91
C LYS A 45 -5.72 6.53 -21.24
N SER A 46 -5.62 5.28 -21.65
CA SER A 46 -6.22 4.85 -22.91
C SER A 46 -7.70 4.50 -22.72
N LEU A 47 -8.03 3.97 -21.55
CA LEU A 47 -9.38 3.59 -21.24
C LEU A 47 -10.24 4.83 -20.99
N VAL A 48 -9.73 5.70 -20.15
CA VAL A 48 -10.47 6.92 -19.81
C VAL A 48 -10.92 7.63 -21.06
N SER A 49 -10.26 7.31 -22.16
CA SER A 49 -10.59 7.92 -23.43
C SER A 49 -12.03 7.58 -23.83
N GLY A 50 -12.54 6.48 -23.28
CA GLY A 50 -13.90 6.05 -23.58
C GLY A 50 -14.01 5.51 -25.00
N ASP A 51 -12.97 4.83 -25.45
CA ASP A 51 -12.95 4.26 -26.79
C ASP A 51 -13.49 5.26 -27.82
N GLU A 52 -13.18 6.53 -27.59
CA GLU A 52 -13.64 7.59 -28.50
C GLU A 52 -12.77 7.64 -29.76
N MET A 1 -9.36 10.24 21.24
CA MET A 1 -8.77 9.11 22.01
C MET A 1 -7.89 8.27 21.08
N PHE A 2 -8.49 7.27 20.46
CA PHE A 2 -7.78 6.40 19.56
C PHE A 2 -7.63 7.05 18.20
N SER A 3 -8.16 8.26 18.06
CA SER A 3 -8.08 9.00 16.80
C SER A 3 -7.03 10.10 16.89
N ASN A 4 -6.75 10.53 18.12
CA ASN A 4 -5.77 11.57 18.36
C ASN A 4 -4.36 11.01 18.21
N ILE A 5 -4.24 9.70 18.22
CA ILE A 5 -2.93 9.07 18.10
C ILE A 5 -2.27 9.40 16.77
N GLY A 6 -2.98 9.23 15.68
CA GLY A 6 -2.43 9.54 14.37
C GLY A 6 -1.44 8.47 13.92
N ILE A 7 -0.40 8.88 13.20
CA ILE A 7 0.62 7.93 12.75
C ILE A 7 1.22 7.21 13.95
N PRO A 8 1.75 7.91 14.94
CA PRO A 8 2.33 7.25 16.14
C PRO A 8 1.56 5.97 16.51
N GLY A 9 0.25 6.03 16.36
CA GLY A 9 -0.62 4.90 16.67
C GLY A 9 -0.55 3.81 15.60
N LEU A 10 -0.40 4.25 14.35
CA LEU A 10 -0.34 3.33 13.22
C LEU A 10 0.87 2.39 13.34
N ILE A 11 2.00 2.92 13.80
CA ILE A 11 3.21 2.10 13.93
C ILE A 11 2.94 0.92 14.87
N LEU A 12 2.29 1.17 15.99
CA LEU A 12 2.02 0.09 16.93
C LEU A 12 1.21 -0.98 16.24
N ILE A 13 0.19 -0.57 15.50
CA ILE A 13 -0.65 -1.51 14.75
C ILE A 13 0.16 -2.19 13.66
N PHE A 14 0.96 -1.41 12.98
CA PHE A 14 1.75 -1.92 11.88
C PHE A 14 2.62 -3.08 12.36
N VAL A 15 3.19 -2.90 13.53
CA VAL A 15 4.04 -3.94 14.12
C VAL A 15 3.27 -5.24 14.27
N ILE A 16 2.03 -5.12 14.71
CA ILE A 16 1.17 -6.30 14.89
C ILE A 16 1.15 -7.11 13.61
N ALA A 17 1.32 -6.41 12.51
CA ALA A 17 1.32 -7.05 11.19
C ALA A 17 2.73 -7.60 10.89
N LEU A 18 3.75 -6.87 11.32
CA LEU A 18 5.12 -7.27 11.09
C LEU A 18 5.46 -8.56 11.84
N ILE A 19 5.01 -8.67 13.07
CA ILE A 19 5.31 -9.85 13.85
C ILE A 19 4.78 -11.08 13.14
N ILE A 20 3.57 -10.98 12.60
CA ILE A 20 2.96 -12.09 11.86
C ILE A 20 3.50 -12.16 10.44
N PHE A 21 3.71 -11.00 9.79
CA PHE A 21 4.23 -10.97 8.42
C PHE A 21 5.74 -10.79 8.41
N GLY A 22 6.22 -9.59 8.76
CA GLY A 22 7.66 -9.31 8.78
C GLY A 22 8.01 -8.13 7.88
N PRO A 23 8.94 -7.28 8.28
CA PRO A 23 9.36 -6.10 7.47
C PRO A 23 10.15 -6.52 6.24
N SER A 24 10.57 -7.77 6.20
CA SER A 24 11.32 -8.28 5.05
C SER A 24 10.35 -8.79 3.99
N LYS A 25 9.06 -8.83 4.36
CA LYS A 25 8.02 -9.32 3.46
C LYS A 25 7.39 -8.20 2.62
N LEU A 26 7.42 -6.98 3.14
CA LEU A 26 6.88 -5.86 2.40
C LEU A 26 7.74 -5.59 1.15
N PRO A 27 9.05 -5.47 1.26
CA PRO A 27 9.91 -5.26 0.07
C PRO A 27 9.48 -6.16 -1.09
N GLU A 28 9.33 -7.45 -0.78
CA GLU A 28 8.93 -8.42 -1.78
C GLU A 28 7.55 -8.12 -2.34
N ILE A 29 6.63 -7.77 -1.46
CA ILE A 29 5.27 -7.45 -1.87
C ILE A 29 5.27 -6.18 -2.73
N GLY A 30 6.03 -5.19 -2.29
CA GLY A 30 6.09 -3.92 -3.00
C GLY A 30 6.61 -4.12 -4.41
N ARG A 31 7.64 -4.93 -4.55
CA ARG A 31 8.22 -5.21 -5.85
C ARG A 31 7.21 -5.90 -6.74
N ALA A 32 6.59 -6.94 -6.19
CA ALA A 32 5.62 -7.71 -6.94
C ALA A 32 4.45 -6.81 -7.33
N ALA A 33 4.02 -6.00 -6.38
CA ALA A 33 2.93 -5.06 -6.62
C ALA A 33 3.38 -3.99 -7.60
N GLY A 34 4.68 -3.75 -7.61
CA GLY A 34 5.24 -2.72 -8.45
C GLY A 34 4.85 -2.93 -9.91
N ARG A 35 5.00 -4.15 -10.40
CA ARG A 35 4.65 -4.46 -11.78
C ARG A 35 3.16 -4.30 -12.01
N THR A 36 2.39 -4.77 -11.05
CA THR A 36 0.93 -4.70 -11.11
C THR A 36 0.48 -3.24 -11.11
N LEU A 37 1.10 -2.44 -10.27
CA LEU A 37 0.75 -1.04 -10.16
C LEU A 37 1.06 -0.28 -11.44
N LEU A 38 2.15 -0.64 -12.08
CA LEU A 38 2.56 0.00 -13.32
C LEU A 38 1.46 -0.15 -14.36
N GLU A 39 0.82 -1.30 -14.34
CA GLU A 39 -0.25 -1.57 -15.28
C GLU A 39 -1.50 -0.78 -14.90
N PHE A 40 -1.62 -0.41 -13.62
CA PHE A 40 -2.79 0.32 -13.15
C PHE A 40 -2.85 1.74 -13.74
N LYS A 41 -1.74 2.46 -13.61
CA LYS A 41 -1.70 3.83 -14.11
C LYS A 41 -1.85 3.85 -15.63
N SER A 42 -1.29 2.83 -16.27
CA SER A 42 -1.36 2.72 -17.71
C SER A 42 -2.81 2.53 -18.15
N ALA A 43 -3.55 1.74 -17.40
CA ALA A 43 -4.95 1.50 -17.70
C ALA A 43 -5.76 2.78 -17.45
N THR A 44 -5.41 3.46 -16.37
CA THR A 44 -6.07 4.70 -16.00
C THR A 44 -5.83 5.79 -17.05
N LYS A 45 -4.59 5.88 -17.52
CA LYS A 45 -4.25 6.88 -18.52
C LYS A 45 -5.15 6.73 -19.73
N SER A 46 -5.58 5.51 -19.98
CA SER A 46 -6.45 5.24 -21.12
C SER A 46 -7.89 5.67 -20.84
N LEU A 47 -8.29 5.65 -19.56
CA LEU A 47 -9.65 6.03 -19.18
C LEU A 47 -9.86 7.53 -19.34
N VAL A 48 -8.82 8.29 -19.08
CA VAL A 48 -8.89 9.75 -19.17
C VAL A 48 -9.65 10.17 -20.43
N SER A 49 -9.31 9.53 -21.54
CA SER A 49 -9.95 9.82 -22.81
C SER A 49 -11.31 9.14 -22.87
N GLY A 50 -11.37 7.91 -22.36
CA GLY A 50 -12.60 7.14 -22.36
C GLY A 50 -13.49 7.53 -21.20
N ASP A 51 -13.42 8.79 -20.81
CA ASP A 51 -14.23 9.31 -19.71
C ASP A 51 -15.53 9.92 -20.24
N GLU A 52 -16.64 9.27 -19.95
CA GLU A 52 -17.94 9.76 -20.40
C GLU A 52 -18.35 11.00 -19.61
N MET A 1 -11.36 6.47 21.55
CA MET A 1 -9.93 6.82 21.76
C MET A 1 -9.12 6.39 20.54
N PHE A 2 -7.94 5.83 20.79
CA PHE A 2 -7.08 5.36 19.74
C PHE A 2 -7.14 6.25 18.50
N SER A 3 -7.57 7.50 18.71
CA SER A 3 -7.68 8.47 17.62
C SER A 3 -6.83 9.69 17.94
N ASN A 4 -6.65 9.97 19.23
CA ASN A 4 -5.87 11.11 19.68
C ASN A 4 -4.38 10.82 19.54
N ILE A 5 -4.04 9.56 19.34
CA ILE A 5 -2.65 9.17 19.19
C ILE A 5 -2.01 9.89 18.02
N GLY A 6 -2.64 9.82 16.86
CA GLY A 6 -2.09 10.45 15.67
C GLY A 6 -1.24 9.44 14.91
N ILE A 7 -0.07 9.88 14.46
CA ILE A 7 0.84 8.99 13.72
C ILE A 7 1.68 8.09 14.68
N PRO A 8 2.17 8.58 15.81
CA PRO A 8 2.94 7.71 16.76
C PRO A 8 2.24 6.37 17.03
N GLY A 9 0.91 6.37 16.98
CA GLY A 9 0.16 5.16 17.25
C GLY A 9 0.10 4.22 16.06
N LEU A 10 0.22 4.77 14.85
CA LEU A 10 0.18 3.92 13.67
C LEU A 10 1.34 2.94 13.66
N ILE A 11 2.51 3.41 14.08
CA ILE A 11 3.70 2.58 14.10
C ILE A 11 3.50 1.38 15.02
N LEU A 12 2.95 1.61 16.19
CA LEU A 12 2.73 0.52 17.14
C LEU A 12 1.84 -0.53 16.50
N ILE A 13 0.76 -0.08 15.87
CA ILE A 13 -0.16 -0.98 15.21
C ILE A 13 0.51 -1.66 14.04
N PHE A 14 1.29 -0.90 13.30
CA PHE A 14 1.94 -1.42 12.13
C PHE A 14 2.80 -2.62 12.53
N VAL A 15 3.50 -2.49 13.64
CA VAL A 15 4.36 -3.56 14.14
C VAL A 15 3.56 -4.84 14.36
N ILE A 16 2.37 -4.68 14.88
CA ILE A 16 1.50 -5.83 15.12
C ILE A 16 1.36 -6.63 13.83
N ALA A 17 1.33 -5.92 12.72
CA ALA A 17 1.22 -6.56 11.41
C ALA A 17 2.56 -7.20 11.05
N LEU A 18 3.63 -6.56 11.46
CA LEU A 18 4.97 -7.03 11.15
C LEU A 18 5.27 -8.37 11.80
N ILE A 19 4.85 -8.53 13.03
CA ILE A 19 5.11 -9.79 13.71
C ILE A 19 4.45 -10.94 12.95
N ILE A 20 3.24 -10.71 12.47
CA ILE A 20 2.52 -11.72 11.70
C ILE A 20 2.96 -11.71 10.23
N PHE A 21 3.28 -10.53 9.69
CA PHE A 21 3.72 -10.43 8.29
C PHE A 21 5.24 -10.36 8.21
N GLY A 22 5.83 -9.17 8.46
CA GLY A 22 7.29 -9.03 8.43
C GLY A 22 7.79 -7.88 7.51
N PRO A 23 8.56 -6.91 8.02
CA PRO A 23 9.12 -5.80 7.16
C PRO A 23 9.87 -6.29 5.95
N SER A 24 10.45 -7.46 6.06
CA SER A 24 11.22 -8.01 4.95
C SER A 24 10.29 -8.58 3.88
N LYS A 25 9.01 -8.72 4.23
CA LYS A 25 8.02 -9.25 3.29
C LYS A 25 7.30 -8.16 2.49
N LEU A 26 7.26 -6.93 2.99
CA LEU A 26 6.61 -5.87 2.23
C LEU A 26 7.46 -5.55 0.97
N PRO A 27 8.75 -5.26 1.12
CA PRO A 27 9.65 -5.03 -0.03
C PRO A 27 9.34 -5.96 -1.20
N GLU A 28 9.30 -7.27 -0.93
CA GLU A 28 9.01 -8.26 -1.96
C GLU A 28 7.60 -8.08 -2.52
N ILE A 29 6.65 -7.85 -1.62
CA ILE A 29 5.26 -7.65 -2.03
C ILE A 29 5.12 -6.37 -2.84
N GLY A 30 5.78 -5.30 -2.38
CA GLY A 30 5.69 -4.03 -3.07
C GLY A 30 6.24 -4.14 -4.49
N ARG A 31 7.35 -4.84 -4.63
CA ARG A 31 7.95 -5.03 -5.94
C ARG A 31 7.03 -5.80 -6.86
N ALA A 32 6.57 -6.94 -6.35
CA ALA A 32 5.69 -7.79 -7.13
C ALA A 32 4.41 -7.03 -7.49
N ALA A 33 3.81 -6.42 -6.47
CA ALA A 33 2.60 -5.62 -6.68
C ALA A 33 2.94 -4.42 -7.53
N GLY A 34 4.18 -3.99 -7.43
CA GLY A 34 4.64 -2.82 -8.16
C GLY A 34 4.38 -2.97 -9.65
N ARG A 35 4.69 -4.14 -10.19
CA ARG A 35 4.48 -4.41 -11.60
C ARG A 35 3.00 -4.46 -11.94
N THR A 36 2.23 -5.07 -11.05
CA THR A 36 0.79 -5.19 -11.23
C THR A 36 0.15 -3.81 -11.23
N LEU A 37 0.58 -2.97 -10.30
CA LEU A 37 0.02 -1.64 -10.20
C LEU A 37 0.46 -0.76 -11.36
N LEU A 38 1.69 -0.98 -11.78
CA LEU A 38 2.27 -0.23 -12.87
C LEU A 38 1.44 -0.36 -14.13
N GLU A 39 0.97 -1.56 -14.39
CA GLU A 39 0.16 -1.79 -15.57
C GLU A 39 -1.25 -1.24 -15.35
N PHE A 40 -1.64 -1.08 -14.08
CA PHE A 40 -2.97 -0.60 -13.76
C PHE A 40 -3.19 0.84 -14.24
N LYS A 41 -2.23 1.70 -13.94
CA LYS A 41 -2.33 3.09 -14.33
C LYS A 41 -2.34 3.22 -15.84
N SER A 42 -1.59 2.36 -16.49
CA SER A 42 -1.51 2.36 -17.94
C SER A 42 -2.87 2.03 -18.55
N ALA A 43 -3.55 1.06 -17.93
CA ALA A 43 -4.87 0.66 -18.40
C ALA A 43 -5.90 1.74 -18.07
N THR A 44 -5.80 2.27 -16.85
CA THR A 44 -6.69 3.31 -16.39
C THR A 44 -6.55 4.58 -17.22
N LYS A 45 -5.30 4.95 -17.51
CA LYS A 45 -5.04 6.15 -18.28
C LYS A 45 -5.84 6.12 -19.57
N SER A 46 -6.05 4.93 -20.08
CA SER A 46 -6.79 4.76 -21.31
C SER A 46 -8.29 4.96 -21.09
N LEU A 47 -8.77 4.59 -19.91
CA LEU A 47 -10.18 4.74 -19.59
C LEU A 47 -10.55 6.20 -19.44
N VAL A 48 -9.71 6.94 -18.74
CA VAL A 48 -9.93 8.36 -18.52
C VAL A 48 -9.67 9.16 -19.78
N SER A 49 -8.81 8.62 -20.63
CA SER A 49 -8.46 9.29 -21.86
C SER A 49 -9.70 9.53 -22.70
N GLY A 50 -10.57 8.53 -22.76
CA GLY A 50 -11.79 8.64 -23.53
C GLY A 50 -12.87 9.38 -22.73
N ASP A 51 -12.57 10.62 -22.34
CA ASP A 51 -13.52 11.41 -21.58
C ASP A 51 -14.50 12.13 -22.51
N GLU A 52 -15.76 11.73 -22.44
CA GLU A 52 -16.80 12.32 -23.27
C GLU A 52 -16.76 13.85 -23.17
N MET A 1 -8.38 7.72 25.52
CA MET A 1 -7.24 6.96 26.10
C MET A 1 -6.29 6.54 24.98
N PHE A 2 -6.79 5.68 24.10
CA PHE A 2 -6.00 5.19 22.97
C PHE A 2 -6.08 6.15 21.80
N SER A 3 -6.66 7.33 22.04
CA SER A 3 -6.79 8.35 21.00
C SER A 3 -5.74 9.44 21.19
N ASN A 4 -5.29 9.61 22.43
CA ASN A 4 -4.30 10.63 22.75
C ASN A 4 -2.91 10.19 22.29
N ILE A 5 -2.78 8.91 21.98
CA ILE A 5 -1.50 8.38 21.54
C ILE A 5 -1.11 8.98 20.20
N GLY A 6 -2.06 9.06 19.28
CA GLY A 6 -1.80 9.60 17.96
C GLY A 6 -0.93 8.62 17.14
N ILE A 7 0.08 9.17 16.47
CA ILE A 7 0.98 8.34 15.68
C ILE A 7 1.91 7.52 16.59
N PRO A 8 2.48 8.10 17.60
CA PRO A 8 3.36 7.35 18.53
C PRO A 8 2.80 5.98 18.85
N GLY A 9 1.47 5.88 18.85
CA GLY A 9 0.80 4.62 19.11
C GLY A 9 0.69 3.79 17.84
N LEU A 10 0.65 4.48 16.70
CA LEU A 10 0.54 3.79 15.42
C LEU A 10 1.74 2.89 15.18
N ILE A 11 2.92 3.39 15.52
CA ILE A 11 4.14 2.62 15.32
C ILE A 11 4.11 1.32 16.11
N LEU A 12 3.69 1.40 17.36
CA LEU A 12 3.61 0.22 18.19
C LEU A 12 2.67 -0.79 17.59
N ILE A 13 1.52 -0.31 17.13
CA ILE A 13 0.53 -1.18 16.50
C ILE A 13 1.07 -1.75 15.20
N PHE A 14 1.73 -0.91 14.43
CA PHE A 14 2.24 -1.33 13.16
C PHE A 14 3.18 -2.52 13.34
N VAL A 15 4.00 -2.45 14.38
CA VAL A 15 4.95 -3.50 14.68
C VAL A 15 4.22 -4.82 14.88
N ILE A 16 3.10 -4.77 15.58
CA ILE A 16 2.32 -5.97 15.82
C ILE A 16 2.05 -6.69 14.51
N ALA A 17 1.88 -5.91 13.46
CA ALA A 17 1.65 -6.47 12.13
C ALA A 17 2.94 -7.04 11.56
N LEU A 18 4.04 -6.38 11.88
CA LEU A 18 5.33 -6.80 11.39
C LEU A 18 5.76 -8.15 11.91
N ILE A 19 5.52 -8.38 13.18
CA ILE A 19 5.89 -9.64 13.78
C ILE A 19 5.18 -10.79 13.06
N ILE A 20 3.91 -10.60 12.78
CA ILE A 20 3.13 -11.60 12.08
C ILE A 20 3.44 -11.55 10.57
N PHE A 21 3.64 -10.33 10.01
CA PHE A 21 3.95 -10.18 8.58
C PHE A 21 5.46 -9.98 8.36
N GLY A 22 6.00 -8.78 8.64
CA GLY A 22 7.44 -8.55 8.47
C GLY A 22 7.75 -7.39 7.50
N PRO A 23 8.51 -6.36 7.92
CA PRO A 23 8.91 -5.19 7.06
C PRO A 23 9.47 -5.61 5.73
N SER A 24 9.98 -6.83 5.65
CA SER A 24 10.59 -7.30 4.42
C SER A 24 9.56 -7.95 3.51
N LYS A 25 8.35 -8.12 4.04
CA LYS A 25 7.26 -8.74 3.29
C LYS A 25 6.33 -7.67 2.71
N LEU A 26 6.10 -6.61 3.47
CA LEU A 26 5.21 -5.55 3.01
C LEU A 26 5.76 -4.95 1.70
N PRO A 27 7.02 -4.61 1.64
CA PRO A 27 7.66 -4.03 0.42
C PRO A 27 7.50 -4.97 -0.78
N GLU A 28 7.56 -6.27 -0.51
CA GLU A 28 7.43 -7.26 -1.57
C GLU A 28 6.06 -7.19 -2.21
N ILE A 29 5.04 -7.02 -1.39
CA ILE A 29 3.67 -6.93 -1.90
C ILE A 29 3.51 -5.67 -2.76
N GLY A 30 4.05 -4.56 -2.29
CA GLY A 30 3.94 -3.32 -3.03
C GLY A 30 4.60 -3.43 -4.39
N ARG A 31 5.77 -4.04 -4.42
CA ARG A 31 6.50 -4.23 -5.67
C ARG A 31 5.73 -5.12 -6.62
N ALA A 32 5.25 -6.24 -6.09
CA ALA A 32 4.50 -7.18 -6.89
C ALA A 32 3.25 -6.52 -7.43
N ALA A 33 2.52 -5.86 -6.54
CA ALA A 33 1.31 -5.14 -6.93
C ALA A 33 1.67 -4.00 -7.86
N GLY A 34 2.88 -3.49 -7.68
CA GLY A 34 3.35 -2.37 -8.48
C GLY A 34 3.25 -2.68 -9.96
N ARG A 35 3.69 -3.86 -10.34
CA ARG A 35 3.66 -4.28 -11.75
C ARG A 35 2.22 -4.44 -12.22
N THR A 36 1.39 -5.00 -11.35
CA THR A 36 -0.01 -5.21 -11.66
C THR A 36 -0.70 -3.88 -11.87
N LEU A 37 -0.41 -2.92 -11.01
CA LEU A 37 -1.02 -1.60 -11.12
C LEU A 37 -0.46 -0.83 -12.29
N LEU A 38 0.81 -1.06 -12.55
CA LEU A 38 1.51 -0.38 -13.62
C LEU A 38 0.81 -0.64 -14.94
N GLU A 39 0.35 -1.86 -15.13
CA GLU A 39 -0.31 -2.20 -16.37
C GLU A 39 -1.74 -1.66 -16.37
N PHE A 40 -2.29 -1.43 -15.18
CA PHE A 40 -3.65 -0.93 -15.08
C PHE A 40 -3.76 0.52 -15.54
N LYS A 41 -2.87 1.36 -15.04
CA LYS A 41 -2.90 2.77 -15.38
C LYS A 41 -2.65 2.95 -16.88
N SER A 42 -1.81 2.09 -17.43
CA SER A 42 -1.49 2.15 -18.84
C SER A 42 -2.74 1.83 -19.65
N ALA A 43 -3.52 0.85 -19.18
CA ALA A 43 -4.75 0.47 -19.86
C ALA A 43 -5.83 1.53 -19.64
N THR A 44 -5.92 2.01 -18.40
CA THR A 44 -6.89 3.02 -18.04
C THR A 44 -6.62 4.33 -18.79
N LYS A 45 -5.35 4.71 -18.85
CA LYS A 45 -4.97 5.94 -19.51
C LYS A 45 -5.51 5.96 -20.93
N SER A 46 -5.70 4.78 -21.50
CA SER A 46 -6.21 4.69 -22.86
C SER A 46 -7.72 4.94 -22.89
N LEU A 47 -8.41 4.56 -21.80
CA LEU A 47 -9.85 4.73 -21.71
C LEU A 47 -10.24 6.20 -21.59
N VAL A 48 -9.42 6.96 -20.86
CA VAL A 48 -9.70 8.37 -20.65
C VAL A 48 -10.19 9.02 -21.95
N SER A 49 -11.44 9.47 -21.93
CA SER A 49 -12.02 10.11 -23.11
C SER A 49 -11.59 9.39 -24.38
N GLY A 50 -12.15 8.22 -24.64
CA GLY A 50 -11.80 7.45 -25.83
C GLY A 50 -12.30 8.12 -27.11
N ASP A 51 -12.26 9.45 -27.12
CA ASP A 51 -12.69 10.22 -28.27
C ASP A 51 -11.49 10.73 -29.05
N GLU A 52 -11.58 10.67 -30.38
CA GLU A 52 -10.49 11.12 -31.24
C GLU A 52 -10.17 12.58 -30.95
N MET A 1 -7.23 9.54 24.90
CA MET A 1 -6.74 8.25 25.46
C MET A 1 -5.77 7.60 24.46
N PHE A 2 -6.14 6.41 23.98
CA PHE A 2 -5.31 5.70 23.03
C PHE A 2 -5.48 6.29 21.63
N SER A 3 -6.31 7.31 21.53
CA SER A 3 -6.57 7.97 20.25
C SER A 3 -5.79 9.28 20.16
N ASN A 4 -5.44 9.85 21.31
CA ASN A 4 -4.70 11.10 21.33
C ASN A 4 -3.24 10.86 21.01
N ILE A 5 -2.81 9.61 21.07
CA ILE A 5 -1.44 9.30 20.78
C ILE A 5 -1.08 9.73 19.37
N GLY A 6 -1.79 9.21 18.38
CA GLY A 6 -1.54 9.55 16.98
C GLY A 6 -0.66 8.48 16.33
N ILE A 7 0.28 8.90 15.50
CA ILE A 7 1.18 7.95 14.84
C ILE A 7 1.87 7.09 15.89
N PRO A 8 2.52 7.66 16.88
CA PRO A 8 3.13 6.84 17.98
C PRO A 8 2.30 5.57 18.27
N GLY A 9 0.98 5.69 18.09
CA GLY A 9 0.07 4.58 18.33
C GLY A 9 0.06 3.62 17.14
N LEU A 10 0.20 4.18 15.94
CA LEU A 10 0.20 3.40 14.73
C LEU A 10 1.36 2.41 14.68
N ILE A 11 2.53 2.84 15.15
CA ILE A 11 3.71 1.98 15.15
C ILE A 11 3.46 0.73 15.97
N LEU A 12 2.87 0.88 17.14
CA LEU A 12 2.62 -0.27 17.99
C LEU A 12 1.73 -1.27 17.24
N ILE A 13 0.69 -0.75 16.59
CA ILE A 13 -0.21 -1.60 15.81
C ILE A 13 0.52 -2.18 14.62
N PHE A 14 1.33 -1.36 13.98
CA PHE A 14 2.03 -1.78 12.80
C PHE A 14 2.88 -3.01 13.11
N VAL A 15 3.53 -2.97 14.26
CA VAL A 15 4.39 -4.06 14.69
C VAL A 15 3.59 -5.36 14.74
N ILE A 16 2.38 -5.28 15.25
CA ILE A 16 1.51 -6.45 15.35
C ILE A 16 1.41 -7.12 13.98
N ALA A 17 1.42 -6.31 12.96
CA ALA A 17 1.35 -6.80 11.59
C ALA A 17 2.71 -7.39 11.16
N LEU A 18 3.78 -6.81 11.69
CA LEU A 18 5.12 -7.25 11.35
C LEU A 18 5.44 -8.62 11.94
N ILE A 19 5.03 -8.85 13.17
CA ILE A 19 5.30 -10.12 13.81
C ILE A 19 4.67 -11.23 12.97
N ILE A 20 3.47 -10.98 12.49
CA ILE A 20 2.76 -11.94 11.66
C ILE A 20 3.29 -11.86 10.21
N PHE A 21 3.24 -10.67 9.61
CA PHE A 21 3.69 -10.50 8.24
C PHE A 21 5.22 -10.40 8.16
N GLY A 22 5.79 -9.29 8.62
CA GLY A 22 7.24 -9.11 8.60
C GLY A 22 7.62 -7.86 7.77
N PRO A 23 8.64 -7.14 8.16
CA PRO A 23 9.08 -5.92 7.44
C PRO A 23 9.68 -6.25 6.06
N SER A 24 10.05 -7.52 5.87
CA SER A 24 10.62 -7.96 4.61
C SER A 24 9.55 -8.51 3.69
N LYS A 25 8.29 -8.44 4.14
CA LYS A 25 7.16 -8.93 3.36
C LYS A 25 6.39 -7.79 2.70
N LEU A 26 6.31 -6.66 3.40
CA LEU A 26 5.59 -5.52 2.85
C LEU A 26 6.31 -4.95 1.62
N PRO A 27 7.62 -4.88 1.65
CA PRO A 27 8.42 -4.35 0.51
C PRO A 27 8.21 -5.17 -0.75
N GLU A 28 8.15 -6.50 -0.57
CA GLU A 28 7.95 -7.42 -1.68
C GLU A 28 6.58 -7.25 -2.31
N ILE A 29 5.57 -7.08 -1.46
CA ILE A 29 4.21 -6.91 -1.94
C ILE A 29 4.07 -5.62 -2.73
N GLY A 30 4.68 -4.54 -2.22
CA GLY A 30 4.62 -3.26 -2.89
C GLY A 30 5.23 -3.34 -4.28
N ARG A 31 6.37 -4.02 -4.38
CA ARG A 31 7.06 -4.17 -5.66
C ARG A 31 6.20 -4.95 -6.63
N ALA A 32 5.70 -6.07 -6.15
CA ALA A 32 4.87 -6.94 -6.99
C ALA A 32 3.63 -6.18 -7.43
N ALA A 33 2.96 -5.56 -6.47
CA ALA A 33 1.77 -4.77 -6.77
C ALA A 33 2.18 -3.56 -7.61
N GLY A 34 3.41 -3.14 -7.42
CA GLY A 34 3.91 -1.97 -8.12
C GLY A 34 3.76 -2.13 -9.62
N ARG A 35 4.12 -3.30 -10.12
CA ARG A 35 4.01 -3.57 -11.56
C ARG A 35 2.55 -3.60 -11.99
N THR A 36 1.72 -4.21 -11.16
CA THR A 36 0.30 -4.32 -11.43
C THR A 36 -0.33 -2.93 -11.45
N LEU A 37 0.05 -2.10 -10.50
CA LEU A 37 -0.50 -0.76 -10.42
C LEU A 37 0.03 0.12 -11.54
N LEU A 38 1.28 -0.12 -11.88
CA LEU A 38 1.94 0.65 -12.93
C LEU A 38 1.18 0.53 -14.23
N GLU A 39 0.71 -0.65 -14.54
CA GLU A 39 -0.03 -0.86 -15.77
C GLU A 39 -1.44 -0.28 -15.63
N PHE A 40 -1.91 -0.15 -14.39
CA PHE A 40 -3.26 0.37 -14.14
C PHE A 40 -3.42 1.81 -14.63
N LYS A 41 -2.47 2.65 -14.24
CA LYS A 41 -2.53 4.05 -14.62
C LYS A 41 -2.37 4.21 -16.13
N SER A 42 -1.56 3.34 -16.71
CA SER A 42 -1.31 3.38 -18.14
C SER A 42 -2.60 3.05 -18.90
N ALA A 43 -3.36 2.10 -18.37
CA ALA A 43 -4.62 1.71 -18.98
C ALA A 43 -5.63 2.85 -18.82
N THR A 44 -5.58 3.50 -17.67
CA THR A 44 -6.46 4.61 -17.37
C THR A 44 -6.22 5.77 -18.33
N LYS A 45 -4.95 6.07 -18.56
CA LYS A 45 -4.58 7.17 -19.45
C LYS A 45 -5.20 6.96 -20.82
N SER A 46 -5.38 5.71 -21.19
CA SER A 46 -5.96 5.39 -22.49
C SER A 46 -7.48 5.62 -22.49
N LEU A 47 -8.10 5.50 -21.32
CA LEU A 47 -9.54 5.70 -21.21
C LEU A 47 -9.91 7.17 -21.34
N VAL A 48 -8.94 8.04 -21.09
CA VAL A 48 -9.17 9.47 -21.16
C VAL A 48 -9.56 9.89 -22.58
N SER A 49 -9.10 9.11 -23.55
CA SER A 49 -9.40 9.39 -24.94
C SER A 49 -10.92 9.39 -25.16
N GLY A 50 -11.59 8.46 -24.52
CA GLY A 50 -13.03 8.36 -24.63
C GLY A 50 -13.44 7.84 -26.01
N ASP A 51 -12.62 6.94 -26.55
CA ASP A 51 -12.89 6.37 -27.86
C ASP A 51 -13.85 5.19 -27.76
N GLU A 52 -15.04 5.34 -28.35
CA GLU A 52 -16.04 4.29 -28.31
C GLU A 52 -15.40 2.93 -28.61
N MET A 1 -7.34 10.50 23.18
CA MET A 1 -7.39 9.06 23.55
C MET A 1 -6.79 8.22 22.42
N PHE A 2 -7.59 7.33 21.86
CA PHE A 2 -7.14 6.47 20.78
C PHE A 2 -7.25 7.18 19.45
N SER A 3 -7.77 8.41 19.48
CA SER A 3 -7.94 9.20 18.27
C SER A 3 -6.84 10.26 18.16
N ASN A 4 -6.26 10.63 19.31
CA ASN A 4 -5.20 11.63 19.34
C ASN A 4 -3.86 11.00 19.00
N ILE A 5 -3.81 9.67 19.00
CA ILE A 5 -2.57 8.98 18.70
C ILE A 5 -2.09 9.32 17.30
N GLY A 6 -3.00 9.36 16.35
CA GLY A 6 -2.65 9.68 14.96
C GLY A 6 -1.78 8.58 14.36
N ILE A 7 -0.73 8.98 13.64
CA ILE A 7 0.19 8.01 13.05
C ILE A 7 0.97 7.27 14.15
N PRO A 8 1.51 7.97 15.12
CA PRO A 8 2.29 7.33 16.22
C PRO A 8 1.66 6.01 16.66
N GLY A 9 0.34 5.96 16.68
CA GLY A 9 -0.37 4.75 17.09
C GLY A 9 -0.37 3.72 15.96
N LEU A 10 -0.31 4.20 14.73
CA LEU A 10 -0.31 3.32 13.56
C LEU A 10 0.92 2.42 13.56
N ILE A 11 2.06 2.98 13.95
CA ILE A 11 3.30 2.21 13.98
C ILE A 11 3.15 1.01 14.90
N LEU A 12 2.58 1.23 16.08
CA LEU A 12 2.41 0.15 17.03
C LEU A 12 1.55 -0.95 16.39
N ILE A 13 0.47 -0.55 15.74
CA ILE A 13 -0.40 -1.50 15.06
C ILE A 13 0.33 -2.15 13.91
N PHE A 14 1.07 -1.36 13.17
CA PHE A 14 1.77 -1.87 12.01
C PHE A 14 2.68 -3.02 12.41
N VAL A 15 3.36 -2.85 13.53
CA VAL A 15 4.28 -3.87 14.04
C VAL A 15 3.53 -5.18 14.24
N ILE A 16 2.32 -5.09 14.78
CA ILE A 16 1.52 -6.30 15.01
C ILE A 16 1.41 -7.09 13.72
N ALA A 17 1.42 -6.39 12.61
CA ALA A 17 1.35 -7.04 11.30
C ALA A 17 2.72 -7.60 10.92
N LEU A 18 3.77 -6.90 11.30
CA LEU A 18 5.11 -7.33 10.98
C LEU A 18 5.47 -8.64 11.65
N ILE A 19 5.08 -8.78 12.89
CA ILE A 19 5.38 -10.01 13.62
C ILE A 19 4.80 -11.21 12.90
N ILE A 20 3.57 -11.06 12.41
CA ILE A 20 2.90 -12.14 11.68
C ILE A 20 3.37 -12.16 10.23
N PHE A 21 3.61 -10.99 9.64
CA PHE A 21 4.06 -10.91 8.26
C PHE A 21 5.57 -10.76 8.18
N GLY A 22 6.10 -9.57 8.51
CA GLY A 22 7.53 -9.32 8.49
C GLY A 22 7.85 -8.07 7.68
N PRO A 23 8.83 -7.30 8.09
CA PRO A 23 9.24 -6.06 7.37
C PRO A 23 9.94 -6.37 6.05
N SER A 24 10.40 -7.62 5.90
CA SER A 24 11.09 -8.03 4.68
C SER A 24 10.14 -8.73 3.72
N LYS A 25 8.90 -8.91 4.16
CA LYS A 25 7.88 -9.56 3.33
C LYS A 25 6.95 -8.54 2.70
N LEU A 26 6.87 -7.35 3.29
CA LEU A 26 6.01 -6.30 2.76
C LEU A 26 6.69 -5.63 1.55
N PRO A 27 7.94 -5.29 1.67
CA PRO A 27 8.71 -4.64 0.57
C PRO A 27 8.69 -5.49 -0.70
N GLU A 28 8.82 -6.80 -0.53
CA GLU A 28 8.82 -7.71 -1.67
C GLU A 28 7.47 -7.71 -2.36
N ILE A 29 6.40 -7.74 -1.59
CA ILE A 29 5.06 -7.73 -2.15
C ILE A 29 4.79 -6.41 -2.85
N GLY A 30 5.20 -5.31 -2.22
CA GLY A 30 4.99 -4.00 -2.80
C GLY A 30 5.68 -3.87 -4.15
N ARG A 31 6.90 -4.39 -4.24
CA ARG A 31 7.65 -4.33 -5.48
C ARG A 31 6.96 -5.14 -6.56
N ALA A 32 6.54 -6.34 -6.20
CA ALA A 32 5.88 -7.19 -7.16
C ALA A 32 4.59 -6.55 -7.64
N ALA A 33 3.78 -6.09 -6.69
CA ALA A 33 2.53 -5.42 -7.01
C ALA A 33 2.81 -4.12 -7.73
N GLY A 34 3.97 -3.54 -7.42
CA GLY A 34 4.35 -2.28 -8.00
C GLY A 34 4.30 -2.35 -9.52
N ARG A 35 4.80 -3.45 -10.06
CA ARG A 35 4.80 -3.64 -11.52
C ARG A 35 3.38 -3.80 -12.04
N THR A 36 2.58 -4.56 -11.32
CA THR A 36 1.19 -4.79 -11.69
C THR A 36 0.42 -3.49 -11.64
N LEU A 37 0.65 -2.72 -10.59
CA LEU A 37 -0.05 -1.47 -10.42
C LEU A 37 0.41 -0.44 -11.44
N LEU A 38 1.69 -0.47 -11.75
CA LEU A 38 2.28 0.46 -12.70
C LEU A 38 1.57 0.34 -14.04
N GLU A 39 1.29 -0.85 -14.46
CA GLU A 39 0.62 -1.03 -15.73
C GLU A 39 -0.85 -0.66 -15.62
N PHE A 40 -1.38 -0.68 -14.39
CA PHE A 40 -2.79 -0.37 -14.17
C PHE A 40 -3.12 1.07 -14.55
N LYS A 41 -2.30 2.00 -14.07
CA LYS A 41 -2.52 3.41 -14.36
C LYS A 41 -2.36 3.67 -15.85
N SER A 42 -1.44 2.94 -16.46
CA SER A 42 -1.19 3.10 -17.89
C SER A 42 -2.41 2.66 -18.68
N ALA A 43 -3.03 1.56 -18.26
CA ALA A 43 -4.22 1.06 -18.94
C ALA A 43 -5.42 1.97 -18.65
N THR A 44 -5.52 2.43 -17.40
CA THR A 44 -6.60 3.32 -17.00
C THR A 44 -6.52 4.64 -17.74
N LYS A 45 -5.30 5.15 -17.88
CA LYS A 45 -5.11 6.42 -18.54
C LYS A 45 -5.77 6.40 -19.92
N SER A 46 -5.82 5.22 -20.50
CA SER A 46 -6.43 5.07 -21.81
C SER A 46 -7.95 5.12 -21.72
N LEU A 47 -8.49 4.61 -20.61
CA LEU A 47 -9.93 4.60 -20.42
C LEU A 47 -10.47 6.00 -20.18
N VAL A 48 -9.76 6.76 -19.35
CA VAL A 48 -10.16 8.12 -19.04
C VAL A 48 -9.92 9.03 -20.24
N SER A 49 -8.98 8.64 -21.09
CA SER A 49 -8.66 9.44 -22.24
C SER A 49 -9.88 9.61 -23.14
N GLY A 50 -10.63 8.52 -23.34
CA GLY A 50 -11.83 8.55 -24.18
C GLY A 50 -13.08 8.32 -23.34
N ASP A 51 -13.05 8.82 -22.12
CA ASP A 51 -14.20 8.68 -21.21
C ASP A 51 -14.29 9.87 -20.26
N GLU A 52 -15.33 10.66 -20.41
CA GLU A 52 -15.53 11.83 -19.56
C GLU A 52 -17.01 12.21 -19.50
N MET A 1 -9.57 7.52 23.01
CA MET A 1 -8.39 6.91 23.69
C MET A 1 -7.36 6.50 22.64
N PHE A 2 -7.80 5.64 21.74
CA PHE A 2 -6.94 5.15 20.68
C PHE A 2 -6.80 6.20 19.58
N SER A 3 -7.50 7.32 19.75
CA SER A 3 -7.44 8.40 18.76
C SER A 3 -6.55 9.53 19.27
N ASN A 4 -6.37 9.58 20.58
CA ASN A 4 -5.55 10.62 21.19
C ASN A 4 -4.08 10.31 21.03
N ILE A 5 -3.78 9.07 20.67
CA ILE A 5 -2.40 8.65 20.48
C ILE A 5 -1.75 9.44 19.36
N GLY A 6 -2.39 9.47 18.20
CA GLY A 6 -1.84 10.16 17.05
C GLY A 6 -1.03 9.19 16.21
N ILE A 7 0.14 9.64 15.77
CA ILE A 7 1.03 8.79 14.97
C ILE A 7 1.91 7.86 15.85
N PRO A 8 2.43 8.29 17.00
CA PRO A 8 3.24 7.38 17.89
C PRO A 8 2.54 6.04 18.14
N GLY A 9 1.22 6.03 18.09
CA GLY A 9 0.50 4.79 18.35
C GLY A 9 0.42 3.89 17.12
N LEU A 10 0.50 4.49 15.94
CA LEU A 10 0.43 3.71 14.73
C LEU A 10 1.60 2.74 14.65
N ILE A 11 2.77 3.21 15.06
CA ILE A 11 3.97 2.39 15.03
C ILE A 11 3.80 1.15 15.90
N LEU A 12 3.28 1.34 17.11
CA LEU A 12 3.09 0.21 18.00
C LEU A 12 2.18 -0.83 17.35
N ILE A 13 1.10 -0.36 16.76
CA ILE A 13 0.17 -1.25 16.08
C ILE A 13 0.83 -1.88 14.86
N PHE A 14 1.58 -1.07 14.15
CA PHE A 14 2.22 -1.53 12.94
C PHE A 14 3.11 -2.73 13.24
N VAL A 15 3.82 -2.64 14.35
CA VAL A 15 4.72 -3.71 14.76
C VAL A 15 3.94 -5.00 14.91
N ILE A 16 2.76 -4.91 15.50
CA ILE A 16 1.92 -6.09 15.70
C ILE A 16 1.73 -6.81 14.37
N ALA A 17 1.69 -6.04 13.30
CA ALA A 17 1.54 -6.60 11.96
C ALA A 17 2.87 -7.18 11.48
N LEU A 18 3.96 -6.55 11.87
CA LEU A 18 5.28 -6.98 11.45
C LEU A 18 5.63 -8.34 12.02
N ILE A 19 5.28 -8.57 13.26
CA ILE A 19 5.57 -9.85 13.88
C ILE A 19 4.90 -10.98 13.11
N ILE A 20 3.66 -10.75 12.70
CA ILE A 20 2.91 -11.75 11.93
C ILE A 20 3.29 -11.69 10.46
N PHE A 21 3.51 -10.47 9.93
CA PHE A 21 3.87 -10.31 8.52
C PHE A 21 5.39 -10.21 8.36
N GLY A 22 5.98 -9.08 8.76
CA GLY A 22 7.42 -8.88 8.64
C GLY A 22 7.73 -7.66 7.77
N PRO A 23 8.75 -6.90 8.11
CA PRO A 23 9.14 -5.70 7.30
C PRO A 23 9.75 -6.09 5.96
N SER A 24 10.09 -7.37 5.81
CA SER A 24 10.68 -7.86 4.57
C SER A 24 9.60 -8.48 3.68
N LYS A 25 8.35 -8.39 4.13
CA LYS A 25 7.23 -8.93 3.38
C LYS A 25 6.41 -7.83 2.71
N LEU A 26 6.39 -6.66 3.33
CA LEU A 26 5.64 -5.55 2.76
C LEU A 26 6.36 -5.01 1.52
N PRO A 27 7.66 -4.91 1.55
CA PRO A 27 8.46 -4.40 0.40
C PRO A 27 8.28 -5.28 -0.84
N GLU A 28 8.18 -6.59 -0.61
CA GLU A 28 8.01 -7.56 -1.68
C GLU A 28 6.67 -7.38 -2.37
N ILE A 29 5.64 -7.12 -1.58
CA ILE A 29 4.30 -6.93 -2.12
C ILE A 29 4.26 -5.68 -2.98
N GLY A 30 4.88 -4.61 -2.51
CA GLY A 30 4.89 -3.36 -3.26
C GLY A 30 5.54 -3.55 -4.62
N ARG A 31 6.65 -4.27 -4.64
CA ARG A 31 7.36 -4.52 -5.88
C ARG A 31 6.51 -5.33 -6.83
N ALA A 32 5.95 -6.40 -6.31
CA ALA A 32 5.11 -7.27 -7.13
C ALA A 32 3.92 -6.49 -7.65
N ALA A 33 3.34 -5.68 -6.78
CA ALA A 33 2.20 -4.84 -7.16
C ALA A 33 2.65 -3.77 -8.14
N GLY A 34 3.93 -3.40 -8.02
CA GLY A 34 4.48 -2.36 -8.86
C GLY A 34 4.25 -2.65 -10.34
N ARG A 35 4.57 -3.86 -10.76
CA ARG A 35 4.41 -4.27 -12.15
C ARG A 35 2.93 -4.28 -12.54
N THR A 36 2.12 -4.81 -11.64
CA THR A 36 0.67 -4.88 -11.86
C THR A 36 0.07 -3.48 -11.95
N LEU A 37 0.51 -2.61 -11.06
CA LEU A 37 0.01 -1.25 -11.03
C LEU A 37 0.36 -0.50 -12.32
N LEU A 38 1.55 -0.77 -12.83
CA LEU A 38 2.01 -0.12 -14.05
C LEU A 38 1.05 -0.42 -15.18
N GLU A 39 0.51 -1.62 -15.17
CA GLU A 39 -0.43 -2.02 -16.20
C GLU A 39 -1.79 -1.37 -15.97
N PHE A 40 -2.07 -0.99 -14.72
CA PHE A 40 -3.36 -0.38 -14.40
C PHE A 40 -3.49 1.02 -14.99
N LYS A 41 -2.49 1.86 -14.76
CA LYS A 41 -2.52 3.21 -15.27
C LYS A 41 -2.54 3.22 -16.79
N SER A 42 -1.85 2.25 -17.37
CA SER A 42 -1.78 2.13 -18.82
C SER A 42 -3.16 1.82 -19.39
N ALA A 43 -3.88 0.94 -18.69
CA ALA A 43 -5.23 0.57 -19.11
C ALA A 43 -6.18 1.75 -18.91
N THR A 44 -6.01 2.43 -17.78
CA THR A 44 -6.82 3.59 -17.45
C THR A 44 -6.61 4.73 -18.45
N LYS A 45 -5.36 4.96 -18.80
CA LYS A 45 -5.04 6.03 -19.72
C LYS A 45 -5.82 5.86 -21.01
N SER A 46 -6.10 4.61 -21.34
CA SER A 46 -6.83 4.30 -22.54
C SER A 46 -8.32 4.61 -22.37
N LEU A 47 -8.83 4.44 -21.15
CA LEU A 47 -10.23 4.70 -20.88
C LEU A 47 -10.53 6.19 -20.95
N VAL A 48 -9.65 6.98 -20.34
CA VAL A 48 -9.81 8.42 -20.32
C VAL A 48 -9.55 9.01 -21.70
N SER A 49 -8.59 8.42 -22.41
CA SER A 49 -8.23 8.89 -23.72
C SER A 49 -9.44 8.84 -24.65
N GLY A 50 -10.19 7.74 -24.59
CA GLY A 50 -11.37 7.58 -25.42
C GLY A 50 -12.64 7.95 -24.66
N ASP A 51 -12.53 8.97 -23.82
CA ASP A 51 -13.67 9.42 -23.02
C ASP A 51 -13.57 10.93 -22.76
N GLU A 52 -14.57 11.67 -23.22
CA GLU A 52 -14.60 13.11 -23.03
C GLU A 52 -14.32 13.46 -21.57
N MET A 1 -8.15 9.58 23.85
CA MET A 1 -8.04 8.11 24.12
C MET A 1 -7.07 7.49 23.11
N PHE A 2 -7.58 6.55 22.31
CA PHE A 2 -6.77 5.88 21.32
C PHE A 2 -6.57 6.77 20.10
N SER A 3 -7.11 7.99 20.17
CA SER A 3 -6.99 8.95 19.07
C SER A 3 -5.88 9.95 19.36
N ASN A 4 -5.59 10.14 20.64
CA ASN A 4 -4.56 11.09 21.05
C ASN A 4 -3.18 10.58 20.66
N ILE A 5 -3.07 9.27 20.49
CA ILE A 5 -1.80 8.67 20.14
C ILE A 5 -1.32 9.16 18.78
N GLY A 6 -2.23 9.18 17.82
CA GLY A 6 -1.91 9.62 16.46
C GLY A 6 -1.09 8.56 15.71
N ILE A 7 -0.01 8.99 15.08
CA ILE A 7 0.86 8.05 14.38
C ILE A 7 1.68 7.24 15.38
N PRO A 8 2.22 7.89 16.39
CA PRO A 8 3.05 7.22 17.42
C PRO A 8 2.44 5.89 17.84
N GLY A 9 1.11 5.80 17.78
CA GLY A 9 0.42 4.56 18.14
C GLY A 9 0.31 3.65 16.93
N LEU A 10 0.36 4.25 15.73
CA LEU A 10 0.27 3.47 14.51
C LEU A 10 1.45 2.51 14.39
N ILE A 11 2.64 2.99 14.74
CA ILE A 11 3.83 2.18 14.66
C ILE A 11 3.69 0.94 15.54
N LEU A 12 3.19 1.14 16.75
CA LEU A 12 3.01 0.03 17.68
C LEU A 12 2.09 -1.01 17.07
N ILE A 13 0.99 -0.55 16.48
CA ILE A 13 0.07 -1.46 15.81
C ILE A 13 0.73 -2.09 14.59
N PHE A 14 1.47 -1.28 13.83
CA PHE A 14 2.09 -1.76 12.61
C PHE A 14 3.00 -2.94 12.94
N VAL A 15 3.71 -2.84 14.05
CA VAL A 15 4.62 -3.91 14.45
C VAL A 15 3.86 -5.21 14.64
N ILE A 16 2.68 -5.11 15.24
CA ILE A 16 1.84 -6.30 15.45
C ILE A 16 1.65 -7.05 14.15
N ALA A 17 1.63 -6.32 13.05
CA ALA A 17 1.47 -6.94 11.73
C ALA A 17 2.80 -7.53 11.26
N LEU A 18 3.89 -6.87 11.59
CA LEU A 18 5.20 -7.32 11.16
C LEU A 18 5.55 -8.65 11.76
N ILE A 19 5.28 -8.80 13.04
CA ILE A 19 5.57 -10.05 13.74
C ILE A 19 4.90 -11.23 13.04
N ILE A 20 3.66 -11.02 12.59
CA ILE A 20 2.93 -12.07 11.91
C ILE A 20 3.28 -12.09 10.43
N PHE A 21 3.52 -10.91 9.85
CA PHE A 21 3.85 -10.82 8.45
C PHE A 21 5.35 -10.67 8.27
N GLY A 22 5.88 -9.50 8.63
CA GLY A 22 7.30 -9.27 8.53
C GLY A 22 7.57 -8.03 7.66
N PRO A 23 8.62 -7.31 7.96
CA PRO A 23 9.01 -6.09 7.19
C PRO A 23 9.59 -6.44 5.84
N SER A 24 9.93 -7.71 5.65
CA SER A 24 10.49 -8.18 4.38
C SER A 24 9.43 -8.81 3.52
N LYS A 25 8.22 -8.96 4.07
CA LYS A 25 7.10 -9.53 3.32
C LYS A 25 6.20 -8.44 2.78
N LEU A 26 6.36 -7.23 3.31
CA LEU A 26 5.53 -6.12 2.86
C LEU A 26 6.12 -5.49 1.62
N PRO A 27 7.39 -5.22 1.64
CA PRO A 27 8.11 -4.63 0.47
C PRO A 27 7.96 -5.48 -0.78
N GLU A 28 8.01 -6.80 -0.60
CA GLU A 28 7.88 -7.73 -1.71
C GLU A 28 6.51 -7.58 -2.36
N ILE A 29 5.50 -7.46 -1.53
CA ILE A 29 4.12 -7.31 -2.00
C ILE A 29 3.97 -5.96 -2.71
N GLY A 30 4.55 -4.92 -2.13
CA GLY A 30 4.47 -3.59 -2.70
C GLY A 30 5.10 -3.56 -4.09
N ARG A 31 6.26 -4.22 -4.21
CA ARG A 31 6.96 -4.27 -5.49
C ARG A 31 6.13 -5.00 -6.53
N ALA A 32 5.65 -6.19 -6.18
CA ALA A 32 4.85 -6.97 -7.10
C ALA A 32 3.60 -6.20 -7.52
N ALA A 33 2.92 -5.63 -6.54
CA ALA A 33 1.73 -4.81 -6.83
C ALA A 33 2.14 -3.56 -7.61
N GLY A 34 3.37 -3.10 -7.37
CA GLY A 34 3.86 -1.90 -8.02
C GLY A 34 3.79 -2.04 -9.54
N ARG A 35 4.22 -3.20 -10.04
CA ARG A 35 4.18 -3.46 -11.48
C ARG A 35 2.75 -3.53 -11.97
N THR A 36 1.89 -4.17 -11.19
CA THR A 36 0.48 -4.30 -11.54
C THR A 36 -0.16 -2.91 -11.58
N LEU A 37 0.16 -2.08 -10.60
CA LEU A 37 -0.40 -0.75 -10.54
C LEU A 37 0.20 0.14 -11.62
N LEU A 38 1.46 -0.10 -11.92
CA LEU A 38 2.16 0.69 -12.92
C LEU A 38 1.44 0.60 -14.25
N GLU A 39 0.96 -0.57 -14.60
CA GLU A 39 0.27 -0.77 -15.86
C GLU A 39 -1.15 -0.22 -15.78
N PHE A 40 -1.66 -0.10 -14.55
CA PHE A 40 -3.01 0.40 -14.37
C PHE A 40 -3.13 1.84 -14.81
N LYS A 41 -2.23 2.68 -14.31
CA LYS A 41 -2.27 4.10 -14.65
C LYS A 41 -2.05 4.30 -16.15
N SER A 42 -1.22 3.43 -16.73
CA SER A 42 -0.93 3.51 -18.16
C SER A 42 -2.20 3.23 -18.96
N ALA A 43 -2.99 2.26 -18.49
CA ALA A 43 -4.24 1.92 -19.16
C ALA A 43 -5.28 3.00 -18.92
N THR A 44 -5.31 3.57 -17.71
CA THR A 44 -6.24 4.62 -17.39
C THR A 44 -5.98 5.85 -18.27
N LYS A 45 -4.72 6.18 -18.42
CA LYS A 45 -4.34 7.34 -19.21
C LYS A 45 -4.97 7.24 -20.59
N SER A 46 -5.17 6.03 -21.07
CA SER A 46 -5.75 5.82 -22.39
C SER A 46 -7.26 6.05 -22.35
N LEU A 47 -7.87 5.81 -21.19
CA LEU A 47 -9.30 5.97 -21.04
C LEU A 47 -9.68 7.45 -21.04
N VAL A 48 -8.72 8.29 -20.72
CA VAL A 48 -8.96 9.73 -20.66
C VAL A 48 -9.47 10.25 -22.01
N SER A 49 -9.12 9.53 -23.07
CA SER A 49 -9.55 9.93 -24.41
C SER A 49 -11.05 9.87 -24.53
N GLY A 50 -11.69 9.17 -23.60
CA GLY A 50 -13.14 9.04 -23.61
C GLY A 50 -13.59 7.91 -24.53
N ASP A 51 -12.83 6.82 -24.53
CA ASP A 51 -13.15 5.68 -25.38
C ASP A 51 -14.06 4.70 -24.63
N GLU A 52 -15.32 4.62 -25.05
CA GLU A 52 -16.27 3.72 -24.42
C GLU A 52 -15.93 2.27 -24.72
N MET A 1 -8.63 8.56 24.82
CA MET A 1 -7.35 8.04 25.36
C MET A 1 -6.59 7.34 24.25
N PHE A 2 -7.23 6.30 23.71
CA PHE A 2 -6.63 5.53 22.64
C PHE A 2 -6.67 6.29 21.32
N SER A 3 -7.25 7.49 21.37
CA SER A 3 -7.36 8.33 20.17
C SER A 3 -6.31 9.44 20.22
N ASN A 4 -5.87 9.77 21.42
CA ASN A 4 -4.87 10.81 21.60
C ASN A 4 -3.48 10.29 21.24
N ILE A 5 -3.36 8.97 21.14
CA ILE A 5 -2.08 8.37 20.81
C ILE A 5 -1.61 8.78 19.42
N GLY A 6 -2.52 8.74 18.47
CA GLY A 6 -2.20 9.12 17.09
C GLY A 6 -1.14 8.19 16.50
N ILE A 7 -0.24 8.76 15.70
CA ILE A 7 0.82 7.97 15.08
C ILE A 7 1.59 7.18 16.13
N PRO A 8 2.11 7.80 17.16
CA PRO A 8 2.84 7.05 18.22
C PRO A 8 2.11 5.77 18.61
N GLY A 9 0.81 5.75 18.34
CA GLY A 9 0.00 4.59 18.66
C GLY A 9 -0.03 3.65 17.46
N LEU A 10 0.11 4.23 16.28
CA LEU A 10 0.11 3.46 15.04
C LEU A 10 1.29 2.50 14.98
N ILE A 11 2.45 2.98 15.43
CA ILE A 11 3.67 2.18 15.41
C ILE A 11 3.50 0.92 16.24
N LEU A 12 2.94 1.05 17.43
CA LEU A 12 2.75 -0.11 18.28
C LEU A 12 1.89 -1.13 17.57
N ILE A 13 0.81 -0.67 16.95
CA ILE A 13 -0.07 -1.56 16.19
C ILE A 13 0.65 -2.13 14.98
N PHE A 14 1.41 -1.28 14.32
CA PHE A 14 2.10 -1.68 13.12
C PHE A 14 3.01 -2.86 13.43
N VAL A 15 3.69 -2.78 14.56
CA VAL A 15 4.60 -3.84 14.98
C VAL A 15 3.86 -5.17 15.05
N ILE A 16 2.65 -5.12 15.59
CA ILE A 16 1.83 -6.34 15.71
C ILE A 16 1.71 -7.01 14.36
N ALA A 17 1.69 -6.21 13.31
CA ALA A 17 1.59 -6.72 11.95
C ALA A 17 2.96 -7.27 11.49
N LEU A 18 4.02 -6.62 11.92
CA LEU A 18 5.36 -7.01 11.54
C LEU A 18 5.72 -8.38 12.09
N ILE A 19 5.33 -8.64 13.31
CA ILE A 19 5.63 -9.93 13.91
C ILE A 19 5.01 -11.05 13.09
N ILE A 20 3.77 -10.84 12.64
CA ILE A 20 3.08 -11.84 11.82
C ILE A 20 3.49 -11.74 10.36
N PHE A 21 3.69 -10.50 9.88
CA PHE A 21 4.09 -10.29 8.48
C PHE A 21 5.60 -10.14 8.35
N GLY A 22 6.15 -9.01 8.79
CA GLY A 22 7.59 -8.78 8.73
C GLY A 22 7.90 -7.51 7.93
N PRO A 23 8.89 -6.74 8.33
CA PRO A 23 9.27 -5.48 7.62
C PRO A 23 9.88 -5.78 6.25
N SER A 24 10.33 -7.02 6.06
CA SER A 24 10.93 -7.43 4.80
C SER A 24 9.87 -7.96 3.83
N LYS A 25 8.62 -8.02 4.31
CA LYS A 25 7.51 -8.50 3.48
C LYS A 25 6.71 -7.33 2.92
N LEU A 26 7.02 -6.12 3.36
CA LEU A 26 6.30 -4.94 2.88
C LEU A 26 6.87 -4.51 1.52
N PRO A 27 8.17 -4.54 1.34
CA PRO A 27 8.81 -4.15 0.05
C PRO A 27 8.41 -5.09 -1.09
N GLU A 28 8.22 -6.36 -0.74
CA GLU A 28 7.84 -7.37 -1.71
C GLU A 28 6.45 -7.10 -2.28
N ILE A 29 5.56 -6.66 -1.41
CA ILE A 29 4.19 -6.37 -1.83
C ILE A 29 4.18 -5.20 -2.81
N GLY A 30 4.96 -4.16 -2.51
CA GLY A 30 5.02 -2.99 -3.38
C GLY A 30 5.51 -3.37 -4.77
N ARG A 31 6.53 -4.21 -4.82
CA ARG A 31 7.09 -4.64 -6.09
C ARG A 31 6.07 -5.44 -6.87
N ALA A 32 5.46 -6.39 -6.19
CA ALA A 32 4.47 -7.24 -6.83
C ALA A 32 3.31 -6.38 -7.32
N ALA A 33 2.83 -5.51 -6.44
CA ALA A 33 1.74 -4.61 -6.79
C ALA A 33 2.22 -3.64 -7.86
N GLY A 34 3.52 -3.37 -7.83
CA GLY A 34 4.10 -2.42 -8.76
C GLY A 34 3.80 -2.81 -10.20
N ARG A 35 3.96 -4.09 -10.51
CA ARG A 35 3.70 -4.59 -11.85
C ARG A 35 2.22 -4.48 -12.18
N THR A 36 1.39 -4.80 -11.20
CA THR A 36 -0.05 -4.75 -11.36
C THR A 36 -0.49 -3.31 -11.62
N LEU A 37 0.09 -2.38 -10.88
CA LEU A 37 -0.26 -0.98 -11.04
C LEU A 37 0.30 -0.41 -12.33
N LEU A 38 1.46 -0.90 -12.69
CA LEU A 38 2.14 -0.46 -13.89
C LEU A 38 1.27 -0.69 -15.11
N GLU A 39 0.59 -1.82 -15.15
CA GLU A 39 -0.27 -2.11 -16.28
C GLU A 39 -1.56 -1.30 -16.20
N PHE A 40 -1.90 -0.85 -14.98
CA PHE A 40 -3.13 -0.08 -14.80
C PHE A 40 -3.08 1.26 -15.53
N LYS A 41 -1.99 1.98 -15.36
CA LYS A 41 -1.85 3.27 -15.99
C LYS A 41 -1.82 3.12 -17.50
N SER A 42 -1.23 2.04 -17.96
CA SER A 42 -1.14 1.78 -19.39
C SER A 42 -2.53 1.56 -19.97
N ALA A 43 -3.37 0.85 -19.22
CA ALA A 43 -4.74 0.60 -19.66
C ALA A 43 -5.55 1.88 -19.61
N THR A 44 -5.31 2.68 -18.58
CA THR A 44 -6.00 3.95 -18.41
C THR A 44 -5.66 4.91 -19.55
N LYS A 45 -4.39 4.96 -19.91
CA LYS A 45 -3.94 5.85 -20.98
C LYS A 45 -4.76 5.61 -22.24
N SER A 46 -5.22 4.38 -22.40
CA SER A 46 -6.01 4.04 -23.58
C SER A 46 -7.45 4.57 -23.45
N LEU A 47 -7.93 4.69 -22.22
CA LEU A 47 -9.29 5.18 -21.98
C LEU A 47 -9.40 6.66 -22.30
N VAL A 48 -8.34 7.39 -22.00
CA VAL A 48 -8.31 8.83 -22.24
C VAL A 48 -8.87 9.14 -23.62
N SER A 49 -9.46 10.32 -23.76
CA SER A 49 -10.03 10.73 -25.04
C SER A 49 -11.05 9.71 -25.52
N GLY A 50 -11.35 8.73 -24.67
CA GLY A 50 -12.30 7.68 -25.02
C GLY A 50 -13.73 8.18 -24.89
N ASP A 51 -13.95 9.43 -25.28
CA ASP A 51 -15.28 10.03 -25.21
C ASP A 51 -15.98 9.63 -23.92
N GLU A 52 -15.48 10.15 -22.80
CA GLU A 52 -16.05 9.87 -21.50
C GLU A 52 -16.49 8.41 -21.40
N MET A 1 -8.43 8.43 24.97
CA MET A 1 -7.50 7.40 25.52
C MET A 1 -6.66 6.84 24.38
N PHE A 2 -7.27 5.95 23.61
CA PHE A 2 -6.59 5.32 22.50
C PHE A 2 -6.52 6.26 21.31
N SER A 3 -7.14 7.44 21.45
CA SER A 3 -7.15 8.44 20.39
C SER A 3 -6.11 9.51 20.66
N ASN A 4 -5.76 9.67 21.93
CA ASN A 4 -4.77 10.67 22.32
C ASN A 4 -3.39 10.29 21.82
N ILE A 5 -3.19 9.00 21.58
CA ILE A 5 -1.91 8.50 21.11
C ILE A 5 -1.54 9.11 19.77
N GLY A 6 -2.46 9.09 18.82
CA GLY A 6 -2.18 9.62 17.51
C GLY A 6 -1.32 8.67 16.71
N ILE A 7 -0.06 9.06 16.45
CA ILE A 7 0.86 8.20 15.70
C ILE A 7 1.70 7.33 16.65
N PRO A 8 2.46 7.89 17.59
CA PRO A 8 3.26 7.07 18.56
C PRO A 8 2.64 5.70 18.84
N GLY A 9 1.32 5.68 19.03
CA GLY A 9 0.64 4.42 19.30
C GLY A 9 0.59 3.51 18.09
N LEU A 10 0.45 4.10 16.92
CA LEU A 10 0.38 3.33 15.68
C LEU A 10 1.65 2.52 15.46
N ILE A 11 2.81 3.11 15.77
CA ILE A 11 4.07 2.40 15.59
C ILE A 11 4.09 1.14 16.43
N LEU A 12 3.68 1.24 17.68
CA LEU A 12 3.67 0.09 18.55
C LEU A 12 2.76 -0.99 17.97
N ILE A 13 1.60 -0.57 17.50
CA ILE A 13 0.64 -1.50 16.88
C ILE A 13 1.20 -2.08 15.61
N PHE A 14 1.83 -1.24 14.81
CA PHE A 14 2.36 -1.68 13.55
C PHE A 14 3.35 -2.82 13.77
N VAL A 15 4.19 -2.66 14.79
CA VAL A 15 5.20 -3.65 15.13
C VAL A 15 4.53 -5.00 15.35
N ILE A 16 3.40 -4.99 16.02
CA ILE A 16 2.67 -6.23 16.28
C ILE A 16 2.43 -6.98 14.96
N ALA A 17 2.17 -6.23 13.91
CA ALA A 17 1.94 -6.81 12.60
C ALA A 17 3.25 -7.34 12.02
N LEU A 18 4.33 -6.68 12.35
CA LEU A 18 5.63 -7.08 11.83
C LEU A 18 6.03 -8.45 12.33
N ILE A 19 5.72 -8.74 13.59
CA ILE A 19 6.08 -10.04 14.14
C ILE A 19 5.44 -11.16 13.31
N ILE A 20 4.18 -10.96 12.92
CA ILE A 20 3.45 -11.93 12.14
C ILE A 20 3.74 -11.76 10.64
N PHE A 21 3.87 -10.50 10.21
CA PHE A 21 4.15 -10.24 8.80
C PHE A 21 5.65 -10.08 8.56
N GLY A 22 6.21 -8.93 8.96
CA GLY A 22 7.64 -8.69 8.79
C GLY A 22 7.88 -7.43 7.94
N PRO A 23 8.90 -6.66 8.25
CA PRO A 23 9.21 -5.41 7.49
C PRO A 23 9.73 -5.72 6.09
N SER A 24 10.13 -6.97 5.87
CA SER A 24 10.65 -7.38 4.56
C SER A 24 9.52 -7.90 3.68
N LYS A 25 8.35 -8.05 4.27
CA LYS A 25 7.18 -8.54 3.54
C LYS A 25 6.39 -7.40 2.94
N LEU A 26 6.52 -6.23 3.55
CA LEU A 26 5.83 -5.06 3.06
C LEU A 26 6.41 -4.62 1.70
N PRO A 27 7.73 -4.48 1.57
CA PRO A 27 8.35 -4.06 0.27
C PRO A 27 8.00 -5.04 -0.86
N GLU A 28 7.84 -6.31 -0.52
CA GLU A 28 7.51 -7.33 -1.51
C GLU A 28 6.13 -7.08 -2.11
N ILE A 29 5.20 -6.72 -1.25
CA ILE A 29 3.83 -6.47 -1.69
C ILE A 29 3.78 -5.27 -2.63
N GLY A 30 4.50 -4.21 -2.28
CA GLY A 30 4.52 -3.02 -3.10
C GLY A 30 5.07 -3.33 -4.48
N ARG A 31 6.14 -4.11 -4.52
CA ARG A 31 6.77 -4.48 -5.77
C ARG A 31 5.82 -5.30 -6.62
N ALA A 32 5.21 -6.28 -5.98
CA ALA A 32 4.29 -7.16 -6.69
C ALA A 32 3.12 -6.35 -7.22
N ALA A 33 2.55 -5.51 -6.36
CA ALA A 33 1.44 -4.66 -6.75
C ALA A 33 1.94 -3.66 -7.79
N GLY A 34 3.21 -3.34 -7.69
CA GLY A 34 3.81 -2.37 -8.59
C GLY A 34 3.59 -2.77 -10.04
N ARG A 35 3.79 -4.05 -10.33
CA ARG A 35 3.60 -4.55 -11.69
C ARG A 35 2.14 -4.50 -12.09
N THR A 36 1.28 -4.88 -11.16
CA THR A 36 -0.15 -4.88 -11.39
C THR A 36 -0.65 -3.46 -11.63
N LEU A 37 -0.17 -2.53 -10.84
CA LEU A 37 -0.59 -1.15 -10.97
C LEU A 37 -0.05 -0.53 -12.25
N LEU A 38 1.16 -0.92 -12.60
CA LEU A 38 1.83 -0.40 -13.77
C LEU A 38 0.99 -0.68 -15.01
N GLU A 39 0.42 -1.86 -15.09
CA GLU A 39 -0.39 -2.19 -16.25
C GLU A 39 -1.74 -1.48 -16.17
N PHE A 40 -2.12 -1.07 -14.95
CA PHE A 40 -3.41 -0.40 -14.76
C PHE A 40 -3.47 0.93 -15.49
N LYS A 41 -2.44 1.74 -15.31
CA LYS A 41 -2.40 3.05 -15.95
C LYS A 41 -2.34 2.91 -17.46
N SER A 42 -1.67 1.87 -17.92
CA SER A 42 -1.55 1.61 -19.35
C SER A 42 -2.91 1.28 -19.93
N ALA A 43 -3.69 0.48 -19.20
CA ALA A 43 -5.02 0.10 -19.66
C ALA A 43 -5.95 1.31 -19.60
N THR A 44 -5.79 2.09 -18.54
CA THR A 44 -6.60 3.29 -18.34
C THR A 44 -6.34 4.31 -19.46
N LYS A 45 -5.08 4.46 -19.82
CA LYS A 45 -4.71 5.41 -20.86
C LYS A 45 -5.56 5.19 -22.09
N SER A 46 -5.94 3.95 -22.33
CA SER A 46 -6.76 3.62 -23.49
C SER A 46 -8.22 4.04 -23.28
N LEU A 47 -8.67 4.00 -22.02
CA LEU A 47 -10.04 4.36 -21.68
C LEU A 47 -10.24 5.86 -21.77
N VAL A 48 -9.15 6.61 -21.69
CA VAL A 48 -9.22 8.06 -21.77
C VAL A 48 -10.23 8.47 -22.84
N SER A 49 -10.67 9.71 -22.78
CA SER A 49 -11.66 10.21 -23.73
C SER A 49 -11.24 9.93 -25.18
N GLY A 50 -11.32 8.66 -25.59
CA GLY A 50 -10.94 8.28 -26.95
C GLY A 50 -12.07 8.57 -27.93
N ASP A 51 -12.77 9.67 -27.71
CA ASP A 51 -13.88 10.05 -28.58
C ASP A 51 -14.38 11.45 -28.24
N GLU A 52 -13.67 12.46 -28.76
CA GLU A 52 -14.06 13.84 -28.51
C GLU A 52 -15.32 14.20 -29.29
N MET A 1 -7.07 8.79 26.18
CA MET A 1 -7.25 7.31 26.11
C MET A 1 -6.33 6.74 25.03
N PHE A 2 -6.91 6.11 24.02
CA PHE A 2 -6.15 5.53 22.94
C PHE A 2 -5.81 6.57 21.90
N SER A 3 -6.23 7.81 22.15
CA SER A 3 -5.95 8.91 21.22
C SER A 3 -4.78 9.75 21.71
N ASN A 4 -4.53 9.71 23.01
CA ASN A 4 -3.43 10.47 23.60
C ASN A 4 -2.09 9.85 23.21
N ILE A 5 -2.11 8.59 22.82
CA ILE A 5 -0.88 7.91 22.42
C ILE A 5 -0.26 8.57 21.20
N GLY A 6 -1.09 8.87 20.21
CA GLY A 6 -0.61 9.50 18.98
C GLY A 6 0.13 8.47 18.12
N ILE A 7 1.27 8.86 17.58
CA ILE A 7 2.08 7.96 16.74
C ILE A 7 2.77 6.91 17.63
N PRO A 8 3.32 7.29 18.75
CA PRO A 8 4.01 6.33 19.65
C PRO A 8 3.19 5.05 19.81
N GLY A 9 1.88 5.18 19.70
CA GLY A 9 1.00 4.02 19.81
C GLY A 9 0.87 3.33 18.46
N LEU A 10 1.02 4.09 17.37
CA LEU A 10 0.90 3.54 16.04
C LEU A 10 1.97 2.46 15.82
N ILE A 11 3.19 2.75 16.25
CA ILE A 11 4.29 1.81 16.08
C ILE A 11 3.99 0.50 16.80
N LEU A 12 3.50 0.59 18.03
CA LEU A 12 3.21 -0.61 18.80
C LEU A 12 2.20 -1.45 18.04
N ILE A 13 1.15 -0.83 17.52
CA ILE A 13 0.15 -1.54 16.75
C ILE A 13 0.76 -2.07 15.46
N PHE A 14 1.58 -1.25 14.84
CA PHE A 14 2.16 -1.62 13.57
C PHE A 14 2.93 -2.93 13.73
N VAL A 15 3.69 -3.02 14.81
CA VAL A 15 4.47 -4.23 15.08
C VAL A 15 3.56 -5.46 15.09
N ILE A 16 2.40 -5.32 15.70
CA ILE A 16 1.44 -6.43 15.77
C ILE A 16 1.18 -6.96 14.38
N ALA A 17 1.32 -6.09 13.40
CA ALA A 17 1.12 -6.46 12.00
C ALA A 17 2.42 -7.06 11.44
N LEU A 18 3.55 -6.51 11.84
CA LEU A 18 4.84 -6.99 11.36
C LEU A 18 5.12 -8.41 11.83
N ILE A 19 4.78 -8.70 13.06
CA ILE A 19 5.02 -10.02 13.60
C ILE A 19 4.31 -11.07 12.74
N ILE A 20 3.07 -10.76 12.35
CA ILE A 20 2.28 -11.67 11.53
C ILE A 20 2.64 -11.51 10.05
N PHE A 21 2.92 -10.27 9.62
CA PHE A 21 3.28 -10.01 8.23
C PHE A 21 4.79 -9.96 8.07
N GLY A 22 5.41 -8.86 8.53
CA GLY A 22 6.86 -8.71 8.44
C GLY A 22 7.21 -7.44 7.65
N PRO A 23 8.27 -6.77 8.02
CA PRO A 23 8.70 -5.52 7.32
C PRO A 23 9.27 -5.82 5.93
N SER A 24 9.59 -7.09 5.68
CA SER A 24 10.14 -7.49 4.38
C SER A 24 9.03 -7.99 3.46
N LYS A 25 7.80 -7.98 3.97
CA LYS A 25 6.64 -8.42 3.20
C LYS A 25 5.84 -7.23 2.69
N LEU A 26 6.18 -6.03 3.14
CA LEU A 26 5.48 -4.84 2.71
C LEU A 26 6.06 -4.33 1.38
N PRO A 27 7.37 -4.36 1.23
CA PRO A 27 8.05 -3.90 -0.03
C PRO A 27 7.64 -4.76 -1.23
N GLU A 28 7.44 -6.04 -0.97
CA GLU A 28 7.03 -6.97 -2.02
C GLU A 28 5.67 -6.60 -2.59
N ILE A 29 4.77 -6.19 -1.72
CA ILE A 29 3.43 -5.82 -2.15
C ILE A 29 3.49 -4.61 -3.07
N GLY A 30 4.31 -3.63 -2.70
CA GLY A 30 4.43 -2.41 -3.50
C GLY A 30 4.94 -2.74 -4.89
N ARG A 31 5.93 -3.61 -4.97
CA ARG A 31 6.51 -4.00 -6.24
C ARG A 31 5.49 -4.73 -7.09
N ALA A 32 4.80 -5.66 -6.46
CA ALA A 32 3.80 -6.44 -7.18
C ALA A 32 2.72 -5.52 -7.70
N ALA A 33 2.22 -4.66 -6.81
CA ALA A 33 1.19 -3.70 -7.18
C ALA A 33 1.74 -2.73 -8.21
N GLY A 34 3.04 -2.50 -8.11
CA GLY A 34 3.69 -1.57 -9.00
C GLY A 34 3.42 -1.92 -10.45
N ARG A 35 3.53 -3.21 -10.76
CA ARG A 35 3.31 -3.67 -12.14
C ARG A 35 1.84 -3.54 -12.51
N THR A 36 0.97 -3.90 -11.59
CA THR A 36 -0.46 -3.82 -11.81
C THR A 36 -0.88 -2.37 -11.98
N LEU A 37 -0.34 -1.51 -11.14
CA LEU A 37 -0.67 -0.10 -11.20
C LEU A 37 -0.12 0.54 -12.47
N LEU A 38 1.07 0.10 -12.85
CA LEU A 38 1.72 0.65 -14.02
C LEU A 38 0.86 0.47 -15.25
N GLU A 39 0.25 -0.69 -15.37
CA GLU A 39 -0.60 -0.94 -16.52
C GLU A 39 -1.92 -0.18 -16.38
N PHE A 40 -2.27 0.19 -15.14
CA PHE A 40 -3.52 0.90 -14.89
C PHE A 40 -3.55 2.27 -15.57
N LYS A 41 -2.49 3.02 -15.38
CA LYS A 41 -2.41 4.34 -15.96
C LYS A 41 -2.41 4.26 -17.49
N SER A 42 -1.81 3.21 -18.00
CA SER A 42 -1.74 3.02 -19.45
C SER A 42 -3.15 2.82 -20.00
N ALA A 43 -3.98 2.11 -19.25
CA ALA A 43 -5.35 1.86 -19.67
C ALA A 43 -6.14 3.15 -19.57
N THR A 44 -5.85 3.93 -18.54
CA THR A 44 -6.53 5.20 -18.32
C THR A 44 -6.26 6.14 -19.49
N LYS A 45 -5.01 6.18 -19.93
CA LYS A 45 -4.64 7.07 -21.03
C LYS A 45 -5.39 6.70 -22.29
N SER A 46 -5.46 5.41 -22.56
CA SER A 46 -6.16 4.95 -23.74
C SER A 46 -7.67 4.94 -23.52
N LEU A 47 -8.08 4.67 -22.28
CA LEU A 47 -9.49 4.62 -21.94
C LEU A 47 -10.06 6.03 -21.88
N VAL A 48 -9.36 6.89 -21.17
CA VAL A 48 -9.82 8.26 -21.01
C VAL A 48 -9.96 8.93 -22.36
N SER A 49 -9.12 8.52 -23.30
CA SER A 49 -9.16 9.08 -24.63
C SER A 49 -10.46 8.69 -25.33
N GLY A 50 -11.12 7.65 -24.82
CA GLY A 50 -12.37 7.20 -25.42
C GLY A 50 -12.12 6.49 -26.74
N ASP A 51 -11.05 5.69 -26.79
CA ASP A 51 -10.72 4.96 -28.00
C ASP A 51 -11.55 3.69 -28.12
N GLU A 52 -12.48 3.68 -29.06
CA GLU A 52 -13.34 2.53 -29.27
C GLU A 52 -12.51 1.29 -29.58
N MET A 1 -6.88 9.18 25.10
CA MET A 1 -6.99 7.70 25.20
C MET A 1 -6.28 7.07 24.01
N PHE A 2 -7.04 6.29 23.22
CA PHE A 2 -6.49 5.62 22.06
C PHE A 2 -6.50 6.54 20.85
N SER A 3 -7.04 7.74 21.04
CA SER A 3 -7.12 8.73 19.95
C SER A 3 -6.05 9.79 20.13
N ASN A 4 -5.59 9.97 21.36
CA ASN A 4 -4.55 10.97 21.65
C ASN A 4 -3.18 10.45 21.26
N ILE A 5 -3.09 9.15 21.01
CA ILE A 5 -1.82 8.55 20.64
C ILE A 5 -1.32 9.11 19.31
N GLY A 6 -2.22 9.23 18.35
CA GLY A 6 -1.85 9.74 17.03
C GLY A 6 -0.96 8.73 16.30
N ILE A 7 0.10 9.23 15.68
CA ILE A 7 1.02 8.36 14.95
C ILE A 7 1.86 7.52 15.92
N PRO A 8 2.38 8.10 16.97
CA PRO A 8 3.18 7.33 17.95
C PRO A 8 2.54 5.96 18.24
N GLY A 9 1.22 5.92 18.16
CA GLY A 9 0.48 4.68 18.40
C GLY A 9 0.43 3.85 17.11
N LEU A 10 0.49 4.52 15.97
CA LEU A 10 0.44 3.83 14.69
C LEU A 10 1.64 2.89 14.54
N ILE A 11 2.81 3.35 14.97
CA ILE A 11 4.02 2.55 14.85
C ILE A 11 3.88 1.27 15.65
N LEU A 12 3.38 1.36 16.87
CA LEU A 12 3.21 0.18 17.71
C LEU A 12 2.28 -0.80 17.03
N ILE A 13 1.18 -0.29 16.49
CA ILE A 13 0.21 -1.13 15.81
C ILE A 13 0.82 -1.73 14.55
N PHE A 14 1.57 -0.91 13.83
CA PHE A 14 2.15 -1.36 12.60
C PHE A 14 3.02 -2.58 12.86
N VAL A 15 3.78 -2.51 13.94
CA VAL A 15 4.69 -3.59 14.33
C VAL A 15 3.90 -4.89 14.48
N ILE A 16 2.74 -4.79 15.09
CA ILE A 16 1.91 -5.98 15.28
C ILE A 16 1.72 -6.71 13.96
N ALA A 17 1.60 -5.95 12.89
CA ALA A 17 1.42 -6.54 11.55
C ALA A 17 2.72 -7.18 11.08
N LEU A 18 3.83 -6.62 11.52
CA LEU A 18 5.14 -7.11 11.13
C LEU A 18 5.43 -8.49 11.70
N ILE A 19 5.04 -8.71 12.94
CA ILE A 19 5.30 -10.00 13.57
C ILE A 19 4.66 -11.11 12.73
N ILE A 20 3.44 -10.84 12.28
CA ILE A 20 2.70 -11.77 11.44
C ILE A 20 3.20 -11.68 10.00
N PHE A 21 3.18 -10.48 9.43
CA PHE A 21 3.61 -10.29 8.05
C PHE A 21 5.12 -10.26 7.92
N GLY A 22 5.75 -9.14 8.31
CA GLY A 22 7.20 -9.03 8.22
C GLY A 22 7.61 -7.73 7.52
N PRO A 23 8.68 -7.06 7.94
CA PRO A 23 9.15 -5.80 7.28
C PRO A 23 9.77 -6.10 5.93
N SER A 24 10.23 -7.31 5.79
CA SER A 24 10.92 -7.76 4.59
C SER A 24 9.93 -8.33 3.60
N LYS A 25 8.69 -8.45 4.04
CA LYS A 25 7.62 -8.99 3.23
C LYS A 25 6.86 -7.90 2.50
N LEU A 26 6.88 -6.67 3.02
CA LEU A 26 6.18 -5.59 2.35
C LEU A 26 6.93 -5.25 1.05
N PRO A 27 8.22 -4.97 1.09
CA PRO A 27 9.00 -4.71 -0.15
C PRO A 27 8.58 -5.65 -1.29
N GLU A 28 8.53 -6.95 -1.03
CA GLU A 28 8.16 -7.93 -2.06
C GLU A 28 6.73 -7.71 -2.53
N ILE A 29 5.84 -7.46 -1.59
CA ILE A 29 4.44 -7.24 -1.92
C ILE A 29 4.28 -5.95 -2.72
N GLY A 30 4.98 -4.90 -2.30
CA GLY A 30 4.90 -3.62 -2.98
C GLY A 30 5.35 -3.75 -4.42
N ARG A 31 6.45 -4.48 -4.64
CA ARG A 31 6.97 -4.67 -5.97
C ARG A 31 5.98 -5.44 -6.83
N ALA A 32 5.45 -6.51 -6.25
CA ALA A 32 4.50 -7.33 -6.98
C ALA A 32 3.27 -6.51 -7.35
N ALA A 33 2.76 -5.77 -6.37
CA ALA A 33 1.60 -4.90 -6.59
C ALA A 33 1.98 -3.82 -7.59
N GLY A 34 3.26 -3.47 -7.58
CA GLY A 34 3.76 -2.42 -8.45
C GLY A 34 3.40 -2.70 -9.89
N ARG A 35 3.59 -3.95 -10.32
CA ARG A 35 3.29 -4.35 -11.69
C ARG A 35 1.79 -4.27 -11.94
N THR A 36 1.03 -4.74 -10.97
CA THR A 36 -0.42 -4.73 -11.06
C THR A 36 -0.94 -3.30 -11.13
N LEU A 37 -0.40 -2.44 -10.30
CA LEU A 37 -0.83 -1.06 -10.27
C LEU A 37 -0.39 -0.31 -11.51
N LEU A 38 0.79 -0.67 -11.99
CA LEU A 38 1.36 -0.04 -13.16
C LEU A 38 0.43 -0.19 -14.35
N GLU A 39 -0.14 -1.36 -14.50
CA GLU A 39 -1.04 -1.59 -15.62
C GLU A 39 -2.37 -0.88 -15.36
N PHE A 40 -2.67 -0.60 -14.09
CA PHE A 40 -3.94 0.05 -13.74
C PHE A 40 -4.03 1.46 -14.32
N LYS A 41 -2.98 2.24 -14.13
CA LYS A 41 -2.98 3.61 -14.62
C LYS A 41 -3.03 3.62 -16.15
N SER A 42 -2.40 2.63 -16.75
CA SER A 42 -2.37 2.52 -18.20
C SER A 42 -3.77 2.27 -18.72
N ALA A 43 -4.51 1.40 -18.03
CA ALA A 43 -5.88 1.09 -18.42
C ALA A 43 -6.79 2.29 -18.11
N THR A 44 -6.58 2.89 -16.96
CA THR A 44 -7.37 4.04 -16.55
C THR A 44 -7.12 5.23 -17.48
N LYS A 45 -5.87 5.46 -17.82
CA LYS A 45 -5.50 6.56 -18.68
C LYS A 45 -6.32 6.51 -19.96
N SER A 46 -6.70 5.32 -20.36
CA SER A 46 -7.48 5.16 -21.57
C SER A 46 -8.94 5.54 -21.34
N LEU A 47 -9.42 5.37 -20.10
CA LEU A 47 -10.80 5.70 -19.75
C LEU A 47 -11.03 7.21 -19.75
N VAL A 48 -9.97 7.95 -19.46
CA VAL A 48 -10.07 9.41 -19.39
C VAL A 48 -10.62 9.96 -20.71
N SER A 49 -10.32 9.27 -21.80
CA SER A 49 -10.78 9.68 -23.12
C SER A 49 -10.68 8.53 -24.11
N GLY A 50 -11.78 7.83 -24.32
CA GLY A 50 -11.79 6.70 -25.25
C GLY A 50 -11.73 7.18 -26.70
N ASP A 51 -10.99 8.27 -26.92
CA ASP A 51 -10.85 8.84 -28.26
C ASP A 51 -9.38 8.88 -28.68
N GLU A 52 -9.01 7.98 -29.58
CA GLU A 52 -7.63 7.91 -30.05
C GLU A 52 -7.24 9.20 -30.75
N MET A 1 -9.32 7.22 23.75
CA MET A 1 -7.83 7.16 23.76
C MET A 1 -7.34 6.76 22.38
N PHE A 2 -6.19 6.09 22.33
CA PHE A 2 -5.62 5.65 21.10
C PHE A 2 -5.81 6.67 19.98
N SER A 3 -6.08 7.92 20.37
CA SER A 3 -6.29 9.00 19.41
C SER A 3 -5.18 10.06 19.54
N ASN A 4 -4.83 10.34 20.79
CA ASN A 4 -3.80 11.33 21.08
C ASN A 4 -2.41 10.77 20.81
N ILE A 5 -2.33 9.46 20.65
CA ILE A 5 -1.06 8.82 20.39
C ILE A 5 -0.43 9.31 19.09
N GLY A 6 -1.27 9.47 18.08
CA GLY A 6 -0.79 9.92 16.78
C GLY A 6 -0.06 8.79 16.06
N ILE A 7 1.10 9.10 15.49
CA ILE A 7 1.88 8.11 14.78
C ILE A 7 2.62 7.17 15.78
N PRO A 8 3.22 7.70 16.81
CA PRO A 8 3.96 6.87 17.80
C PRO A 8 3.20 5.59 18.15
N GLY A 9 1.89 5.68 18.29
CA GLY A 9 1.08 4.51 18.61
C GLY A 9 0.94 3.60 17.39
N LEU A 10 1.00 4.20 16.20
CA LEU A 10 0.86 3.44 14.97
C LEU A 10 1.98 2.43 14.81
N ILE A 11 3.20 2.83 15.19
CA ILE A 11 4.36 1.94 15.06
C ILE A 11 4.15 0.69 15.89
N LEU A 12 3.66 0.83 17.11
CA LEU A 12 3.44 -0.32 17.96
C LEU A 12 2.46 -1.27 17.29
N ILE A 13 1.39 -0.71 16.74
CA ILE A 13 0.39 -1.51 16.03
C ILE A 13 0.99 -2.10 14.78
N PHE A 14 1.75 -1.29 14.08
CA PHE A 14 2.33 -1.73 12.83
C PHE A 14 3.15 -2.98 13.06
N VAL A 15 3.92 -2.97 14.15
CA VAL A 15 4.76 -4.12 14.50
C VAL A 15 3.93 -5.38 14.62
N ILE A 16 2.75 -5.25 15.22
CA ILE A 16 1.86 -6.40 15.36
C ILE A 16 1.60 -7.04 14.00
N ALA A 17 1.56 -6.20 12.98
CA ALA A 17 1.35 -6.68 11.63
C ALA A 17 2.63 -7.32 11.10
N LEU A 18 3.75 -6.76 11.50
CA LEU A 18 5.04 -7.25 11.04
C LEU A 18 5.32 -8.66 11.49
N ILE A 19 4.98 -8.97 12.73
CA ILE A 19 5.21 -10.30 13.23
C ILE A 19 4.46 -11.32 12.39
N ILE A 20 3.23 -10.99 12.01
CA ILE A 20 2.41 -11.87 11.19
C ILE A 20 2.74 -11.71 9.70
N PHE A 21 3.12 -10.48 9.28
CA PHE A 21 3.46 -10.23 7.88
C PHE A 21 4.98 -10.23 7.70
N GLY A 22 5.67 -9.15 8.12
CA GLY A 22 7.14 -9.12 8.02
C GLY A 22 7.65 -7.92 7.20
N PRO A 23 8.48 -7.04 7.76
CA PRO A 23 9.05 -5.86 7.00
C PRO A 23 9.72 -6.28 5.69
N SER A 24 10.08 -7.54 5.56
CA SER A 24 10.75 -8.01 4.35
C SER A 24 9.74 -8.63 3.39
N LYS A 25 8.57 -8.93 3.93
CA LYS A 25 7.50 -9.55 3.15
C LYS A 25 6.45 -8.51 2.76
N LEU A 26 6.52 -7.32 3.35
CA LEU A 26 5.54 -6.26 3.03
C LEU A 26 6.02 -5.44 1.82
N PRO A 27 7.29 -5.08 1.75
CA PRO A 27 7.83 -4.29 0.60
C PRO A 27 7.69 -5.03 -0.73
N GLU A 28 7.97 -6.32 -0.70
CA GLU A 28 7.88 -7.16 -1.88
C GLU A 28 6.47 -7.18 -2.44
N ILE A 29 5.51 -7.35 -1.55
CA ILE A 29 4.12 -7.37 -1.96
C ILE A 29 3.68 -5.98 -2.42
N GLY A 30 4.14 -4.97 -1.71
CA GLY A 30 3.79 -3.60 -2.05
C GLY A 30 4.22 -3.25 -3.46
N ARG A 31 5.44 -3.65 -3.83
CA ARG A 31 5.94 -3.36 -5.17
C ARG A 31 5.12 -4.08 -6.21
N ALA A 32 4.83 -5.34 -5.93
CA ALA A 32 4.05 -6.15 -6.87
C ALA A 32 2.67 -5.54 -7.04
N ALA A 33 2.12 -5.01 -5.95
CA ALA A 33 0.82 -4.36 -6.01
C ALA A 33 1.01 -2.97 -6.58
N GLY A 34 2.13 -2.35 -6.20
CA GLY A 34 2.45 -1.01 -6.64
C GLY A 34 2.65 -0.93 -8.15
N ARG A 35 3.42 -1.86 -8.68
CA ARG A 35 3.70 -1.93 -10.10
C ARG A 35 2.47 -2.35 -10.88
N THR A 36 1.73 -3.27 -10.30
CA THR A 36 0.53 -3.79 -10.93
C THR A 36 -0.50 -2.67 -11.11
N LEU A 37 -0.62 -1.83 -10.12
CA LEU A 37 -1.57 -0.72 -10.19
C LEU A 37 -1.12 0.31 -11.20
N LEU A 38 0.19 0.46 -11.32
CA LEU A 38 0.78 1.42 -12.24
C LEU A 38 0.34 1.13 -13.66
N GLU A 39 0.22 -0.14 -14.00
CA GLU A 39 -0.18 -0.52 -15.35
C GLU A 39 -1.69 -0.44 -15.49
N PHE A 40 -2.41 -0.52 -14.36
CA PHE A 40 -3.86 -0.47 -14.40
C PHE A 40 -4.36 0.93 -14.74
N LYS A 41 -3.81 1.93 -14.08
CA LYS A 41 -4.24 3.30 -14.30
C LYS A 41 -3.97 3.72 -15.74
N SER A 42 -2.87 3.22 -16.29
CA SER A 42 -2.50 3.54 -17.67
C SER A 42 -3.52 2.95 -18.63
N ALA A 43 -3.96 1.73 -18.34
CA ALA A 43 -4.95 1.06 -19.18
C ALA A 43 -6.31 1.69 -18.95
N THR A 44 -6.63 1.93 -17.68
CA THR A 44 -7.90 2.53 -17.31
C THR A 44 -8.03 3.94 -17.87
N LYS A 45 -6.96 4.71 -17.78
CA LYS A 45 -6.96 6.08 -18.27
C LYS A 45 -7.34 6.09 -19.74
N SER A 46 -7.05 4.98 -20.41
CA SER A 46 -7.35 4.87 -21.83
C SER A 46 -8.85 4.64 -22.06
N LEU A 47 -9.49 3.97 -21.10
CA LEU A 47 -10.92 3.67 -21.21
C LEU A 47 -11.76 4.93 -21.06
N VAL A 48 -11.28 5.85 -20.24
CA VAL A 48 -12.01 7.09 -20.00
C VAL A 48 -12.26 7.82 -21.32
N SER A 49 -11.37 7.61 -22.28
CA SER A 49 -11.48 8.24 -23.58
C SER A 49 -10.43 7.69 -24.53
N GLY A 50 -10.84 6.73 -25.36
CA GLY A 50 -9.92 6.13 -26.32
C GLY A 50 -9.58 7.10 -27.45
N ASP A 51 -9.46 8.37 -27.10
CA ASP A 51 -9.14 9.40 -28.07
C ASP A 51 -7.64 9.40 -28.39
N GLU A 52 -7.31 9.80 -29.62
CA GLU A 52 -5.91 9.84 -30.05
C GLU A 52 -5.02 10.37 -28.93
N MET A 1 -8.82 10.10 22.12
CA MET A 1 -8.83 8.63 22.38
C MET A 1 -7.76 7.96 21.52
N PHE A 2 -8.18 7.04 20.66
CA PHE A 2 -7.25 6.33 19.79
C PHE A 2 -6.88 7.19 18.60
N SER A 3 -7.37 8.43 18.59
CA SER A 3 -7.08 9.36 17.50
C SER A 3 -5.97 10.33 17.91
N ASN A 4 -5.82 10.53 19.21
CA ASN A 4 -4.80 11.43 19.72
C ASN A 4 -3.41 10.86 19.49
N ILE A 5 -3.33 9.54 19.35
CA ILE A 5 -2.06 8.88 19.13
C ILE A 5 -1.43 9.32 17.82
N GLY A 6 -2.23 9.37 16.77
CA GLY A 6 -1.73 9.78 15.45
C GLY A 6 -0.86 8.68 14.86
N ILE A 7 0.27 9.06 14.29
CA ILE A 7 1.20 8.10 13.70
C ILE A 7 1.89 7.28 14.79
N PRO A 8 2.35 7.89 15.85
CA PRO A 8 3.02 7.15 16.95
C PRO A 8 2.25 5.87 17.29
N GLY A 9 0.94 5.90 17.10
CA GLY A 9 0.12 4.74 17.36
C GLY A 9 0.08 3.83 16.14
N LEU A 10 0.28 4.40 14.96
CA LEU A 10 0.27 3.63 13.73
C LEU A 10 1.38 2.59 13.74
N ILE A 11 2.56 2.99 14.22
CA ILE A 11 3.71 2.09 14.26
C ILE A 11 3.40 0.87 15.12
N LEU A 12 2.81 1.09 16.28
CA LEU A 12 2.50 -0.01 17.18
C LEU A 12 1.59 -1.00 16.46
N ILE A 13 0.57 -0.49 15.79
CA ILE A 13 -0.35 -1.34 15.04
C ILE A 13 0.38 -2.00 13.88
N PHE A 14 1.21 -1.23 13.21
CA PHE A 14 1.92 -1.72 12.06
C PHE A 14 2.73 -2.96 12.44
N VAL A 15 3.37 -2.89 13.59
CA VAL A 15 4.19 -3.98 14.08
C VAL A 15 3.35 -5.25 14.18
N ILE A 16 2.14 -5.09 14.69
CA ILE A 16 1.22 -6.24 14.83
C ILE A 16 1.11 -6.97 13.50
N ALA A 17 1.23 -6.22 12.43
CA ALA A 17 1.16 -6.80 11.08
C ALA A 17 2.52 -7.41 10.72
N LEU A 18 3.58 -6.79 11.16
CA LEU A 18 4.92 -7.27 10.84
C LEU A 18 5.19 -8.62 11.48
N ILE A 19 4.77 -8.78 12.72
CA ILE A 19 5.01 -10.04 13.41
C ILE A 19 4.37 -11.18 12.64
N ILE A 20 3.16 -10.96 12.14
CA ILE A 20 2.45 -11.96 11.37
C ILE A 20 2.94 -11.98 9.91
N PHE A 21 3.23 -10.80 9.35
CA PHE A 21 3.70 -10.71 7.97
C PHE A 21 5.22 -10.64 7.93
N GLY A 22 5.80 -9.50 8.35
CA GLY A 22 7.26 -9.36 8.35
C GLY A 22 7.68 -8.12 7.54
N PRO A 23 8.69 -7.41 7.97
CA PRO A 23 9.18 -6.20 7.25
C PRO A 23 9.93 -6.56 5.97
N SER A 24 10.13 -7.86 5.75
CA SER A 24 10.83 -8.35 4.56
C SER A 24 9.83 -8.97 3.59
N LYS A 25 8.65 -9.31 4.10
CA LYS A 25 7.61 -9.92 3.28
C LYS A 25 6.62 -8.87 2.79
N LEU A 26 6.67 -7.70 3.40
CA LEU A 26 5.77 -6.61 3.03
C LEU A 26 6.35 -5.85 1.81
N PRO A 27 7.54 -5.28 1.91
CA PRO A 27 8.17 -4.54 0.75
C PRO A 27 8.30 -5.40 -0.52
N GLU A 28 8.50 -6.69 -0.35
CA GLU A 28 8.61 -7.57 -1.51
C GLU A 28 7.28 -7.54 -2.28
N ILE A 29 6.18 -7.60 -1.54
CA ILE A 29 4.86 -7.57 -2.15
C ILE A 29 4.59 -6.23 -2.83
N GLY A 30 4.96 -5.15 -2.15
CA GLY A 30 4.74 -3.81 -2.71
C GLY A 30 5.49 -3.66 -4.02
N ARG A 31 6.72 -4.14 -4.05
CA ARG A 31 7.53 -4.04 -5.26
C ARG A 31 6.95 -4.88 -6.37
N ALA A 32 6.62 -6.12 -6.04
CA ALA A 32 6.07 -7.02 -7.03
C ALA A 32 4.75 -6.47 -7.54
N ALA A 33 3.96 -5.91 -6.63
CA ALA A 33 2.69 -5.31 -6.99
C ALA A 33 2.91 -3.94 -7.60
N GLY A 34 4.01 -3.30 -7.22
CA GLY A 34 4.30 -1.97 -7.71
C GLY A 34 4.30 -1.91 -9.23
N ARG A 35 5.07 -2.80 -9.85
CA ARG A 35 5.16 -2.86 -11.30
C ARG A 35 3.82 -3.22 -11.91
N THR A 36 3.15 -4.19 -11.32
CA THR A 36 1.85 -4.62 -11.81
C THR A 36 0.86 -3.48 -11.67
N LEU A 37 0.90 -2.81 -10.53
CA LEU A 37 -0.01 -1.71 -10.27
C LEU A 37 0.36 -0.48 -11.09
N LEU A 38 1.66 -0.31 -11.27
CA LEU A 38 2.19 0.81 -12.02
C LEU A 38 1.62 0.83 -13.41
N GLU A 39 1.52 -0.34 -14.02
CA GLU A 39 0.98 -0.42 -15.36
C GLU A 39 -0.54 -0.28 -15.34
N PHE A 40 -1.15 -0.57 -14.19
CA PHE A 40 -2.60 -0.49 -14.07
C PHE A 40 -3.10 0.94 -14.26
N LYS A 41 -2.47 1.87 -13.56
CA LYS A 41 -2.88 3.26 -13.65
C LYS A 41 -2.63 3.81 -15.06
N SER A 42 -1.57 3.32 -15.68
CA SER A 42 -1.22 3.75 -17.02
C SER A 42 -2.29 3.30 -18.00
N ALA A 43 -2.80 2.10 -17.81
CA ALA A 43 -3.86 1.56 -18.66
C ALA A 43 -5.16 2.32 -18.42
N THR A 44 -5.41 2.65 -17.16
CA THR A 44 -6.60 3.39 -16.78
C THR A 44 -6.61 4.78 -17.42
N LYS A 45 -5.46 5.43 -17.42
CA LYS A 45 -5.36 6.76 -17.97
C LYS A 45 -5.91 6.78 -19.39
N SER A 46 -5.77 5.66 -20.07
CA SER A 46 -6.25 5.56 -21.44
C SER A 46 -7.77 5.42 -21.47
N LEU A 47 -8.34 4.78 -20.45
CA LEU A 47 -9.77 4.58 -20.39
C LEU A 47 -10.50 5.90 -20.12
N VAL A 48 -9.95 6.67 -19.19
CA VAL A 48 -10.52 7.96 -18.84
C VAL A 48 -10.31 8.97 -19.94
N SER A 49 -9.16 8.87 -20.60
CA SER A 49 -8.83 9.80 -21.66
C SER A 49 -9.85 9.69 -22.78
N GLY A 50 -10.23 8.47 -23.12
CA GLY A 50 -11.21 8.23 -24.18
C GLY A 50 -12.60 7.99 -23.61
N ASP A 51 -13.09 8.96 -22.84
CA ASP A 51 -14.41 8.84 -22.22
C ASP A 51 -15.50 8.83 -23.29
N GLU A 52 -16.46 7.93 -23.14
CA GLU A 52 -17.55 7.82 -24.09
C GLU A 52 -18.46 9.03 -24.00
N MET A 1 -7.21 9.71 24.41
CA MET A 1 -6.36 8.63 24.99
C MET A 1 -5.68 7.86 23.87
N PHE A 2 -6.44 6.98 23.21
CA PHE A 2 -5.91 6.18 22.12
C PHE A 2 -5.89 6.99 20.84
N SER A 3 -6.36 8.23 20.91
CA SER A 3 -6.39 9.11 19.74
C SER A 3 -5.26 10.13 19.81
N ASN A 4 -4.77 10.37 21.02
CA ASN A 4 -3.68 11.32 21.21
C ASN A 4 -2.35 10.72 20.78
N ILE A 5 -2.34 9.41 20.60
CA ILE A 5 -1.13 8.72 20.20
C ILE A 5 -0.71 9.13 18.80
N GLY A 6 -1.67 9.22 17.89
CA GLY A 6 -1.38 9.61 16.52
C GLY A 6 -0.60 8.52 15.80
N ILE A 7 0.45 8.91 15.08
CA ILE A 7 1.28 7.93 14.37
C ILE A 7 2.10 7.10 15.36
N PRO A 8 2.76 7.70 16.33
CA PRO A 8 3.56 6.95 17.33
C PRO A 8 2.90 5.64 17.75
N GLY A 9 1.58 5.67 17.89
CA GLY A 9 0.84 4.47 18.27
C GLY A 9 0.68 3.52 17.08
N LEU A 10 0.68 4.08 15.88
CA LEU A 10 0.52 3.28 14.67
C LEU A 10 1.69 2.33 14.48
N ILE A 11 2.89 2.80 14.80
CA ILE A 11 4.09 1.96 14.66
C ILE A 11 3.97 0.73 15.53
N LEU A 12 3.52 0.89 16.76
CA LEU A 12 3.38 -0.23 17.66
C LEU A 12 2.42 -1.24 17.06
N ILE A 13 1.30 -0.76 16.55
CA ILE A 13 0.33 -1.64 15.94
C ILE A 13 0.90 -2.27 14.68
N PHE A 14 1.60 -1.46 13.91
CA PHE A 14 2.15 -1.93 12.66
C PHE A 14 3.06 -3.12 12.90
N VAL A 15 3.87 -3.03 13.94
CA VAL A 15 4.80 -4.09 14.29
C VAL A 15 4.05 -5.40 14.50
N ILE A 16 2.90 -5.30 15.16
CA ILE A 16 2.08 -6.48 15.43
C ILE A 16 1.81 -7.22 14.13
N ALA A 17 1.67 -6.45 13.06
CA ALA A 17 1.44 -7.03 11.75
C ALA A 17 2.73 -7.62 11.20
N LEU A 18 3.84 -6.98 11.52
CA LEU A 18 5.15 -7.42 11.05
C LEU A 18 5.53 -8.78 11.61
N ILE A 19 5.26 -8.99 12.87
CA ILE A 19 5.61 -10.25 13.48
C ILE A 19 4.90 -11.39 12.75
N ILE A 20 3.62 -11.18 12.43
CA ILE A 20 2.85 -12.19 11.71
C ILE A 20 3.17 -12.14 10.21
N PHE A 21 3.36 -10.93 9.66
CA PHE A 21 3.68 -10.79 8.24
C PHE A 21 5.17 -10.66 8.01
N GLY A 22 5.75 -9.51 8.37
CA GLY A 22 7.19 -9.30 8.20
C GLY A 22 7.44 -7.97 7.46
N PRO A 23 8.50 -7.28 7.79
CA PRO A 23 8.83 -5.99 7.13
C PRO A 23 9.25 -6.18 5.67
N SER A 24 9.51 -7.43 5.29
CA SER A 24 9.92 -7.75 3.92
C SER A 24 8.80 -8.44 3.16
N LYS A 25 7.64 -8.56 3.79
CA LYS A 25 6.48 -9.21 3.15
C LYS A 25 5.44 -8.18 2.75
N LEU A 26 5.39 -7.08 3.47
CA LEU A 26 4.42 -6.02 3.17
C LEU A 26 4.90 -5.15 2.01
N PRO A 27 6.00 -4.46 2.17
CA PRO A 27 6.56 -3.59 1.09
C PRO A 27 6.84 -4.39 -0.18
N GLU A 28 7.13 -5.66 -0.02
CA GLU A 28 7.40 -6.53 -1.15
C GLU A 28 6.16 -6.66 -2.02
N ILE A 29 5.02 -6.86 -1.37
CA ILE A 29 3.76 -7.00 -2.10
C ILE A 29 3.40 -5.70 -2.81
N GLY A 30 3.60 -4.59 -2.13
CA GLY A 30 3.28 -3.29 -2.72
C GLY A 30 4.08 -3.07 -3.99
N ARG A 31 5.37 -3.42 -3.95
CA ARG A 31 6.23 -3.26 -5.11
C ARG A 31 5.80 -4.18 -6.24
N ALA A 32 5.56 -5.43 -5.87
CA ALA A 32 5.15 -6.41 -6.87
C ALA A 32 3.83 -5.99 -7.49
N ALA A 33 2.95 -5.45 -6.67
CA ALA A 33 1.65 -4.98 -7.13
C ALA A 33 1.78 -3.59 -7.73
N GLY A 34 2.76 -2.85 -7.24
CA GLY A 34 2.96 -1.48 -7.68
C GLY A 34 3.11 -1.40 -9.19
N ARG A 35 4.06 -2.16 -9.73
CA ARG A 35 4.30 -2.17 -11.16
C ARG A 35 3.10 -2.69 -11.91
N THR A 36 2.50 -3.76 -11.40
CA THR A 36 1.33 -4.34 -12.03
C THR A 36 0.17 -3.36 -11.99
N LEU A 37 0.01 -2.70 -10.85
CA LEU A 37 -1.06 -1.74 -10.68
C LEU A 37 -0.76 -0.44 -11.41
N LEU A 38 0.50 -0.11 -11.46
CA LEU A 38 0.95 1.10 -12.11
C LEU A 38 0.54 1.09 -13.56
N GLU A 39 0.63 -0.06 -14.20
CA GLU A 39 0.26 -0.17 -15.60
C GLU A 39 -1.26 -0.21 -15.74
N PHE A 40 -1.95 -0.61 -14.66
CA PHE A 40 -3.41 -0.69 -14.71
C PHE A 40 -4.04 0.69 -14.88
N LYS A 41 -3.61 1.63 -14.07
CA LYS A 41 -4.17 2.97 -14.13
C LYS A 41 -3.89 3.61 -15.48
N SER A 42 -2.72 3.30 -16.02
CA SER A 42 -2.32 3.85 -17.32
C SER A 42 -3.26 3.34 -18.40
N ALA A 43 -3.63 2.07 -18.31
CA ALA A 43 -4.54 1.47 -19.28
C ALA A 43 -5.94 2.03 -19.09
N THR A 44 -6.33 2.20 -17.84
CA THR A 44 -7.63 2.73 -17.50
C THR A 44 -7.78 4.17 -18.00
N LYS A 45 -6.74 4.97 -17.82
CA LYS A 45 -6.77 6.35 -18.23
C LYS A 45 -7.14 6.44 -19.70
N SER A 46 -6.74 5.43 -20.46
CA SER A 46 -7.03 5.40 -21.88
C SER A 46 -8.50 5.04 -22.12
N LEU A 47 -9.06 4.21 -21.23
CA LEU A 47 -10.45 3.80 -21.37
C LEU A 47 -11.40 4.96 -21.09
N VAL A 48 -11.10 5.70 -20.02
CA VAL A 48 -11.92 6.83 -19.64
C VAL A 48 -11.75 7.98 -20.61
N SER A 49 -10.51 8.23 -20.99
CA SER A 49 -10.20 9.31 -21.91
C SER A 49 -10.87 9.06 -23.26
N GLY A 50 -10.78 7.82 -23.73
CA GLY A 50 -11.38 7.46 -25.01
C GLY A 50 -10.62 8.08 -26.16
N ASP A 51 -9.33 8.26 -25.98
CA ASP A 51 -8.49 8.84 -27.01
C ASP A 51 -8.34 7.89 -28.20
N GLU A 52 -8.32 8.46 -29.40
CA GLU A 52 -8.19 7.66 -30.61
C GLU A 52 -9.08 6.42 -30.53
N MET A 1 -7.67 9.59 24.47
CA MET A 1 -8.13 8.20 24.21
C MET A 1 -7.26 7.56 23.13
N PHE A 2 -7.89 7.13 22.04
CA PHE A 2 -7.16 6.50 20.95
C PHE A 2 -6.55 7.56 20.04
N SER A 3 -6.81 8.83 20.36
CA SER A 3 -6.28 9.94 19.59
C SER A 3 -5.08 10.57 20.29
N ASN A 4 -5.00 10.38 21.60
CA ASN A 4 -3.90 10.93 22.37
C ASN A 4 -2.62 10.13 22.15
N ILE A 5 -2.77 8.94 21.58
CA ILE A 5 -1.63 8.08 21.32
C ILE A 5 -0.70 8.70 20.28
N GLY A 6 -1.29 9.24 19.23
CA GLY A 6 -0.50 9.85 18.16
C GLY A 6 0.28 8.80 17.39
N ILE A 7 1.53 9.10 17.06
CA ILE A 7 2.37 8.15 16.34
C ILE A 7 2.68 6.92 17.21
N PRO A 8 3.07 7.09 18.45
CA PRO A 8 3.39 5.93 19.34
C PRO A 8 2.39 4.79 19.16
N GLY A 9 1.13 5.13 18.94
CA GLY A 9 0.10 4.11 18.75
C GLY A 9 0.18 3.52 17.34
N LEU A 10 0.64 4.32 16.39
CA LEU A 10 0.76 3.88 15.01
C LEU A 10 1.74 2.72 14.87
N ILE A 11 2.85 2.79 15.60
CA ILE A 11 3.86 1.74 15.55
C ILE A 11 3.26 0.41 15.99
N LEU A 12 2.51 0.42 17.08
CA LEU A 12 1.91 -0.79 17.57
C LEU A 12 0.97 -1.38 16.51
N ILE A 13 0.18 -0.50 15.91
CA ILE A 13 -0.75 -0.94 14.87
C ILE A 13 0.01 -1.45 13.67
N PHE A 14 1.05 -0.74 13.30
CA PHE A 14 1.81 -1.11 12.14
C PHE A 14 2.31 -2.54 12.31
N VAL A 15 2.79 -2.85 13.52
CA VAL A 15 3.31 -4.17 13.82
C VAL A 15 2.26 -5.24 13.54
N ILE A 16 1.03 -4.94 13.91
CA ILE A 16 -0.06 -5.89 13.70
C ILE A 16 -0.06 -6.36 12.25
N ALA A 17 0.31 -5.45 11.36
CA ALA A 17 0.38 -5.77 9.95
C ALA A 17 1.65 -6.58 9.66
N LEU A 18 2.67 -6.32 10.45
CA LEU A 18 3.94 -7.01 10.30
C LEU A 18 3.89 -8.46 10.74
N ILE A 19 3.28 -8.70 11.90
CA ILE A 19 3.19 -10.05 12.41
C ILE A 19 2.48 -10.93 11.38
N ILE A 20 1.41 -10.39 10.83
CA ILE A 20 0.66 -11.09 9.78
C ILE A 20 1.46 -11.06 8.48
N PHE A 21 1.87 -9.87 8.03
CA PHE A 21 2.62 -9.76 6.79
C PHE A 21 4.13 -9.93 7.05
N GLY A 22 4.83 -8.88 7.54
CA GLY A 22 6.27 -9.01 7.83
C GLY A 22 7.14 -7.89 7.20
N PRO A 23 8.01 -7.21 7.96
CA PRO A 23 8.92 -6.14 7.40
C PRO A 23 9.77 -6.62 6.23
N SER A 24 10.10 -7.88 6.22
CA SER A 24 10.89 -8.42 5.14
C SER A 24 10.04 -8.55 3.89
N LYS A 25 8.76 -8.92 4.09
CA LYS A 25 7.82 -9.14 3.00
C LYS A 25 7.05 -7.87 2.61
N LEU A 26 7.19 -6.79 3.37
CA LEU A 26 6.48 -5.55 3.05
C LEU A 26 7.18 -4.84 1.87
N PRO A 27 8.47 -4.56 1.93
CA PRO A 27 9.23 -3.94 0.78
C PRO A 27 9.09 -4.77 -0.51
N GLU A 28 9.29 -6.08 -0.38
CA GLU A 28 9.22 -6.99 -1.52
C GLU A 28 7.87 -6.95 -2.21
N ILE A 29 6.81 -7.00 -1.44
CA ILE A 29 5.47 -6.99 -2.02
C ILE A 29 5.21 -5.66 -2.73
N GLY A 30 5.61 -4.58 -2.10
CA GLY A 30 5.41 -3.25 -2.69
C GLY A 30 6.10 -3.15 -4.04
N ARG A 31 7.33 -3.65 -4.12
CA ARG A 31 8.08 -3.61 -5.37
C ARG A 31 7.39 -4.43 -6.44
N ALA A 32 7.00 -5.65 -6.07
CA ALA A 32 6.36 -6.54 -7.01
C ALA A 32 5.05 -5.91 -7.49
N ALA A 33 4.26 -5.41 -6.54
CA ALA A 33 3.00 -4.76 -6.88
C ALA A 33 3.30 -3.49 -7.64
N GLY A 34 4.47 -2.92 -7.36
CA GLY A 34 4.87 -1.69 -8.00
C GLY A 34 4.83 -1.82 -9.52
N ARG A 35 5.33 -2.94 -10.02
CA ARG A 35 5.36 -3.18 -11.46
C ARG A 35 3.96 -3.38 -12.00
N THR A 36 3.15 -4.11 -11.23
CA THR A 36 1.77 -4.37 -11.62
C THR A 36 0.97 -3.08 -11.68
N LEU A 37 1.16 -2.22 -10.69
CA LEU A 37 0.44 -0.97 -10.64
C LEU A 37 0.91 -0.02 -11.73
N LEU A 38 2.19 -0.08 -12.01
CA LEU A 38 2.80 0.77 -13.02
C LEU A 38 2.13 0.57 -14.36
N GLU A 39 1.85 -0.67 -14.71
CA GLU A 39 1.22 -0.96 -15.97
C GLU A 39 -0.27 -0.60 -15.90
N PHE A 40 -0.81 -0.53 -14.68
CA PHE A 40 -2.23 -0.21 -14.51
C PHE A 40 -2.55 1.20 -14.99
N LYS A 41 -1.77 2.16 -14.56
CA LYS A 41 -2.00 3.54 -14.93
C LYS A 41 -1.84 3.72 -16.44
N SER A 42 -0.91 2.97 -17.01
CA SER A 42 -0.66 3.04 -18.44
C SER A 42 -1.88 2.53 -19.20
N ALA A 43 -2.49 1.48 -18.68
CA ALA A 43 -3.68 0.91 -19.31
C ALA A 43 -4.86 1.87 -19.13
N THR A 44 -4.96 2.44 -17.94
CA THR A 44 -6.02 3.38 -17.62
C THR A 44 -5.94 4.62 -18.49
N LYS A 45 -4.72 5.13 -18.67
CA LYS A 45 -4.51 6.32 -19.47
C LYS A 45 -5.13 6.15 -20.84
N SER A 46 -5.19 4.91 -21.31
CA SER A 46 -5.76 4.63 -22.61
C SER A 46 -7.29 4.66 -22.56
N LEU A 47 -7.86 4.33 -21.41
CA LEU A 47 -9.31 4.33 -21.25
C LEU A 47 -9.87 5.75 -21.27
N VAL A 48 -9.10 6.67 -20.69
CA VAL A 48 -9.52 8.07 -20.62
C VAL A 48 -10.17 8.50 -21.94
N SER A 49 -11.20 9.33 -21.84
CA SER A 49 -11.90 9.80 -23.03
C SER A 49 -12.35 8.63 -23.88
N GLY A 50 -12.16 7.41 -23.38
CA GLY A 50 -12.54 6.21 -24.11
C GLY A 50 -13.93 5.73 -23.68
N ASP A 51 -14.82 6.68 -23.45
CA ASP A 51 -16.19 6.36 -23.02
C ASP A 51 -17.18 7.34 -23.65
N GLU A 52 -18.18 6.80 -24.35
CA GLU A 52 -19.18 7.63 -25.00
C GLU A 52 -19.66 8.72 -24.05
N MET A 1 -7.27 8.38 26.62
CA MET A 1 -6.02 7.63 26.97
C MET A 1 -5.44 7.02 25.70
N PHE A 2 -6.26 6.22 25.03
CA PHE A 2 -5.86 5.55 23.82
C PHE A 2 -5.89 6.51 22.64
N SER A 3 -6.33 7.74 22.89
CA SER A 3 -6.42 8.76 21.85
C SER A 3 -5.24 9.74 21.96
N ASN A 4 -4.68 9.82 23.16
CA ASN A 4 -3.55 10.72 23.41
C ASN A 4 -2.26 10.11 22.89
N ILE A 5 -2.29 8.82 22.60
CA ILE A 5 -1.12 8.13 22.11
C ILE A 5 -0.67 8.70 20.77
N GLY A 6 -1.63 8.95 19.89
CA GLY A 6 -1.32 9.49 18.56
C GLY A 6 -0.49 8.50 17.76
N ILE A 7 0.52 8.98 17.06
CA ILE A 7 1.38 8.12 16.26
C ILE A 7 2.16 7.15 17.18
N PRO A 8 2.78 7.63 18.24
CA PRO A 8 3.54 6.74 19.16
C PRO A 8 2.84 5.39 19.38
N GLY A 9 1.51 5.42 19.45
CA GLY A 9 0.75 4.20 19.64
C GLY A 9 0.65 3.40 18.34
N LEU A 10 0.69 4.09 17.22
CA LEU A 10 0.60 3.46 15.91
C LEU A 10 1.78 2.52 15.68
N ILE A 11 2.98 2.94 16.11
CA ILE A 11 4.16 2.11 15.92
C ILE A 11 3.99 0.78 16.64
N LEU A 12 3.50 0.81 17.86
CA LEU A 12 3.29 -0.42 18.61
C LEU A 12 2.34 -1.32 17.87
N ILE A 13 1.25 -0.74 17.37
CA ILE A 13 0.27 -1.50 16.62
C ILE A 13 0.87 -2.02 15.32
N PHE A 14 1.63 -1.16 14.66
CA PHE A 14 2.21 -1.53 13.39
C PHE A 14 3.06 -2.78 13.54
N VAL A 15 3.82 -2.84 14.63
CA VAL A 15 4.68 -3.97 14.91
C VAL A 15 3.86 -5.25 14.97
N ILE A 16 2.70 -5.18 15.58
CA ILE A 16 1.83 -6.34 15.69
C ILE A 16 1.60 -6.94 14.30
N ALA A 17 1.52 -6.09 13.30
CA ALA A 17 1.31 -6.55 11.93
C ALA A 17 2.59 -7.17 11.38
N LEU A 18 3.72 -6.70 11.87
CA LEU A 18 5.01 -7.18 11.41
C LEU A 18 5.26 -8.62 11.86
N ILE A 19 4.88 -8.94 13.08
CA ILE A 19 5.11 -10.28 13.58
C ILE A 19 4.43 -11.29 12.66
N ILE A 20 3.22 -10.95 12.25
CA ILE A 20 2.45 -11.78 11.34
C ILE A 20 2.92 -11.58 9.91
N PHE A 21 2.93 -10.32 9.46
CA PHE A 21 3.35 -10.02 8.09
C PHE A 21 4.88 -9.99 7.98
N GLY A 22 5.51 -8.94 8.51
CA GLY A 22 6.96 -8.82 8.46
C GLY A 22 7.38 -7.58 7.66
N PRO A 23 8.46 -6.94 8.03
CA PRO A 23 8.98 -5.74 7.32
C PRO A 23 9.55 -6.08 5.94
N SER A 24 9.75 -7.37 5.69
CA SER A 24 10.30 -7.82 4.42
C SER A 24 9.19 -8.38 3.52
N LYS A 25 7.99 -8.50 4.10
CA LYS A 25 6.85 -9.02 3.36
C LYS A 25 5.93 -7.89 2.90
N LEU A 26 6.00 -6.76 3.59
CA LEU A 26 5.16 -5.62 3.24
C LEU A 26 5.73 -4.91 2.00
N PRO A 27 7.00 -4.58 1.99
CA PRO A 27 7.62 -3.88 0.83
C PRO A 27 7.59 -4.73 -0.45
N GLU A 28 7.62 -6.05 -0.29
CA GLU A 28 7.58 -6.94 -1.43
C GLU A 28 6.24 -6.84 -2.12
N ILE A 29 5.18 -6.74 -1.34
CA ILE A 29 3.84 -6.64 -1.90
C ILE A 29 3.67 -5.32 -2.66
N GLY A 30 4.17 -4.24 -2.09
CA GLY A 30 4.06 -2.93 -2.71
C GLY A 30 4.75 -2.93 -4.07
N ARG A 31 5.93 -3.52 -4.12
CA ARG A 31 6.69 -3.59 -5.36
C ARG A 31 5.95 -4.40 -6.40
N ALA A 32 5.44 -5.54 -5.96
CA ALA A 32 4.72 -6.42 -6.87
C ALA A 32 3.49 -5.71 -7.41
N ALA A 33 2.73 -5.09 -6.51
CA ALA A 33 1.54 -4.34 -6.90
C ALA A 33 1.95 -3.16 -7.76
N GLY A 34 3.16 -2.68 -7.49
CA GLY A 34 3.67 -1.52 -8.20
C GLY A 34 3.63 -1.75 -9.71
N ARG A 35 4.07 -2.93 -10.13
CA ARG A 35 4.08 -3.28 -11.54
C ARG A 35 2.67 -3.39 -12.09
N THR A 36 1.80 -4.01 -11.30
CA THR A 36 0.41 -4.18 -11.68
C THR A 36 -0.27 -2.83 -11.83
N LEU A 37 -0.02 -1.94 -10.90
CA LEU A 37 -0.62 -0.62 -10.93
C LEU A 37 -0.06 0.21 -12.08
N LEU A 38 1.23 0.03 -12.32
CA LEU A 38 1.91 0.77 -13.35
C LEU A 38 1.25 0.54 -14.70
N GLU A 39 0.88 -0.69 -14.97
CA GLU A 39 0.25 -1.00 -16.24
C GLU A 39 -1.20 -0.50 -16.23
N PHE A 40 -1.76 -0.30 -15.04
CA PHE A 40 -3.14 0.16 -14.92
C PHE A 40 -3.33 1.55 -15.51
N LYS A 41 -2.45 2.47 -15.14
CA LYS A 41 -2.56 3.84 -15.63
C LYS A 41 -2.31 3.89 -17.12
N SER A 42 -1.43 3.01 -17.59
CA SER A 42 -1.10 2.96 -19.00
C SER A 42 -2.32 2.52 -19.80
N ALA A 43 -3.07 1.58 -19.24
CA ALA A 43 -4.27 1.09 -19.90
C ALA A 43 -5.35 2.17 -19.90
N THR A 44 -5.42 2.90 -18.79
CA THR A 44 -6.38 3.98 -18.64
C THR A 44 -6.13 5.08 -19.67
N LYS A 45 -4.86 5.43 -19.85
CA LYS A 45 -4.50 6.47 -20.80
C LYS A 45 -5.06 6.13 -22.17
N SER A 46 -5.21 4.84 -22.43
CA SER A 46 -5.72 4.40 -23.70
C SER A 46 -7.24 4.62 -23.82
N LEU A 47 -7.93 4.52 -22.68
CA LEU A 47 -9.38 4.70 -22.65
C LEU A 47 -9.76 6.15 -22.94
N VAL A 48 -8.95 7.07 -22.43
CA VAL A 48 -9.21 8.50 -22.62
C VAL A 48 -9.64 8.79 -24.06
N SER A 49 -10.58 9.70 -24.21
CA SER A 49 -11.07 10.05 -25.54
C SER A 49 -11.38 8.78 -26.34
N GLY A 50 -11.78 7.73 -25.63
CA GLY A 50 -12.12 6.47 -26.29
C GLY A 50 -13.43 6.59 -27.06
N ASP A 51 -13.61 7.72 -27.72
CA ASP A 51 -14.82 7.97 -28.50
C ASP A 51 -14.68 7.39 -29.90
N GLU A 52 -15.45 6.33 -30.19
CA GLU A 52 -15.39 5.70 -31.50
C GLU A 52 -15.77 6.70 -32.59
N MET A 1 -6.03 8.35 27.12
CA MET A 1 -6.24 6.87 27.11
C MET A 1 -5.55 6.27 25.89
N PHE A 2 -6.33 5.56 25.06
CA PHE A 2 -5.80 4.93 23.87
C PHE A 2 -5.80 5.92 22.71
N SER A 3 -6.30 7.12 22.97
CA SER A 3 -6.37 8.16 21.95
C SER A 3 -5.24 9.19 22.16
N ASN A 4 -4.76 9.27 23.39
CA ASN A 4 -3.68 10.21 23.71
C ASN A 4 -2.34 9.68 23.21
N ILE A 5 -2.30 8.40 22.87
CA ILE A 5 -1.07 7.79 22.40
C ILE A 5 -0.65 8.40 21.07
N GLY A 6 -1.60 8.59 20.17
CA GLY A 6 -1.31 9.15 18.86
C GLY A 6 -0.43 8.19 18.05
N ILE A 7 0.57 8.75 17.37
CA ILE A 7 1.48 7.93 16.57
C ILE A 7 2.33 7.02 17.47
N PRO A 8 2.90 7.52 18.53
CA PRO A 8 3.72 6.66 19.45
C PRO A 8 3.06 5.30 19.67
N GLY A 9 1.72 5.29 19.63
CA GLY A 9 0.97 4.06 19.81
C GLY A 9 0.85 3.31 18.48
N LEU A 10 0.88 4.06 17.38
CA LEU A 10 0.76 3.45 16.06
C LEU A 10 1.92 2.49 15.81
N ILE A 11 3.13 2.90 16.20
CA ILE A 11 4.31 2.08 15.98
C ILE A 11 4.18 0.74 16.69
N LEU A 12 3.75 0.75 17.94
CA LEU A 12 3.60 -0.49 18.69
C LEU A 12 2.61 -1.40 17.98
N ILE A 13 1.51 -0.83 17.53
CA ILE A 13 0.50 -1.59 16.81
C ILE A 13 1.04 -2.09 15.48
N PHE A 14 1.77 -1.23 14.80
CA PHE A 14 2.29 -1.58 13.51
C PHE A 14 3.15 -2.83 13.62
N VAL A 15 3.94 -2.87 14.67
CA VAL A 15 4.83 -4.01 14.90
C VAL A 15 4.02 -5.30 15.00
N ILE A 16 2.89 -5.22 15.69
CA ILE A 16 2.03 -6.40 15.84
C ILE A 16 1.74 -7.00 14.48
N ALA A 17 1.65 -6.15 13.48
CA ALA A 17 1.39 -6.59 12.11
C ALA A 17 2.67 -7.17 11.51
N LEU A 18 3.80 -6.60 11.88
CA LEU A 18 5.08 -7.04 11.35
C LEU A 18 5.42 -8.45 11.80
N ILE A 19 5.14 -8.75 13.05
CA ILE A 19 5.45 -10.07 13.56
C ILE A 19 4.69 -11.12 12.75
N ILE A 20 3.45 -10.84 12.44
CA ILE A 20 2.63 -11.76 11.65
C ILE A 20 2.93 -11.62 10.15
N PHE A 21 3.13 -10.37 9.69
CA PHE A 21 3.42 -10.13 8.27
C PHE A 21 4.93 -10.05 8.02
N GLY A 22 5.58 -8.98 8.52
CA GLY A 22 7.03 -8.82 8.33
C GLY A 22 7.32 -7.53 7.55
N PRO A 23 8.39 -6.84 7.89
CA PRO A 23 8.77 -5.57 7.18
C PRO A 23 9.24 -5.85 5.76
N SER A 24 9.51 -7.12 5.47
CA SER A 24 9.97 -7.54 4.15
C SER A 24 8.81 -8.04 3.31
N LYS A 25 7.62 -8.16 3.92
CA LYS A 25 6.43 -8.63 3.22
C LYS A 25 5.53 -7.45 2.83
N LEU A 26 5.75 -6.30 3.44
CA LEU A 26 4.95 -5.12 3.13
C LEU A 26 5.50 -4.43 1.88
N PRO A 27 6.78 -4.22 1.81
CA PRO A 27 7.44 -3.57 0.63
C PRO A 27 7.20 -4.39 -0.65
N GLU A 28 7.13 -5.70 -0.48
CA GLU A 28 6.90 -6.61 -1.60
C GLU A 28 5.55 -6.37 -2.24
N ILE A 29 4.56 -6.10 -1.41
CA ILE A 29 3.21 -5.85 -1.90
C ILE A 29 3.18 -4.56 -2.72
N GLY A 30 3.85 -3.53 -2.22
CA GLY A 30 3.87 -2.24 -2.91
C GLY A 30 4.47 -2.40 -4.31
N ARG A 31 5.56 -3.15 -4.39
CA ARG A 31 6.22 -3.38 -5.66
C ARG A 31 5.31 -4.18 -6.58
N ALA A 32 4.68 -5.18 -6.02
CA ALA A 32 3.79 -6.03 -6.81
C ALA A 32 2.64 -5.19 -7.37
N ALA A 33 2.09 -4.34 -6.52
CA ALA A 33 1.00 -3.46 -6.94
C ALA A 33 1.53 -2.49 -7.99
N GLY A 34 2.82 -2.21 -7.89
CA GLY A 34 3.45 -1.27 -8.79
C GLY A 34 3.22 -1.67 -10.25
N ARG A 35 3.37 -2.97 -10.52
CA ARG A 35 3.16 -3.48 -11.88
C ARG A 35 1.70 -3.33 -12.29
N THR A 36 0.83 -3.60 -11.33
CA THR A 36 -0.60 -3.52 -11.55
C THR A 36 -0.99 -2.08 -11.87
N LEU A 37 -0.43 -1.15 -11.13
CA LEU A 37 -0.73 0.25 -11.35
C LEU A 37 -0.18 0.74 -12.67
N LEU A 38 1.00 0.23 -13.00
CA LEU A 38 1.69 0.61 -14.23
C LEU A 38 0.81 0.33 -15.43
N GLU A 39 0.16 -0.81 -15.44
CA GLU A 39 -0.70 -1.15 -16.56
C GLU A 39 -1.98 -0.32 -16.51
N PHE A 40 -2.32 0.19 -15.32
CA PHE A 40 -3.54 0.98 -15.15
C PHE A 40 -3.50 2.27 -15.96
N LYS A 41 -2.40 3.00 -15.87
CA LYS A 41 -2.27 4.25 -16.59
C LYS A 41 -2.26 4.01 -18.09
N SER A 42 -1.67 2.88 -18.48
CA SER A 42 -1.59 2.52 -19.88
C SER A 42 -2.99 2.28 -20.44
N ALA A 43 -3.84 1.66 -19.63
CA ALA A 43 -5.22 1.41 -20.02
C ALA A 43 -5.98 2.73 -20.12
N THR A 44 -5.67 3.64 -19.20
CA THR A 44 -6.30 4.94 -19.17
C THR A 44 -5.98 5.73 -20.45
N LYS A 45 -4.72 5.67 -20.86
CA LYS A 45 -4.30 6.40 -22.05
C LYS A 45 -5.20 6.03 -23.22
N SER A 46 -5.68 4.80 -23.22
CA SER A 46 -6.54 4.33 -24.28
C SER A 46 -7.96 4.89 -24.12
N LEU A 47 -8.38 5.11 -22.88
CA LEU A 47 -9.71 5.63 -22.61
C LEU A 47 -9.80 7.10 -23.03
N VAL A 48 -8.77 7.86 -22.69
CA VAL A 48 -8.74 9.27 -23.05
C VAL A 48 -8.49 9.46 -24.53
N SER A 49 -7.80 8.50 -25.12
CA SER A 49 -7.49 8.57 -26.54
C SER A 49 -8.77 8.58 -27.37
N GLY A 50 -9.72 7.73 -26.99
CA GLY A 50 -11.00 7.65 -27.70
C GLY A 50 -11.54 6.23 -27.70
N ASP A 51 -11.30 5.51 -26.61
CA ASP A 51 -11.78 4.13 -26.48
C ASP A 51 -13.00 4.06 -25.58
N GLU A 52 -14.15 3.76 -26.16
CA GLU A 52 -15.38 3.67 -25.38
C GLU A 52 -15.43 2.35 -24.60
N MET A 1 -7.20 9.06 25.91
CA MET A 1 -7.18 7.57 26.01
C MET A 1 -6.41 7.01 24.81
N PHE A 2 -7.12 6.26 23.98
CA PHE A 2 -6.50 5.65 22.81
C PHE A 2 -6.27 6.69 21.73
N SER A 3 -6.64 7.93 22.03
CA SER A 3 -6.46 9.03 21.08
C SER A 3 -5.24 9.88 21.46
N ASN A 4 -4.87 9.84 22.74
CA ASN A 4 -3.72 10.60 23.21
C ASN A 4 -2.42 9.91 22.82
N ILE A 5 -2.51 8.66 22.41
CA ILE A 5 -1.33 7.91 22.02
C ILE A 5 -0.68 8.54 20.80
N GLY A 6 -1.49 8.93 19.82
CA GLY A 6 -0.98 9.54 18.61
C GLY A 6 -0.17 8.51 17.80
N ILE A 7 0.99 8.93 17.30
CA ILE A 7 1.86 8.04 16.53
C ILE A 7 2.45 6.97 17.45
N PRO A 8 2.96 7.33 18.61
CA PRO A 8 3.54 6.34 19.56
C PRO A 8 2.70 5.06 19.60
N GLY A 9 1.39 5.20 19.39
CA GLY A 9 0.50 4.05 19.39
C GLY A 9 0.45 3.39 18.02
N LEU A 10 0.68 4.19 16.97
CA LEU A 10 0.67 3.67 15.61
C LEU A 10 1.73 2.60 15.44
N ILE A 11 2.91 2.84 16.00
CA ILE A 11 4.01 1.88 15.90
C ILE A 11 3.63 0.55 16.53
N LEU A 12 3.04 0.60 17.71
CA LEU A 12 2.65 -0.62 18.39
C LEU A 12 1.70 -1.42 17.52
N ILE A 13 0.71 -0.75 16.93
CA ILE A 13 -0.24 -1.40 16.03
C ILE A 13 0.48 -1.89 14.78
N PHE A 14 1.37 -1.06 14.27
CA PHE A 14 2.07 -1.39 13.05
C PHE A 14 2.80 -2.72 13.21
N VAL A 15 3.43 -2.89 14.35
CA VAL A 15 4.16 -4.12 14.65
C VAL A 15 3.25 -5.33 14.53
N ILE A 16 2.03 -5.20 15.03
CA ILE A 16 1.06 -6.29 14.98
C ILE A 16 0.91 -6.76 13.54
N ALA A 17 1.07 -5.84 12.62
CA ALA A 17 0.97 -6.17 11.19
C ALA A 17 2.27 -6.80 10.69
N LEU A 18 3.38 -6.40 11.28
CA LEU A 18 4.69 -6.91 10.90
C LEU A 18 4.88 -8.36 11.33
N ILE A 19 4.44 -8.66 12.54
CA ILE A 19 4.57 -10.02 13.05
C ILE A 19 3.86 -11.00 12.12
N ILE A 20 2.69 -10.59 11.66
CA ILE A 20 1.90 -11.40 10.74
C ILE A 20 2.44 -11.23 9.31
N PHE A 21 2.51 -9.98 8.84
CA PHE A 21 2.99 -9.72 7.50
C PHE A 21 4.52 -9.72 7.44
N GLY A 22 5.16 -8.67 7.98
CA GLY A 22 6.62 -8.59 7.97
C GLY A 22 7.08 -7.31 7.28
N PRO A 23 8.16 -6.73 7.73
CA PRO A 23 8.70 -5.47 7.14
C PRO A 23 9.30 -5.71 5.75
N SER A 24 9.54 -6.98 5.43
CA SER A 24 10.12 -7.34 4.13
C SER A 24 9.02 -7.68 3.13
N LYS A 25 7.87 -8.11 3.64
CA LYS A 25 6.76 -8.46 2.78
C LYS A 25 6.13 -7.20 2.21
N LEU A 26 6.01 -6.17 3.03
CA LEU A 26 5.43 -4.92 2.59
C LEU A 26 6.18 -4.37 1.37
N PRO A 27 7.45 -4.05 1.53
CA PRO A 27 8.26 -3.50 0.40
C PRO A 27 8.27 -4.44 -0.80
N GLU A 28 8.27 -5.74 -0.51
CA GLU A 28 8.26 -6.74 -1.58
C GLU A 28 6.92 -6.75 -2.31
N ILE A 29 5.84 -6.71 -1.54
CA ILE A 29 4.51 -6.71 -2.11
C ILE A 29 4.27 -5.41 -2.88
N GLY A 30 4.73 -4.31 -2.31
CA GLY A 30 4.55 -3.01 -2.95
C GLY A 30 5.18 -3.01 -4.34
N ARG A 31 6.38 -3.58 -4.44
CA ARG A 31 7.07 -3.65 -5.72
C ARG A 31 6.29 -4.48 -6.71
N ALA A 32 5.81 -5.62 -6.24
CA ALA A 32 5.07 -6.50 -7.12
C ALA A 32 3.81 -5.81 -7.62
N ALA A 33 3.09 -5.19 -6.70
CA ALA A 33 1.88 -4.45 -7.05
C ALA A 33 2.25 -3.28 -7.93
N GLY A 34 3.46 -2.78 -7.71
CA GLY A 34 3.93 -1.63 -8.46
C GLY A 34 3.85 -1.89 -9.96
N ARG A 35 4.31 -3.08 -10.37
CA ARG A 35 4.30 -3.46 -11.77
C ARG A 35 2.87 -3.57 -12.28
N THR A 36 2.01 -4.16 -11.45
CA THR A 36 0.62 -4.34 -11.80
C THR A 36 -0.06 -2.98 -11.97
N LEU A 37 0.23 -2.07 -11.05
CA LEU A 37 -0.36 -0.74 -11.11
C LEU A 37 0.22 0.06 -12.26
N LEU A 38 1.49 -0.16 -12.52
CA LEU A 38 2.18 0.54 -13.59
C LEU A 38 1.50 0.30 -14.92
N GLU A 39 1.07 -0.92 -15.15
CA GLU A 39 0.41 -1.23 -16.40
C GLU A 39 -1.02 -0.73 -16.39
N PHE A 40 -1.58 -0.52 -15.19
CA PHE A 40 -2.96 -0.05 -15.07
C PHE A 40 -3.12 1.35 -15.65
N LYS A 41 -2.24 2.25 -15.25
CA LYS A 41 -2.32 3.63 -15.71
C LYS A 41 -2.11 3.69 -17.22
N SER A 42 -1.27 2.80 -17.71
CA SER A 42 -0.99 2.75 -19.13
C SER A 42 -2.24 2.37 -19.89
N ALA A 43 -2.99 1.43 -19.32
CA ALA A 43 -4.23 0.98 -19.95
C ALA A 43 -5.31 2.06 -19.84
N THR A 44 -5.35 2.72 -18.70
CA THR A 44 -6.31 3.79 -18.46
C THR A 44 -6.07 4.93 -19.43
N LYS A 45 -4.82 5.29 -19.61
CA LYS A 45 -4.47 6.39 -20.50
C LYS A 45 -5.10 6.15 -21.87
N SER A 46 -5.30 4.89 -22.21
CA SER A 46 -5.87 4.54 -23.49
C SER A 46 -7.39 4.77 -23.49
N LEU A 47 -8.01 4.58 -22.34
CA LEU A 47 -9.46 4.75 -22.19
C LEU A 47 -9.87 6.21 -22.30
N VAL A 48 -8.91 7.09 -22.07
CA VAL A 48 -9.17 8.52 -22.11
C VAL A 48 -9.76 8.92 -23.46
N SER A 49 -9.21 8.34 -24.52
CA SER A 49 -9.68 8.62 -25.87
C SER A 49 -10.62 7.51 -26.35
N GLY A 50 -10.70 6.43 -25.57
CA GLY A 50 -11.56 5.31 -25.93
C GLY A 50 -13.02 5.65 -25.71
N ASP A 51 -13.40 6.88 -26.05
CA ASP A 51 -14.78 7.33 -25.88
C ASP A 51 -15.34 6.87 -24.54
N GLU A 52 -15.23 7.75 -23.54
CA GLU A 52 -15.72 7.43 -22.21
C GLU A 52 -17.10 6.79 -22.27
N MET A 1 -8.85 9.33 23.80
CA MET A 1 -8.46 7.96 24.25
C MET A 1 -7.37 7.43 23.32
N PHE A 2 -7.79 6.99 22.14
CA PHE A 2 -6.86 6.45 21.16
C PHE A 2 -6.22 7.59 20.37
N SER A 3 -6.62 8.81 20.67
CA SER A 3 -6.07 9.98 19.99
C SER A 3 -4.98 10.62 20.83
N ASN A 4 -5.02 10.35 22.13
CA ASN A 4 -4.03 10.90 23.04
C ASN A 4 -2.65 10.30 22.77
N ILE A 5 -2.64 9.06 22.29
CA ILE A 5 -1.39 8.39 22.00
C ILE A 5 -0.60 9.17 20.96
N GLY A 6 -1.25 9.45 19.82
CA GLY A 6 -0.60 10.18 18.73
C GLY A 6 -0.01 9.20 17.73
N ILE A 7 1.29 9.31 17.43
CA ILE A 7 1.94 8.41 16.48
C ILE A 7 2.59 7.17 17.15
N PRO A 8 2.97 7.25 18.41
CA PRO A 8 3.59 6.08 19.13
C PRO A 8 2.68 4.84 19.13
N GLY A 9 1.37 5.08 19.22
CA GLY A 9 0.40 3.98 19.24
C GLY A 9 0.38 3.25 17.90
N LEU A 10 0.66 4.00 16.84
CA LEU A 10 0.66 3.43 15.50
C LEU A 10 1.72 2.35 15.36
N ILE A 11 2.90 2.58 15.92
CA ILE A 11 3.98 1.62 15.84
C ILE A 11 3.57 0.30 16.49
N LEU A 12 2.95 0.37 17.65
CA LEU A 12 2.53 -0.83 18.34
C LEU A 12 1.57 -1.62 17.46
N ILE A 13 0.62 -0.90 16.86
CA ILE A 13 -0.34 -1.50 15.94
C ILE A 13 0.36 -2.02 14.70
N PHE A 14 1.28 -1.23 14.19
CA PHE A 14 1.97 -1.59 12.98
C PHE A 14 2.64 -2.94 13.16
N VAL A 15 3.28 -3.12 14.30
CA VAL A 15 3.96 -4.38 14.62
C VAL A 15 3.00 -5.55 14.49
N ILE A 16 1.79 -5.37 14.98
CA ILE A 16 0.79 -6.44 14.91
C ILE A 16 0.65 -6.92 13.48
N ALA A 17 0.81 -6.00 12.54
CA ALA A 17 0.72 -6.34 11.13
C ALA A 17 2.00 -7.04 10.66
N LEU A 18 3.12 -6.66 11.27
CA LEU A 18 4.41 -7.23 10.92
C LEU A 18 4.55 -8.67 11.35
N ILE A 19 4.06 -8.98 12.54
CA ILE A 19 4.14 -10.34 13.03
C ILE A 19 3.41 -11.28 12.08
N ILE A 20 2.26 -10.83 11.61
CA ILE A 20 1.47 -11.60 10.66
C ILE A 20 2.04 -11.45 9.25
N PHE A 21 2.21 -10.21 8.78
CA PHE A 21 2.74 -9.99 7.43
C PHE A 21 4.26 -10.08 7.39
N GLY A 22 4.96 -9.04 7.89
CA GLY A 22 6.41 -9.05 7.89
C GLY A 22 6.97 -7.73 7.32
N PRO A 23 8.07 -7.21 7.86
CA PRO A 23 8.67 -5.95 7.34
C PRO A 23 9.36 -6.17 6.00
N SER A 24 9.77 -7.42 5.78
CA SER A 24 10.47 -7.81 4.57
C SER A 24 9.49 -8.25 3.49
N LYS A 25 8.20 -8.07 3.75
CA LYS A 25 7.17 -8.46 2.81
C LYS A 25 6.58 -7.22 2.11
N LEU A 26 6.35 -6.17 2.87
CA LEU A 26 5.78 -4.97 2.30
C LEU A 26 6.67 -4.45 1.17
N PRO A 27 7.97 -4.46 1.34
CA PRO A 27 8.93 -3.99 0.29
C PRO A 27 8.81 -4.82 -0.98
N GLU A 28 8.77 -6.14 -0.79
CA GLU A 28 8.66 -7.08 -1.91
C GLU A 28 7.29 -6.97 -2.58
N ILE A 29 6.27 -6.86 -1.76
CA ILE A 29 4.91 -6.75 -2.26
C ILE A 29 4.73 -5.44 -3.03
N GLY A 30 5.25 -4.36 -2.48
CA GLY A 30 5.15 -3.06 -3.13
C GLY A 30 5.79 -3.09 -4.50
N ARG A 31 6.96 -3.71 -4.59
CA ARG A 31 7.67 -3.81 -5.86
C ARG A 31 6.86 -4.62 -6.85
N ALA A 32 6.35 -5.75 -6.37
CA ALA A 32 5.57 -6.62 -7.25
C ALA A 32 4.33 -5.89 -7.73
N ALA A 33 3.62 -5.26 -6.79
CA ALA A 33 2.44 -4.49 -7.13
C ALA A 33 2.85 -3.29 -7.98
N GLY A 34 4.08 -2.84 -7.76
CA GLY A 34 4.58 -1.69 -8.47
C GLY A 34 4.49 -1.90 -9.98
N ARG A 35 4.86 -3.09 -10.43
CA ARG A 35 4.81 -3.40 -11.86
C ARG A 35 3.37 -3.43 -12.35
N THR A 36 2.50 -4.00 -11.54
CA THR A 36 1.09 -4.11 -11.85
C THR A 36 0.45 -2.72 -11.96
N LEU A 37 0.82 -1.85 -11.03
CA LEU A 37 0.27 -0.51 -11.00
C LEU A 37 0.66 0.27 -12.26
N LEU A 38 1.87 0.04 -12.73
CA LEU A 38 2.35 0.71 -13.93
C LEU A 38 1.45 0.40 -15.10
N GLU A 39 0.95 -0.81 -15.12
CA GLU A 39 0.07 -1.24 -16.19
C GLU A 39 -1.32 -0.61 -16.01
N PHE A 40 -1.65 -0.26 -14.77
CA PHE A 40 -2.96 0.33 -14.49
C PHE A 40 -3.13 1.71 -15.14
N LYS A 41 -2.16 2.58 -14.91
CA LYS A 41 -2.22 3.92 -15.47
C LYS A 41 -2.14 3.88 -16.99
N SER A 42 -1.39 2.92 -17.48
CA SER A 42 -1.23 2.76 -18.92
C SER A 42 -2.56 2.38 -19.54
N ALA A 43 -3.31 1.53 -18.85
CA ALA A 43 -4.63 1.12 -19.33
C ALA A 43 -5.61 2.28 -19.25
N THR A 44 -5.54 3.01 -18.15
CA THR A 44 -6.41 4.16 -17.92
C THR A 44 -6.14 5.25 -18.97
N LYS A 45 -4.88 5.50 -19.23
CA LYS A 45 -4.49 6.51 -20.20
C LYS A 45 -5.16 6.23 -21.53
N SER A 46 -5.44 4.97 -21.77
CA SER A 46 -6.07 4.56 -23.01
C SER A 46 -7.57 4.90 -23.01
N LEU A 47 -8.19 4.86 -21.84
CA LEU A 47 -9.62 5.14 -21.72
C LEU A 47 -9.90 6.62 -21.96
N VAL A 48 -9.01 7.47 -21.48
CA VAL A 48 -9.16 8.92 -21.63
C VAL A 48 -9.73 9.26 -23.00
N SER A 49 -10.78 10.07 -23.03
CA SER A 49 -11.41 10.46 -24.28
C SER A 49 -12.04 9.24 -24.96
N GLY A 50 -11.24 8.22 -25.21
CA GLY A 50 -11.73 7.02 -25.86
C GLY A 50 -12.46 6.14 -24.86
N ASP A 51 -13.04 6.78 -23.85
CA ASP A 51 -13.79 6.07 -22.82
C ASP A 51 -15.21 5.79 -23.29
N GLU A 52 -15.51 4.52 -23.56
CA GLU A 52 -16.83 4.14 -24.02
C GLU A 52 -17.87 4.39 -22.93
N MET A 1 -8.00 10.11 22.79
CA MET A 1 -8.02 8.66 23.13
C MET A 1 -7.25 7.87 22.06
N PHE A 2 -7.94 6.96 21.40
CA PHE A 2 -7.31 6.15 20.36
C PHE A 2 -7.26 6.91 19.05
N SER A 3 -7.83 8.11 19.05
CA SER A 3 -7.84 8.94 17.84
C SER A 3 -6.80 10.05 17.94
N ASN A 4 -6.42 10.38 19.18
CA ASN A 4 -5.42 11.42 19.41
C ASN A 4 -4.02 10.90 19.13
N ILE A 5 -3.90 9.59 19.02
CA ILE A 5 -2.61 8.98 18.74
C ILE A 5 -2.10 9.37 17.38
N GLY A 6 -2.98 9.36 16.38
CA GLY A 6 -2.59 9.69 15.02
C GLY A 6 -1.62 8.67 14.47
N ILE A 7 -0.59 9.15 13.78
CA ILE A 7 0.42 8.26 13.21
C ILE A 7 1.23 7.58 14.31
N PRO A 8 1.69 8.30 15.31
CA PRO A 8 2.46 7.66 16.42
C PRO A 8 1.85 6.33 16.83
N GLY A 9 0.52 6.23 16.68
CA GLY A 9 -0.19 5.00 17.01
C GLY A 9 -0.15 4.03 15.84
N LEU A 10 -0.06 4.56 14.62
CA LEU A 10 -0.02 3.73 13.42
C LEU A 10 1.20 2.82 13.43
N ILE A 11 2.34 3.36 13.86
CA ILE A 11 3.57 2.60 13.90
C ILE A 11 3.43 1.38 14.80
N LEU A 12 2.87 1.56 15.98
CA LEU A 12 2.70 0.46 16.91
C LEU A 12 1.84 -0.62 16.28
N ILE A 13 0.76 -0.19 15.62
CA ILE A 13 -0.14 -1.12 14.94
C ILE A 13 0.56 -1.78 13.78
N PHE A 14 1.32 -1.01 13.04
CA PHE A 14 2.00 -1.52 11.87
C PHE A 14 2.90 -2.68 12.27
N VAL A 15 3.58 -2.51 13.39
CA VAL A 15 4.49 -3.52 13.91
C VAL A 15 3.73 -4.84 14.11
N ILE A 16 2.54 -4.73 14.64
CA ILE A 16 1.72 -5.94 14.88
C ILE A 16 1.63 -6.76 13.60
N ALA A 17 1.56 -6.08 12.47
CA ALA A 17 1.48 -6.77 11.19
C ALA A 17 2.83 -7.39 10.83
N LEU A 18 3.89 -6.75 11.28
CA LEU A 18 5.23 -7.22 11.00
C LEU A 18 5.54 -8.54 11.69
N ILE A 19 5.10 -8.69 12.92
CA ILE A 19 5.38 -9.92 13.65
C ILE A 19 4.83 -11.11 12.86
N ILE A 20 3.63 -10.93 12.35
CA ILE A 20 2.96 -11.94 11.54
C ILE A 20 3.52 -11.93 10.12
N PHE A 21 3.47 -10.77 9.46
CA PHE A 21 3.95 -10.67 8.10
C PHE A 21 5.47 -10.55 8.05
N GLY A 22 6.03 -9.41 8.45
CA GLY A 22 7.48 -9.22 8.44
C GLY A 22 7.89 -8.09 7.49
N PRO A 23 8.89 -7.31 7.83
CA PRO A 23 9.38 -6.19 6.97
C PRO A 23 10.09 -6.71 5.74
N SER A 24 10.44 -8.00 5.76
CA SER A 24 11.12 -8.61 4.62
C SER A 24 10.09 -9.11 3.62
N LYS A 25 8.82 -9.12 4.04
CA LYS A 25 7.72 -9.59 3.20
C LYS A 25 7.07 -8.45 2.42
N LEU A 26 7.23 -7.21 2.87
CA LEU A 26 6.66 -6.09 2.15
C LEU A 26 7.43 -5.90 0.84
N PRO A 27 8.74 -5.76 0.86
CA PRO A 27 9.57 -5.65 -0.38
C PRO A 27 9.02 -6.57 -1.50
N GLU A 28 8.85 -7.85 -1.17
CA GLU A 28 8.33 -8.81 -2.15
C GLU A 28 6.93 -8.43 -2.61
N ILE A 29 6.10 -8.05 -1.66
CA ILE A 29 4.73 -7.66 -1.97
C ILE A 29 4.73 -6.37 -2.81
N GLY A 30 5.56 -5.42 -2.41
CA GLY A 30 5.63 -4.15 -3.12
C GLY A 30 6.04 -4.36 -4.58
N ARG A 31 7.02 -5.22 -4.78
CA ARG A 31 7.49 -5.51 -6.12
C ARG A 31 6.40 -6.16 -6.94
N ALA A 32 5.76 -7.15 -6.35
CA ALA A 32 4.69 -7.86 -7.04
C ALA A 32 3.55 -6.91 -7.35
N ALA A 33 3.13 -6.16 -6.34
CA ALA A 33 2.08 -5.17 -6.51
C ALA A 33 2.56 -4.09 -7.46
N GLY A 34 3.87 -3.89 -7.46
CA GLY A 34 4.46 -2.85 -8.27
C GLY A 34 4.05 -3.02 -9.73
N ARG A 35 4.08 -4.26 -10.21
CA ARG A 35 3.71 -4.54 -11.59
C ARG A 35 2.24 -4.29 -11.81
N THR A 36 1.43 -4.74 -10.86
CA THR A 36 -0.01 -4.57 -10.92
C THR A 36 -0.37 -3.09 -10.87
N LEU A 37 0.29 -2.36 -9.98
CA LEU A 37 0.02 -0.94 -9.83
C LEU A 37 0.46 -0.16 -11.06
N LEU A 38 1.56 -0.59 -11.63
CA LEU A 38 2.13 0.06 -12.80
C LEU A 38 1.15 0.07 -13.94
N GLU A 39 0.46 -1.03 -14.13
CA GLU A 39 -0.51 -1.10 -15.21
C GLU A 39 -1.78 -0.34 -14.82
N PHE A 40 -1.96 -0.13 -13.52
CA PHE A 40 -3.14 0.57 -13.02
C PHE A 40 -3.18 2.01 -13.48
N LYS A 41 -2.07 2.71 -13.32
CA LYS A 41 -2.00 4.10 -13.71
C LYS A 41 -2.20 4.25 -15.21
N SER A 42 -1.70 3.27 -15.95
CA SER A 42 -1.82 3.28 -17.40
C SER A 42 -3.28 3.18 -17.80
N ALA A 43 -4.04 2.36 -17.06
CA ALA A 43 -5.46 2.21 -17.33
C ALA A 43 -6.19 3.48 -16.96
N THR A 44 -5.76 4.09 -15.85
CA THR A 44 -6.35 5.32 -15.38
C THR A 44 -6.17 6.43 -16.40
N LYS A 45 -4.98 6.54 -16.96
CA LYS A 45 -4.69 7.58 -17.93
C LYS A 45 -5.57 7.41 -19.16
N SER A 46 -5.72 6.18 -19.61
CA SER A 46 -6.55 5.91 -20.76
C SER A 46 -8.04 5.92 -20.39
N LEU A 47 -8.34 5.47 -19.18
CA LEU A 47 -9.69 5.41 -18.68
C LEU A 47 -10.20 6.80 -18.33
N VAL A 48 -9.38 7.53 -17.61
CA VAL A 48 -9.76 8.89 -17.19
C VAL A 48 -9.95 9.78 -18.41
N SER A 49 -9.20 9.48 -19.46
CA SER A 49 -9.30 10.25 -20.68
C SER A 49 -10.72 10.16 -21.25
N GLY A 50 -11.27 8.95 -21.23
CA GLY A 50 -12.62 8.74 -21.74
C GLY A 50 -12.62 8.62 -23.26
N ASP A 51 -11.59 7.96 -23.79
CA ASP A 51 -11.47 7.77 -25.23
C ASP A 51 -12.18 6.49 -25.67
N GLU A 52 -13.29 6.65 -26.39
CA GLU A 52 -14.04 5.50 -26.86
C GLU A 52 -13.20 4.67 -27.83
N MET A 1 -7.81 9.00 24.74
CA MET A 1 -6.87 8.00 25.31
C MET A 1 -6.15 7.29 24.18
N PHE A 2 -6.82 6.32 23.56
CA PHE A 2 -6.24 5.56 22.47
C PHE A 2 -6.31 6.34 21.18
N SER A 3 -6.93 7.52 21.24
CA SER A 3 -7.07 8.38 20.08
C SER A 3 -6.05 9.53 20.13
N ASN A 4 -5.59 9.84 21.35
CA ASN A 4 -4.62 10.91 21.52
C ASN A 4 -3.24 10.47 21.07
N ILE A 5 -3.07 9.17 20.90
CA ILE A 5 -1.79 8.63 20.47
C ILE A 5 -1.46 9.07 19.05
N GLY A 6 -2.46 9.01 18.17
CA GLY A 6 -2.26 9.40 16.78
C GLY A 6 -1.36 8.38 16.06
N ILE A 7 -0.43 8.88 15.27
CA ILE A 7 0.49 8.00 14.55
C ILE A 7 1.47 7.34 15.52
N PRO A 8 2.05 8.06 16.44
CA PRO A 8 3.00 7.45 17.41
C PRO A 8 2.49 6.11 17.91
N GLY A 9 1.16 5.97 17.96
CA GLY A 9 0.55 4.71 18.40
C GLY A 9 0.42 3.74 17.23
N LEU A 10 0.33 4.29 16.02
CA LEU A 10 0.20 3.45 14.83
C LEU A 10 1.42 2.57 14.65
N ILE A 11 2.60 3.14 14.91
CA ILE A 11 3.85 2.39 14.75
C ILE A 11 3.87 1.18 15.67
N LEU A 12 3.47 1.35 16.91
CA LEU A 12 3.48 0.24 17.86
C LEU A 12 2.59 -0.88 17.32
N ILE A 13 1.42 -0.50 16.82
CA ILE A 13 0.49 -1.46 16.25
C ILE A 13 1.07 -2.06 14.98
N PHE A 14 1.68 -1.22 14.18
CA PHE A 14 2.23 -1.66 12.92
C PHE A 14 3.22 -2.78 13.16
N VAL A 15 4.05 -2.62 14.19
CA VAL A 15 5.05 -3.61 14.54
C VAL A 15 4.40 -4.95 14.80
N ILE A 16 3.27 -4.93 15.49
CA ILE A 16 2.55 -6.17 15.79
C ILE A 16 2.33 -6.98 14.52
N ALA A 17 2.07 -6.28 13.44
CA ALA A 17 1.85 -6.94 12.14
C ALA A 17 3.17 -7.45 11.58
N LEU A 18 4.23 -6.75 11.89
CA LEU A 18 5.54 -7.12 11.38
C LEU A 18 5.99 -8.46 11.95
N ILE A 19 5.70 -8.69 13.22
CA ILE A 19 6.11 -9.93 13.84
C ILE A 19 5.51 -11.13 13.08
N ILE A 20 4.24 -10.99 12.70
CA ILE A 20 3.53 -12.03 11.98
C ILE A 20 3.80 -11.93 10.47
N PHE A 21 3.87 -10.71 9.94
CA PHE A 21 4.13 -10.52 8.52
C PHE A 21 5.62 -10.33 8.25
N GLY A 22 6.17 -9.18 8.66
CA GLY A 22 7.60 -8.90 8.46
C GLY A 22 7.79 -7.62 7.64
N PRO A 23 8.80 -6.84 7.92
CA PRO A 23 9.08 -5.58 7.17
C PRO A 23 9.62 -5.87 5.77
N SER A 24 9.98 -7.13 5.54
CA SER A 24 10.50 -7.55 4.23
C SER A 24 9.38 -8.15 3.38
N LYS A 25 8.28 -8.50 4.02
CA LYS A 25 7.14 -9.08 3.32
C LYS A 25 6.23 -7.98 2.82
N LEU A 26 6.38 -6.79 3.38
CA LEU A 26 5.55 -5.67 2.96
C LEU A 26 6.08 -5.10 1.63
N PRO A 27 7.34 -4.72 1.54
CA PRO A 27 7.92 -4.18 0.26
C PRO A 27 7.78 -5.16 -0.89
N GLU A 28 7.79 -6.45 -0.58
CA GLU A 28 7.63 -7.47 -1.61
C GLU A 28 6.25 -7.34 -2.25
N ILE A 29 5.26 -7.11 -1.42
CA ILE A 29 3.89 -6.96 -1.90
C ILE A 29 3.76 -5.70 -2.75
N GLY A 30 4.38 -4.62 -2.29
CA GLY A 30 4.32 -3.34 -3.01
C GLY A 30 4.89 -3.50 -4.42
N ARG A 31 6.01 -4.19 -4.52
CA ARG A 31 6.65 -4.40 -5.80
C ARG A 31 5.75 -5.22 -6.72
N ALA A 32 5.27 -6.32 -6.18
CA ALA A 32 4.40 -7.19 -6.96
C ALA A 32 3.14 -6.44 -7.38
N ALA A 33 2.53 -5.77 -6.42
CA ALA A 33 1.34 -4.97 -6.72
C ALA A 33 1.72 -3.83 -7.62
N GLY A 34 2.97 -3.40 -7.50
CA GLY A 34 3.46 -2.28 -8.27
C GLY A 34 3.25 -2.52 -9.77
N ARG A 35 3.58 -3.72 -10.22
CA ARG A 35 3.42 -4.07 -11.63
C ARG A 35 1.95 -4.10 -12.01
N THR A 36 1.14 -4.65 -11.11
CA THR A 36 -0.28 -4.74 -11.34
C THR A 36 -0.89 -3.34 -11.42
N LEU A 37 -0.46 -2.48 -10.53
CA LEU A 37 -0.97 -1.12 -10.51
C LEU A 37 -0.47 -0.32 -11.70
N LEU A 38 0.76 -0.61 -12.09
CA LEU A 38 1.40 0.07 -13.19
C LEU A 38 0.59 -0.11 -14.46
N GLU A 39 0.09 -1.30 -14.67
CA GLU A 39 -0.70 -1.56 -15.86
C GLU A 39 -2.10 -0.95 -15.71
N PHE A 40 -2.51 -0.71 -14.46
CA PHE A 40 -3.84 -0.15 -14.20
C PHE A 40 -3.98 1.26 -14.76
N LYS A 41 -3.00 2.10 -14.47
CA LYS A 41 -3.04 3.47 -14.95
C LYS A 41 -3.00 3.52 -16.46
N SER A 42 -2.26 2.58 -17.04
CA SER A 42 -2.14 2.50 -18.49
C SER A 42 -3.49 2.17 -19.12
N ALA A 43 -4.23 1.29 -18.46
CA ALA A 43 -5.55 0.91 -18.94
C ALA A 43 -6.54 2.05 -18.73
N THR A 44 -6.42 2.71 -17.59
CA THR A 44 -7.28 3.84 -17.25
C THR A 44 -7.07 4.99 -18.23
N LYS A 45 -5.82 5.24 -18.57
CA LYS A 45 -5.49 6.32 -19.47
C LYS A 45 -6.30 6.20 -20.74
N SER A 46 -6.59 4.97 -21.13
CA SER A 46 -7.37 4.73 -22.33
C SER A 46 -8.85 5.04 -22.11
N LEU A 47 -9.33 4.83 -20.88
CA LEU A 47 -10.73 5.10 -20.58
C LEU A 47 -11.00 6.59 -20.58
N VAL A 48 -10.10 7.35 -19.97
CA VAL A 48 -10.24 8.80 -19.90
C VAL A 48 -9.97 9.43 -21.24
N SER A 49 -9.09 8.81 -22.01
CA SER A 49 -8.74 9.34 -23.31
C SER A 49 -9.98 9.40 -24.21
N GLY A 50 -10.78 8.35 -24.18
CA GLY A 50 -12.00 8.30 -24.97
C GLY A 50 -11.68 8.17 -26.46
N ASP A 51 -10.62 7.42 -26.76
CA ASP A 51 -10.20 7.22 -28.15
C ASP A 51 -10.26 8.52 -28.93
N GLU A 52 -9.91 9.62 -28.25
CA GLU A 52 -9.92 10.93 -28.89
C GLU A 52 -8.76 11.05 -29.88
N MET A 1 -9.67 10.09 20.26
CA MET A 1 -8.98 9.08 21.11
C MET A 1 -8.01 8.28 20.26
N PHE A 2 -8.55 7.35 19.49
CA PHE A 2 -7.74 6.51 18.61
C PHE A 2 -7.45 7.22 17.30
N SER A 3 -7.96 8.44 17.18
CA SER A 3 -7.75 9.24 15.97
C SER A 3 -6.67 10.29 16.20
N ASN A 4 -6.46 10.64 17.47
CA ASN A 4 -5.46 11.64 17.82
C ASN A 4 -4.06 11.06 17.74
N ILE A 5 -3.98 9.74 17.67
CA ILE A 5 -2.70 9.06 17.59
C ILE A 5 -2.00 9.38 16.28
N GLY A 6 -2.75 9.36 15.18
CA GLY A 6 -2.18 9.63 13.87
C GLY A 6 -1.24 8.50 13.44
N ILE A 7 -0.08 8.87 12.90
CA ILE A 7 0.90 7.89 12.48
C ILE A 7 1.54 7.21 13.70
N PRO A 8 1.92 7.94 14.71
CA PRO A 8 2.52 7.32 15.93
C PRO A 8 1.79 6.05 16.33
N GLY A 9 0.48 6.00 16.04
CA GLY A 9 -0.30 4.83 16.35
C GLY A 9 -0.23 3.81 15.21
N LEU A 10 0.02 4.30 13.99
CA LEU A 10 0.11 3.43 12.82
C LEU A 10 1.26 2.44 12.99
N ILE A 11 2.38 2.91 13.52
CA ILE A 11 3.55 2.07 13.71
C ILE A 11 3.22 0.89 14.62
N LEU A 12 2.53 1.15 15.72
CA LEU A 12 2.20 0.10 16.65
C LEU A 12 1.38 -0.96 15.93
N ILE A 13 0.40 -0.52 15.16
CA ILE A 13 -0.44 -1.44 14.41
C ILE A 13 0.38 -2.17 13.36
N PHE A 14 1.25 -1.42 12.70
CA PHE A 14 2.04 -1.99 11.65
C PHE A 14 2.85 -3.16 12.18
N VAL A 15 3.40 -2.99 13.36
CA VAL A 15 4.20 -4.03 14.00
C VAL A 15 3.39 -5.31 14.15
N ILE A 16 2.14 -5.15 14.54
CA ILE A 16 1.24 -6.29 14.72
C ILE A 16 1.24 -7.15 13.47
N ALA A 17 1.45 -6.51 12.34
CA ALA A 17 1.50 -7.21 11.07
C ALA A 17 2.89 -7.81 10.86
N LEU A 18 3.90 -7.09 11.32
CA LEU A 18 5.28 -7.52 11.17
C LEU A 18 5.56 -8.79 11.96
N ILE A 19 5.04 -8.88 13.16
CA ILE A 19 5.27 -10.04 13.99
C ILE A 19 4.74 -11.29 13.28
N ILE A 20 3.56 -11.17 12.70
CA ILE A 20 2.96 -12.28 11.97
C ILE A 20 3.56 -12.41 10.57
N PHE A 21 3.84 -11.27 9.91
CA PHE A 21 4.41 -11.29 8.56
C PHE A 21 5.93 -11.14 8.60
N GLY A 22 6.43 -9.95 8.96
CA GLY A 22 7.86 -9.72 9.02
C GLY A 22 8.23 -8.46 8.24
N PRO A 23 9.18 -7.69 8.70
CA PRO A 23 9.60 -6.44 8.00
C PRO A 23 10.24 -6.75 6.65
N SER A 24 10.68 -7.99 6.48
CA SER A 24 11.32 -8.41 5.23
C SER A 24 10.29 -8.83 4.21
N LYS A 25 9.01 -8.82 4.62
CA LYS A 25 7.92 -9.20 3.73
C LYS A 25 7.21 -7.96 3.18
N LEU A 26 7.65 -6.78 3.60
CA LEU A 26 7.02 -5.55 3.14
C LEU A 26 7.63 -5.13 1.80
N PRO A 27 8.93 -5.30 1.60
CA PRO A 27 9.60 -4.96 0.32
C PRO A 27 9.10 -5.86 -0.82
N GLU A 28 8.79 -7.11 -0.47
CA GLU A 28 8.31 -8.08 -1.44
C GLU A 28 6.95 -7.67 -1.98
N ILE A 29 6.09 -7.18 -1.10
CA ILE A 29 4.75 -6.75 -1.51
C ILE A 29 4.85 -5.56 -2.45
N GLY A 30 5.72 -4.62 -2.11
CA GLY A 30 5.89 -3.43 -2.93
C GLY A 30 6.34 -3.80 -4.34
N ARG A 31 7.29 -4.73 -4.42
CA ARG A 31 7.80 -5.17 -5.70
C ARG A 31 6.72 -5.86 -6.50
N ALA A 32 5.99 -6.75 -5.84
CA ALA A 32 4.94 -7.49 -6.52
C ALA A 32 3.87 -6.53 -7.01
N ALA A 33 3.41 -5.67 -6.11
CA ALA A 33 2.41 -4.67 -6.45
C ALA A 33 2.99 -3.70 -7.46
N GLY A 34 4.31 -3.54 -7.39
CA GLY A 34 4.99 -2.61 -8.27
C GLY A 34 4.67 -2.91 -9.72
N ARG A 35 4.69 -4.20 -10.07
CA ARG A 35 4.40 -4.61 -11.43
C ARG A 35 2.95 -4.34 -11.78
N THR A 36 2.07 -4.62 -10.83
CA THR A 36 0.64 -4.39 -11.02
C THR A 36 0.38 -2.91 -11.20
N LEU A 37 1.03 -2.08 -10.39
CA LEU A 37 0.81 -0.66 -10.46
C LEU A 37 1.17 -0.12 -11.83
N LEU A 38 2.22 -0.66 -12.42
CA LEU A 38 2.63 -0.22 -13.73
C LEU A 38 1.50 -0.45 -14.72
N GLU A 39 0.80 -1.56 -14.56
CA GLU A 39 -0.31 -1.89 -15.43
C GLU A 39 -1.58 -1.24 -14.89
N PHE A 40 -1.57 -0.98 -13.59
CA PHE A 40 -2.72 -0.38 -12.94
C PHE A 40 -2.88 1.08 -13.35
N LYS A 41 -1.78 1.82 -13.29
CA LYS A 41 -1.80 3.22 -13.65
C LYS A 41 -2.16 3.38 -15.11
N SER A 42 -1.69 2.45 -15.92
CA SER A 42 -1.96 2.47 -17.34
C SER A 42 -3.46 2.26 -17.57
N ALA A 43 -4.07 1.38 -16.77
CA ALA A 43 -5.49 1.10 -16.88
C ALA A 43 -6.30 2.29 -16.38
N THR A 44 -5.84 2.89 -15.29
CA THR A 44 -6.50 4.05 -14.69
C THR A 44 -6.48 5.23 -15.66
N LYS A 45 -5.33 5.43 -16.31
CA LYS A 45 -5.18 6.54 -17.24
C LYS A 45 -6.30 6.51 -18.26
N SER A 46 -6.80 5.33 -18.57
CA SER A 46 -7.87 5.19 -19.54
C SER A 46 -9.22 5.60 -18.94
N LEU A 47 -9.37 5.39 -17.63
CA LEU A 47 -10.61 5.74 -16.95
C LEU A 47 -10.80 7.25 -16.86
N VAL A 48 -9.69 7.97 -16.74
CA VAL A 48 -9.73 9.42 -16.63
C VAL A 48 -10.76 10.01 -17.59
N SER A 49 -10.87 9.41 -18.76
CA SER A 49 -11.82 9.87 -19.77
C SER A 49 -11.85 8.91 -20.96
N GLY A 50 -12.85 8.03 -20.97
CA GLY A 50 -12.98 7.05 -22.05
C GLY A 50 -13.53 7.71 -23.30
N ASP A 51 -13.14 8.96 -23.51
CA ASP A 51 -13.59 9.71 -24.68
C ASP A 51 -12.59 10.81 -25.05
N GLU A 52 -11.92 10.63 -26.18
CA GLU A 52 -10.95 11.61 -26.64
C GLU A 52 -11.64 12.88 -27.13
N MET A 1 -8.91 8.46 22.18
CA MET A 1 -7.56 8.09 22.68
C MET A 1 -6.73 7.56 21.52
N PHE A 2 -7.26 6.55 20.86
CA PHE A 2 -6.59 5.93 19.72
C PHE A 2 -6.66 6.84 18.50
N SER A 3 -7.31 7.99 18.66
CA SER A 3 -7.46 8.95 17.56
C SER A 3 -6.49 10.12 17.75
N ASN A 4 -6.10 10.36 19.01
CA ASN A 4 -5.19 11.45 19.33
C ASN A 4 -3.74 11.04 19.11
N ILE A 5 -3.51 9.74 18.97
CA ILE A 5 -2.18 9.23 18.76
C ILE A 5 -1.62 9.69 17.42
N GLY A 6 -2.45 9.65 16.39
CA GLY A 6 -2.04 10.05 15.06
C GLY A 6 -1.20 8.95 14.42
N ILE A 7 -0.07 9.33 13.83
CA ILE A 7 0.82 8.35 13.20
C ILE A 7 1.65 7.63 14.26
N PRO A 8 2.17 8.32 15.24
CA PRO A 8 3.00 7.67 16.30
C PRO A 8 2.37 6.36 16.76
N GLY A 9 1.04 6.30 16.73
CA GLY A 9 0.33 5.09 17.12
C GLY A 9 0.25 4.11 15.96
N LEU A 10 0.30 4.65 14.73
CA LEU A 10 0.23 3.80 13.55
C LEU A 10 1.41 2.83 13.49
N ILE A 11 2.60 3.33 13.83
CA ILE A 11 3.79 2.52 13.80
C ILE A 11 3.67 1.34 14.76
N LEU A 12 3.18 1.59 15.96
CA LEU A 12 3.03 0.52 16.93
C LEU A 12 2.10 -0.55 16.37
N ILE A 13 1.00 -0.11 15.77
CA ILE A 13 0.05 -1.03 15.17
C ILE A 13 0.67 -1.74 13.98
N PHE A 14 1.41 -0.99 13.18
CA PHE A 14 1.99 -1.54 12.00
C PHE A 14 2.88 -2.73 12.38
N VAL A 15 3.62 -2.56 13.46
CA VAL A 15 4.53 -3.61 13.94
C VAL A 15 3.75 -4.88 14.21
N ILE A 16 2.57 -4.74 14.79
CA ILE A 16 1.73 -5.89 15.09
C ILE A 16 1.52 -6.73 13.85
N ALA A 17 1.44 -6.08 12.71
CA ALA A 17 1.25 -6.78 11.43
C ALA A 17 2.55 -7.45 11.00
N LEU A 18 3.66 -6.84 11.36
CA LEU A 18 4.95 -7.37 10.99
C LEU A 18 5.21 -8.71 11.64
N ILE A 19 4.78 -8.85 12.87
CA ILE A 19 4.99 -10.12 13.58
C ILE A 19 4.35 -11.27 12.80
N ILE A 20 3.14 -11.01 12.29
CA ILE A 20 2.40 -12.02 11.53
C ILE A 20 2.84 -11.99 10.06
N PHE A 21 3.12 -10.80 9.52
CA PHE A 21 3.53 -10.68 8.12
C PHE A 21 5.04 -10.67 8.00
N GLY A 22 5.68 -9.52 8.26
CA GLY A 22 7.12 -9.44 8.19
C GLY A 22 7.54 -8.18 7.41
N PRO A 23 8.61 -7.50 7.82
CA PRO A 23 9.09 -6.26 7.14
C PRO A 23 9.77 -6.53 5.83
N SER A 24 10.18 -7.78 5.70
CA SER A 24 10.92 -8.24 4.53
C SER A 24 9.99 -8.96 3.55
N LYS A 25 8.76 -9.18 4.00
CA LYS A 25 7.73 -9.82 3.19
C LYS A 25 6.80 -8.78 2.60
N LEU A 26 6.75 -7.58 3.19
CA LEU A 26 5.87 -6.53 2.67
C LEU A 26 6.51 -5.87 1.44
N PRO A 27 7.77 -5.51 1.52
CA PRO A 27 8.50 -4.87 0.39
C PRO A 27 8.46 -5.73 -0.88
N GLU A 28 8.59 -7.04 -0.68
CA GLU A 28 8.57 -7.98 -1.79
C GLU A 28 7.22 -7.94 -2.49
N ILE A 29 6.16 -7.94 -1.70
CA ILE A 29 4.81 -7.91 -2.23
C ILE A 29 4.55 -6.55 -2.89
N GLY A 30 5.01 -5.49 -2.23
CA GLY A 30 4.82 -4.15 -2.75
C GLY A 30 5.47 -3.99 -4.12
N ARG A 31 6.67 -4.52 -4.26
CA ARG A 31 7.38 -4.45 -5.53
C ARG A 31 6.63 -5.20 -6.61
N ALA A 32 6.24 -6.41 -6.29
CA ALA A 32 5.52 -7.24 -7.26
C ALA A 32 4.21 -6.56 -7.64
N ALA A 33 3.47 -6.13 -6.64
CA ALA A 33 2.22 -5.43 -6.88
C ALA A 33 2.50 -4.12 -7.56
N GLY A 34 3.69 -3.58 -7.29
CA GLY A 34 4.07 -2.32 -7.86
C GLY A 34 3.99 -2.34 -9.38
N ARG A 35 4.51 -3.40 -9.98
CA ARG A 35 4.47 -3.54 -11.43
C ARG A 35 3.04 -3.69 -11.93
N THR A 36 2.29 -4.53 -11.23
CA THR A 36 0.90 -4.78 -11.58
C THR A 36 0.08 -3.51 -11.42
N LEU A 37 0.31 -2.80 -10.33
CA LEU A 37 -0.41 -1.57 -10.06
C LEU A 37 -0.03 -0.48 -11.03
N LEU A 38 1.23 -0.48 -11.40
CA LEU A 38 1.76 0.52 -12.31
C LEU A 38 1.01 0.50 -13.63
N GLU A 39 0.68 -0.69 -14.09
CA GLU A 39 -0.03 -0.83 -15.36
C GLU A 39 -1.52 -0.58 -15.15
N PHE A 40 -2.00 -0.74 -13.92
CA PHE A 40 -3.41 -0.54 -13.63
C PHE A 40 -3.80 0.92 -13.76
N LYS A 41 -2.99 1.79 -13.19
CA LYS A 41 -3.28 3.21 -13.23
C LYS A 41 -3.23 3.73 -14.67
N SER A 42 -2.35 3.14 -15.45
CA SER A 42 -2.19 3.53 -16.84
C SER A 42 -3.45 3.16 -17.62
N ALA A 43 -4.09 2.07 -17.22
CA ALA A 43 -5.32 1.63 -17.87
C ALA A 43 -6.49 2.37 -17.28
N THR A 44 -6.51 2.51 -15.96
CA THR A 44 -7.58 3.22 -15.29
C THR A 44 -7.60 4.66 -15.75
N LYS A 45 -6.43 5.30 -15.77
CA LYS A 45 -6.31 6.69 -16.17
C LYS A 45 -6.80 6.89 -17.60
N SER A 46 -6.38 6.00 -18.49
CA SER A 46 -6.77 6.09 -19.88
C SER A 46 -8.21 5.59 -20.08
N LEU A 47 -8.63 4.66 -19.22
CA LEU A 47 -9.96 4.10 -19.31
C LEU A 47 -11.01 5.13 -18.91
N VAL A 48 -10.73 5.86 -17.82
CA VAL A 48 -11.67 6.88 -17.31
C VAL A 48 -12.57 7.42 -18.41
N SER A 49 -11.98 7.61 -19.59
CA SER A 49 -12.72 8.10 -20.74
C SER A 49 -12.00 7.71 -22.03
N GLY A 50 -10.68 7.83 -22.01
CA GLY A 50 -9.87 7.47 -23.18
C GLY A 50 -10.24 8.36 -24.37
N ASP A 51 -10.51 9.62 -24.09
CA ASP A 51 -10.88 10.57 -25.13
C ASP A 51 -9.70 10.82 -26.06
N GLU A 52 -10.01 11.00 -27.35
CA GLU A 52 -8.98 11.26 -28.34
C GLU A 52 -8.32 12.60 -28.11
N MET A 1 -8.63 7.93 25.15
CA MET A 1 -7.36 7.43 25.73
C MET A 1 -6.46 6.94 24.61
N PHE A 2 -7.05 6.16 23.71
CA PHE A 2 -6.32 5.59 22.58
C PHE A 2 -6.36 6.54 21.39
N SER A 3 -6.89 7.74 21.61
CA SER A 3 -6.98 8.74 20.55
C SER A 3 -5.91 9.81 20.72
N ASN A 4 -5.44 9.96 21.96
CA ASN A 4 -4.41 10.95 22.27
C ASN A 4 -3.03 10.43 21.90
N ILE A 5 -2.94 9.13 21.65
CA ILE A 5 -1.67 8.54 21.29
C ILE A 5 -1.18 9.05 19.95
N GLY A 6 -2.09 9.15 18.99
CA GLY A 6 -1.74 9.62 17.65
C GLY A 6 -0.94 8.57 16.90
N ILE A 7 0.14 8.99 16.26
CA ILE A 7 0.99 8.06 15.52
C ILE A 7 1.82 7.19 16.50
N PRO A 8 2.42 7.79 17.51
CA PRO A 8 3.25 7.01 18.49
C PRO A 8 2.61 5.67 18.85
N GLY A 9 1.29 5.65 18.98
CA GLY A 9 0.60 4.42 19.31
C GLY A 9 0.50 3.49 18.10
N LEU A 10 0.49 4.08 16.91
CA LEU A 10 0.40 3.30 15.69
C LEU A 10 1.62 2.40 15.51
N ILE A 11 2.79 2.92 15.85
CA ILE A 11 4.01 2.13 15.72
C ILE A 11 3.93 0.87 16.55
N LEU A 12 3.46 0.98 17.78
CA LEU A 12 3.35 -0.18 18.65
C LEU A 12 2.47 -1.22 17.98
N ILE A 13 1.34 -0.76 17.44
CA ILE A 13 0.42 -1.66 16.75
C ILE A 13 1.07 -2.20 15.48
N PHE A 14 1.74 -1.33 14.77
CA PHE A 14 2.35 -1.72 13.52
C PHE A 14 3.30 -2.89 13.74
N VAL A 15 4.06 -2.81 14.82
CA VAL A 15 5.02 -3.86 15.15
C VAL A 15 4.31 -5.20 15.28
N ILE A 16 3.15 -5.18 15.91
CA ILE A 16 2.37 -6.40 16.09
C ILE A 16 2.16 -7.09 14.76
N ALA A 17 2.05 -6.28 13.71
CA ALA A 17 1.87 -6.81 12.37
C ALA A 17 3.21 -7.31 11.81
N LEU A 18 4.28 -6.64 12.16
CA LEU A 18 5.61 -7.00 11.68
C LEU A 18 6.02 -8.37 12.19
N ILE A 19 5.74 -8.64 13.44
CA ILE A 19 6.11 -9.92 14.00
C ILE A 19 5.45 -11.06 13.22
N ILE A 20 4.20 -10.88 12.85
CA ILE A 20 3.48 -11.89 12.09
C ILE A 20 3.79 -11.77 10.59
N PHE A 21 3.91 -10.51 10.11
CA PHE A 21 4.20 -10.29 8.69
C PHE A 21 5.70 -10.11 8.46
N GLY A 22 6.26 -8.96 8.87
CA GLY A 22 7.68 -8.71 8.70
C GLY A 22 7.91 -7.42 7.90
N PRO A 23 8.91 -6.64 8.24
CA PRO A 23 9.20 -5.37 7.51
C PRO A 23 9.74 -5.64 6.11
N SER A 24 10.20 -6.87 5.88
CA SER A 24 10.74 -7.26 4.58
C SER A 24 9.65 -7.87 3.71
N LYS A 25 8.44 -7.95 4.24
CA LYS A 25 7.30 -8.49 3.48
C LYS A 25 6.42 -7.37 2.94
N LEU A 26 6.69 -6.14 3.36
CA LEU A 26 5.90 -5.01 2.90
C LEU A 26 6.41 -4.51 1.54
N PRO A 27 7.72 -4.46 1.36
CA PRO A 27 8.32 -4.01 0.06
C PRO A 27 7.97 -4.97 -1.08
N GLU A 28 7.90 -6.25 -0.75
CA GLU A 28 7.57 -7.28 -1.73
C GLU A 28 6.15 -7.09 -2.25
N ILE A 29 5.24 -6.77 -1.36
CA ILE A 29 3.85 -6.57 -1.72
C ILE A 29 3.72 -5.35 -2.63
N GLY A 30 4.42 -4.28 -2.28
CA GLY A 30 4.37 -3.06 -3.07
C GLY A 30 4.88 -3.31 -4.48
N ARG A 31 5.97 -4.06 -4.58
CA ARG A 31 6.55 -4.38 -5.87
C ARG A 31 5.61 -5.24 -6.69
N ALA A 32 5.04 -6.23 -6.04
CA ALA A 32 4.12 -7.13 -6.72
C ALA A 32 2.91 -6.35 -7.23
N ALA A 33 2.33 -5.55 -6.35
CA ALA A 33 1.20 -4.72 -6.72
C ALA A 33 1.64 -3.70 -7.75
N GLY A 34 2.90 -3.33 -7.66
CA GLY A 34 3.46 -2.34 -8.56
C GLY A 34 3.23 -2.74 -10.01
N ARG A 35 3.48 -4.00 -10.32
CA ARG A 35 3.29 -4.51 -11.68
C ARG A 35 1.82 -4.46 -12.06
N THR A 36 0.97 -4.86 -11.12
CA THR A 36 -0.46 -4.88 -11.34
C THR A 36 -0.97 -3.46 -11.57
N LEU A 37 -0.49 -2.53 -10.77
CA LEU A 37 -0.90 -1.15 -10.90
C LEU A 37 -0.34 -0.53 -12.17
N LEU A 38 0.86 -0.94 -12.51
CA LEU A 38 1.54 -0.41 -13.67
C LEU A 38 0.71 -0.65 -14.92
N GLU A 39 0.11 -1.82 -15.02
CA GLU A 39 -0.69 -2.14 -16.18
C GLU A 39 -2.04 -1.41 -16.10
N PHE A 40 -2.44 -1.04 -14.89
CA PHE A 40 -3.71 -0.35 -14.71
C PHE A 40 -3.71 1.04 -15.35
N LYS A 41 -2.68 1.82 -15.06
CA LYS A 41 -2.59 3.17 -15.60
C LYS A 41 -2.43 3.12 -17.10
N SER A 42 -1.74 2.10 -17.57
CA SER A 42 -1.52 1.93 -18.99
C SER A 42 -2.86 1.67 -19.69
N ALA A 43 -3.74 0.94 -19.01
CA ALA A 43 -5.06 0.65 -19.55
C ALA A 43 -5.96 1.88 -19.44
N THR A 44 -5.89 2.55 -18.31
CA THR A 44 -6.68 3.75 -18.08
C THR A 44 -6.29 4.87 -19.05
N LYS A 45 -5.00 5.03 -19.26
CA LYS A 45 -4.49 6.05 -20.15
C LYS A 45 -5.14 5.92 -21.52
N SER A 46 -5.52 4.70 -21.87
CA SER A 46 -6.15 4.46 -23.16
C SER A 46 -7.62 4.91 -23.15
N LEU A 47 -8.26 4.82 -21.98
CA LEU A 47 -9.66 5.21 -21.85
C LEU A 47 -9.83 6.72 -21.99
N VAL A 48 -8.86 7.46 -21.48
CA VAL A 48 -8.90 8.92 -21.53
C VAL A 48 -9.41 9.40 -22.88
N SER A 49 -10.38 10.30 -22.87
CA SER A 49 -10.95 10.82 -24.11
C SER A 49 -11.15 9.69 -25.12
N GLY A 50 -11.76 8.60 -24.66
CA GLY A 50 -12.00 7.46 -25.55
C GLY A 50 -13.10 7.76 -26.56
N ASP A 51 -13.10 9.00 -27.05
CA ASP A 51 -14.10 9.44 -28.03
C ASP A 51 -13.41 10.08 -29.23
N GLU A 52 -13.37 9.35 -30.34
CA GLU A 52 -12.75 9.86 -31.55
C GLU A 52 -13.08 8.96 -32.75
N MET A 1 -9.13 9.97 21.41
CA MET A 1 -8.79 8.66 22.02
C MET A 1 -7.75 7.94 21.17
N PHE A 2 -8.17 6.87 20.49
CA PHE A 2 -7.28 6.12 19.64
C PHE A 2 -7.05 6.84 18.33
N SER A 3 -7.72 7.98 18.16
CA SER A 3 -7.57 8.76 16.94
C SER A 3 -6.57 9.89 17.16
N ASN A 4 -6.38 10.27 18.42
CA ASN A 4 -5.44 11.33 18.76
C ASN A 4 -4.01 10.88 18.49
N ILE A 5 -3.78 9.58 18.58
CA ILE A 5 -2.46 9.05 18.34
C ILE A 5 -2.01 9.35 16.93
N GLY A 6 -2.86 9.06 15.95
CA GLY A 6 -2.51 9.31 14.56
C GLY A 6 -1.37 8.39 14.11
N ILE A 7 -0.38 8.97 13.44
CA ILE A 7 0.76 8.18 12.96
C ILE A 7 1.47 7.52 14.13
N PRO A 8 1.89 8.25 15.12
CA PRO A 8 2.57 7.68 16.33
C PRO A 8 1.90 6.41 16.85
N GLY A 9 0.59 6.25 16.60
CA GLY A 9 -0.12 5.02 16.99
C GLY A 9 -0.02 4.02 15.85
N LEU A 10 0.12 4.55 14.63
CA LEU A 10 0.23 3.72 13.44
C LEU A 10 1.47 2.82 13.50
N ILE A 11 2.60 3.38 13.95
CA ILE A 11 3.84 2.61 14.03
C ILE A 11 3.66 1.40 14.93
N LEU A 12 3.05 1.59 16.08
CA LEU A 12 2.85 0.49 17.01
C LEU A 12 2.04 -0.61 16.34
N ILE A 13 0.97 -0.22 15.65
CA ILE A 13 0.14 -1.17 14.93
C ILE A 13 0.91 -1.80 13.79
N PHE A 14 1.66 -0.98 13.09
CA PHE A 14 2.41 -1.45 11.95
C PHE A 14 3.32 -2.60 12.36
N VAL A 15 3.96 -2.42 13.50
CA VAL A 15 4.87 -3.44 14.02
C VAL A 15 4.14 -4.77 14.19
N ILE A 16 2.92 -4.70 14.69
CA ILE A 16 2.13 -5.92 14.90
C ILE A 16 2.06 -6.73 13.62
N ALA A 17 2.02 -6.05 12.48
CA ALA A 17 1.95 -6.73 11.19
C ALA A 17 3.31 -7.34 10.84
N LEU A 18 4.37 -6.70 11.33
CA LEU A 18 5.72 -7.15 11.06
C LEU A 18 6.03 -8.47 11.77
N ILE A 19 5.60 -8.58 13.01
CA ILE A 19 5.87 -9.80 13.77
C ILE A 19 5.31 -11.01 13.03
N ILE A 20 4.10 -10.84 12.52
CA ILE A 20 3.43 -11.88 11.76
C ILE A 20 3.97 -11.92 10.34
N PHE A 21 3.93 -10.78 9.64
CA PHE A 21 4.41 -10.73 8.26
C PHE A 21 5.92 -10.58 8.21
N GLY A 22 6.44 -9.38 8.49
CA GLY A 22 7.88 -9.15 8.46
C GLY A 22 8.21 -7.92 7.61
N PRO A 23 9.21 -7.16 7.98
CA PRO A 23 9.63 -5.94 7.22
C PRO A 23 10.27 -6.30 5.88
N SER A 24 10.71 -7.55 5.76
CA SER A 24 11.36 -8.02 4.55
C SER A 24 10.33 -8.65 3.60
N LYS A 25 9.27 -9.20 4.17
CA LYS A 25 8.24 -9.83 3.37
C LYS A 25 7.31 -8.79 2.76
N LEU A 26 7.09 -7.71 3.49
CA LEU A 26 6.22 -6.63 3.02
C LEU A 26 6.74 -6.06 1.70
N PRO A 27 7.92 -5.51 1.68
CA PRO A 27 8.51 -4.91 0.45
C PRO A 27 8.48 -5.89 -0.72
N GLU A 28 8.64 -7.17 -0.42
CA GLU A 28 8.61 -8.19 -1.46
C GLU A 28 7.25 -8.21 -2.12
N ILE A 29 6.21 -8.20 -1.30
CA ILE A 29 4.84 -8.21 -1.80
C ILE A 29 4.53 -6.90 -2.51
N GLY A 30 4.99 -5.80 -1.92
CA GLY A 30 4.76 -4.48 -2.48
C GLY A 30 5.32 -4.39 -3.89
N ARG A 31 6.52 -4.93 -4.08
CA ARG A 31 7.15 -4.91 -5.39
C ARG A 31 6.34 -5.70 -6.40
N ALA A 32 5.93 -6.89 -5.99
CA ALA A 32 5.16 -7.75 -6.88
C ALA A 32 3.85 -7.07 -7.26
N ALA A 33 3.13 -6.60 -6.25
CA ALA A 33 1.87 -5.89 -6.46
C ALA A 33 2.15 -4.61 -7.21
N GLY A 34 3.34 -4.07 -7.00
CA GLY A 34 3.72 -2.83 -7.62
C GLY A 34 3.55 -2.90 -9.13
N ARG A 35 3.99 -4.01 -9.71
CA ARG A 35 3.87 -4.21 -11.16
C ARG A 35 2.42 -4.31 -11.56
N THR A 36 1.65 -5.05 -10.78
CA THR A 36 0.24 -5.23 -11.04
C THR A 36 -0.50 -3.90 -10.92
N LEU A 37 -0.16 -3.14 -9.90
CA LEU A 37 -0.80 -1.85 -9.70
C LEU A 37 -0.38 -0.85 -10.76
N LEU A 38 0.88 -0.96 -11.17
CA LEU A 38 1.43 -0.05 -12.16
C LEU A 38 0.63 -0.12 -13.44
N GLU A 39 0.24 -1.31 -13.84
CA GLU A 39 -0.53 -1.46 -15.05
C GLU A 39 -1.97 -1.02 -14.82
N PHE A 40 -2.41 -1.01 -13.55
CA PHE A 40 -3.78 -0.62 -13.22
C PHE A 40 -4.05 0.83 -13.58
N LYS A 41 -3.16 1.72 -13.17
CA LYS A 41 -3.32 3.13 -13.45
C LYS A 41 -3.27 3.40 -14.94
N SER A 42 -2.45 2.61 -15.63
CA SER A 42 -2.31 2.76 -17.06
C SER A 42 -3.62 2.42 -17.75
N ALA A 43 -4.29 1.38 -17.25
CA ALA A 43 -5.58 0.97 -17.80
C ALA A 43 -6.66 1.98 -17.44
N THR A 44 -6.63 2.46 -16.21
CA THR A 44 -7.60 3.44 -15.74
C THR A 44 -7.46 4.74 -16.52
N LYS A 45 -6.24 5.17 -16.73
CA LYS A 45 -6.00 6.40 -17.46
C LYS A 45 -6.68 6.36 -18.81
N SER A 46 -6.83 5.16 -19.33
CA SER A 46 -7.47 4.98 -20.63
C SER A 46 -8.98 5.18 -20.52
N LEU A 47 -9.54 4.82 -19.37
CA LEU A 47 -10.97 4.96 -19.17
C LEU A 47 -11.36 6.43 -19.06
N VAL A 48 -10.55 7.20 -18.37
CA VAL A 48 -10.81 8.63 -18.21
C VAL A 48 -10.35 9.37 -19.44
N SER A 49 -10.88 10.56 -19.62
CA SER A 49 -10.54 11.39 -20.74
C SER A 49 -11.26 10.91 -22.00
N GLY A 50 -11.56 9.60 -22.05
CA GLY A 50 -12.25 9.04 -23.20
C GLY A 50 -11.41 9.18 -24.46
N ASP A 51 -10.10 9.00 -24.31
CA ASP A 51 -9.19 9.10 -25.45
C ASP A 51 -9.53 10.31 -26.30
N GLU A 52 -9.09 11.48 -25.86
CA GLU A 52 -9.34 12.72 -26.59
C GLU A 52 -8.90 12.57 -28.04
N MET A 1 -8.59 8.49 24.61
CA MET A 1 -7.21 8.34 25.17
C MET A 1 -6.31 7.73 24.11
N PHE A 2 -6.81 6.67 23.48
CA PHE A 2 -6.06 5.97 22.45
C PHE A 2 -6.15 6.73 21.14
N SER A 3 -6.93 7.81 21.12
CA SER A 3 -7.09 8.62 19.92
C SER A 3 -6.16 9.83 19.98
N ASN A 4 -5.79 10.22 21.20
CA ASN A 4 -4.91 11.36 21.39
C ASN A 4 -3.52 11.04 20.88
N ILE A 5 -3.13 9.78 20.99
CA ILE A 5 -1.81 9.38 20.54
C ILE A 5 -1.55 9.87 19.12
N GLY A 6 -2.37 9.42 18.17
CA GLY A 6 -2.20 9.80 16.77
C GLY A 6 -1.46 8.70 16.01
N ILE A 7 -0.68 9.08 15.01
CA ILE A 7 0.09 8.12 14.24
C ILE A 7 0.84 7.17 15.19
N PRO A 8 1.53 7.66 16.22
CA PRO A 8 2.26 6.77 17.17
C PRO A 8 1.48 5.47 17.45
N GLY A 9 0.18 5.58 17.65
CA GLY A 9 -0.65 4.41 17.92
C GLY A 9 -0.60 3.43 16.76
N LEU A 10 -0.55 3.96 15.55
CA LEU A 10 -0.51 3.13 14.35
C LEU A 10 0.77 2.27 14.33
N ILE A 11 1.89 2.85 14.74
CA ILE A 11 3.15 2.13 14.77
C ILE A 11 3.05 0.93 15.68
N LEU A 12 2.46 1.10 16.86
CA LEU A 12 2.34 -0.01 17.78
C LEU A 12 1.56 -1.14 17.12
N ILE A 13 0.47 -0.79 16.46
CA ILE A 13 -0.35 -1.78 15.75
C ILE A 13 0.42 -2.36 14.58
N PHE A 14 1.13 -1.49 13.87
CA PHE A 14 1.86 -1.92 12.71
C PHE A 14 2.85 -3.01 13.09
N VAL A 15 3.50 -2.84 14.21
CA VAL A 15 4.47 -3.82 14.70
C VAL A 15 3.82 -5.17 14.84
N ILE A 16 2.60 -5.17 15.37
CA ILE A 16 1.86 -6.43 15.55
C ILE A 16 1.81 -7.20 14.24
N ALA A 17 1.74 -6.45 13.15
CA ALA A 17 1.70 -7.04 11.82
C ALA A 17 3.10 -7.52 11.42
N LEU A 18 4.12 -6.76 11.81
CA LEU A 18 5.49 -7.08 11.47
C LEU A 18 5.93 -8.39 12.11
N ILE A 19 5.55 -8.60 13.34
CA ILE A 19 5.93 -9.83 14.01
C ILE A 19 5.39 -11.05 13.26
N ILE A 20 4.15 -10.95 12.80
CA ILE A 20 3.53 -12.04 12.06
C ILE A 20 3.97 -12.01 10.59
N PHE A 21 4.10 -10.79 10.02
CA PHE A 21 4.52 -10.64 8.63
C PHE A 21 6.02 -10.40 8.53
N GLY A 22 6.48 -9.18 8.89
CA GLY A 22 7.90 -8.86 8.84
C GLY A 22 8.14 -7.64 7.95
N PRO A 23 9.08 -6.78 8.31
CA PRO A 23 9.39 -5.56 7.50
C PRO A 23 10.13 -5.90 6.20
N SER A 24 10.55 -7.15 6.07
CA SER A 24 11.25 -7.60 4.86
C SER A 24 10.23 -8.17 3.89
N LYS A 25 9.02 -8.36 4.38
CA LYS A 25 7.95 -8.92 3.57
C LYS A 25 7.19 -7.82 2.84
N LEU A 26 7.36 -6.58 3.29
CA LEU A 26 6.69 -5.47 2.64
C LEU A 26 7.40 -5.14 1.31
N PRO A 27 8.71 -4.88 1.29
CA PRO A 27 9.43 -4.62 0.02
C PRO A 27 8.96 -5.55 -1.11
N GLU A 28 8.79 -6.82 -0.77
CA GLU A 28 8.36 -7.81 -1.76
C GLU A 28 6.95 -7.52 -2.25
N ILE A 29 6.06 -7.18 -1.34
CA ILE A 29 4.67 -6.89 -1.70
C ILE A 29 4.59 -5.65 -2.57
N GLY A 30 5.35 -4.63 -2.20
CA GLY A 30 5.35 -3.38 -2.95
C GLY A 30 5.77 -3.62 -4.39
N ARG A 31 6.81 -4.43 -4.58
CA ARG A 31 7.30 -4.74 -5.91
C ARG A 31 6.25 -5.47 -6.71
N ALA A 32 5.63 -6.46 -6.08
CA ALA A 32 4.61 -7.24 -6.76
C ALA A 32 3.46 -6.34 -7.16
N ALA A 33 3.00 -5.52 -6.23
CA ALA A 33 1.92 -4.58 -6.51
C ALA A 33 2.40 -3.57 -7.54
N GLY A 34 3.70 -3.33 -7.52
CA GLY A 34 4.29 -2.37 -8.43
C GLY A 34 3.96 -2.71 -9.87
N ARG A 35 4.07 -3.99 -10.21
CA ARG A 35 3.78 -4.44 -11.57
C ARG A 35 2.31 -4.30 -11.89
N THR A 36 1.48 -4.65 -10.90
CA THR A 36 0.04 -4.57 -11.06
C THR A 36 -0.41 -3.14 -11.27
N LEU A 37 0.14 -2.23 -10.49
CA LEU A 37 -0.21 -0.83 -10.61
C LEU A 37 0.27 -0.24 -11.92
N LEU A 38 1.43 -0.68 -12.33
CA LEU A 38 2.05 -0.21 -13.57
C LEU A 38 1.13 -0.45 -14.76
N GLU A 39 0.50 -1.61 -14.78
CA GLU A 39 -0.40 -1.93 -15.87
C GLU A 39 -1.74 -1.22 -15.68
N PHE A 40 -2.02 -0.83 -14.43
CA PHE A 40 -3.27 -0.16 -14.12
C PHE A 40 -3.39 1.18 -14.81
N LYS A 41 -2.34 1.99 -14.68
CA LYS A 41 -2.34 3.31 -15.29
C LYS A 41 -2.42 3.20 -16.80
N SER A 42 -1.78 2.17 -17.34
CA SER A 42 -1.79 1.95 -18.77
C SER A 42 -3.21 1.64 -19.26
N ALA A 43 -3.93 0.87 -18.46
CA ALA A 43 -5.30 0.52 -18.80
C ALA A 43 -6.18 1.76 -18.71
N THR A 44 -5.90 2.59 -17.71
CA THR A 44 -6.63 3.82 -17.49
C THR A 44 -6.46 4.78 -18.67
N LYS A 45 -5.24 4.88 -19.16
CA LYS A 45 -4.95 5.78 -20.26
C LYS A 45 -5.91 5.52 -21.41
N SER A 46 -6.31 4.26 -21.55
CA SER A 46 -7.22 3.88 -22.61
C SER A 46 -8.65 4.34 -22.32
N LEU A 47 -9.01 4.38 -21.03
CA LEU A 47 -10.35 4.80 -20.64
C LEU A 47 -10.53 6.29 -20.87
N VAL A 48 -9.52 7.07 -20.49
CA VAL A 48 -9.56 8.51 -20.65
C VAL A 48 -9.39 8.90 -22.11
N SER A 49 -8.63 8.09 -22.83
CA SER A 49 -8.37 8.37 -24.23
C SER A 49 -9.69 8.52 -24.98
N GLY A 50 -10.69 7.76 -24.56
CA GLY A 50 -11.99 7.83 -25.21
C GLY A 50 -12.61 9.21 -25.06
N ASP A 51 -12.17 10.14 -25.91
CA ASP A 51 -12.68 11.51 -25.88
C ASP A 51 -14.14 11.54 -26.32
N GLU A 52 -14.93 12.36 -25.64
CA GLU A 52 -16.34 12.50 -25.97
C GLU A 52 -16.54 12.63 -27.47
N MET A 1 -7.28 9.67 24.92
CA MET A 1 -7.24 8.20 25.15
C MET A 1 -6.32 7.53 24.12
N PHE A 2 -6.88 6.62 23.35
CA PHE A 2 -6.11 5.92 22.33
C PHE A 2 -5.94 6.80 21.10
N SER A 3 -6.40 8.05 21.20
CA SER A 3 -6.29 9.00 20.10
C SER A 3 -5.12 9.95 20.34
N ASN A 4 -4.76 10.15 21.60
CA ASN A 4 -3.67 11.04 21.95
C ASN A 4 -2.33 10.44 21.53
N ILE A 5 -2.30 9.14 21.32
CA ILE A 5 -1.08 8.47 20.92
C ILE A 5 -0.63 8.93 19.55
N GLY A 6 -1.56 9.05 18.62
CA GLY A 6 -1.24 9.49 17.26
C GLY A 6 -0.47 8.40 16.51
N ILE A 7 0.58 8.80 15.80
CA ILE A 7 1.41 7.85 15.07
C ILE A 7 2.21 6.96 16.05
N PRO A 8 2.84 7.53 17.06
CA PRO A 8 3.62 6.73 18.04
C PRO A 8 2.92 5.42 18.41
N GLY A 9 1.61 5.47 18.53
CA GLY A 9 0.84 4.27 18.87
C GLY A 9 0.69 3.36 17.65
N LEU A 10 0.72 3.95 16.46
CA LEU A 10 0.57 3.17 15.23
C LEU A 10 1.73 2.21 15.05
N ILE A 11 2.94 2.65 15.39
CA ILE A 11 4.12 1.80 15.25
C ILE A 11 3.95 0.54 16.09
N LEU A 12 3.49 0.69 17.32
CA LEU A 12 3.32 -0.47 18.18
C LEU A 12 2.36 -1.46 17.52
N ILE A 13 1.26 -0.94 17.00
CA ILE A 13 0.29 -1.78 16.30
C ILE A 13 0.91 -2.37 15.04
N PHE A 14 1.63 -1.53 14.33
CA PHE A 14 2.22 -1.96 13.07
C PHE A 14 3.10 -3.18 13.30
N VAL A 15 3.87 -3.14 14.38
CA VAL A 15 4.76 -4.23 14.72
C VAL A 15 3.97 -5.52 14.86
N ILE A 16 2.82 -5.44 15.52
CA ILE A 16 1.96 -6.61 15.71
C ILE A 16 1.75 -7.31 14.39
N ALA A 17 1.69 -6.53 13.32
CA ALA A 17 1.50 -7.08 11.99
C ALA A 17 2.82 -7.67 11.47
N LEU A 18 3.92 -7.03 11.82
CA LEU A 18 5.22 -7.47 11.36
C LEU A 18 5.59 -8.84 11.92
N ILE A 19 5.26 -9.07 13.17
CA ILE A 19 5.59 -10.35 13.77
C ILE A 19 4.91 -11.49 13.00
N ILE A 20 3.65 -11.26 12.63
CA ILE A 20 2.90 -12.25 11.87
C ILE A 20 3.22 -12.16 10.37
N PHE A 21 3.43 -10.94 9.87
CA PHE A 21 3.75 -10.75 8.45
C PHE A 21 5.26 -10.63 8.25
N GLY A 22 5.84 -9.49 8.61
CA GLY A 22 7.28 -9.28 8.48
C GLY A 22 7.54 -7.95 7.75
N PRO A 23 8.59 -7.26 8.11
CA PRO A 23 8.95 -5.96 7.47
C PRO A 23 9.39 -6.12 6.01
N SER A 24 9.78 -7.35 5.66
CA SER A 24 10.24 -7.66 4.30
C SER A 24 9.13 -8.32 3.49
N LYS A 25 7.92 -8.39 4.06
CA LYS A 25 6.78 -9.01 3.38
C LYS A 25 5.77 -7.96 2.95
N LEU A 26 5.73 -6.85 3.67
CA LEU A 26 4.81 -5.77 3.34
C LEU A 26 5.33 -4.95 2.16
N PRO A 27 6.46 -4.31 2.32
CA PRO A 27 7.05 -3.47 1.23
C PRO A 27 7.27 -4.29 -0.04
N GLU A 28 7.51 -5.59 0.13
CA GLU A 28 7.72 -6.46 -1.02
C GLU A 28 6.44 -6.56 -1.84
N ILE A 29 5.32 -6.73 -1.17
CA ILE A 29 4.04 -6.83 -1.84
C ILE A 29 3.69 -5.52 -2.55
N GLY A 30 3.94 -4.41 -1.86
CA GLY A 30 3.63 -3.10 -2.42
C GLY A 30 4.41 -2.87 -3.70
N ARG A 31 5.69 -3.24 -3.69
CA ARG A 31 6.54 -3.07 -4.87
C ARG A 31 6.03 -3.91 -6.01
N ALA A 32 5.72 -5.15 -5.72
CA ALA A 32 5.24 -6.05 -6.75
C ALA A 32 3.93 -5.52 -7.33
N ALA A 33 3.02 -5.13 -6.44
CA ALA A 33 1.74 -4.58 -6.86
C ALA A 33 1.98 -3.26 -7.57
N GLY A 34 3.05 -2.58 -7.17
CA GLY A 34 3.37 -1.29 -7.73
C GLY A 34 3.46 -1.38 -9.25
N ARG A 35 4.15 -2.41 -9.73
CA ARG A 35 4.31 -2.60 -11.17
C ARG A 35 2.98 -2.90 -11.84
N THR A 36 2.20 -3.75 -11.18
CA THR A 36 0.90 -4.13 -11.68
C THR A 36 -0.02 -2.91 -11.73
N LEU A 37 0.01 -2.12 -10.69
CA LEU A 37 -0.82 -0.94 -10.64
C LEU A 37 -0.36 0.12 -11.63
N LEU A 38 0.94 0.21 -11.80
CA LEU A 38 1.52 1.18 -12.71
C LEU A 38 0.98 0.99 -14.11
N GLU A 39 0.86 -0.24 -14.54
CA GLU A 39 0.36 -0.50 -15.86
C GLU A 39 -1.15 -0.29 -15.91
N PHE A 40 -1.80 -0.35 -14.74
CA PHE A 40 -3.26 -0.18 -14.67
C PHE A 40 -3.69 1.21 -15.12
N LYS A 41 -3.02 2.22 -14.59
CA LYS A 41 -3.36 3.60 -14.93
C LYS A 41 -3.08 3.87 -16.39
N SER A 42 -2.03 3.24 -16.90
CA SER A 42 -1.66 3.40 -18.30
C SER A 42 -2.75 2.86 -19.20
N ALA A 43 -3.33 1.72 -18.80
CA ALA A 43 -4.40 1.11 -19.57
C ALA A 43 -5.65 1.97 -19.50
N THR A 44 -5.89 2.55 -18.33
CA THR A 44 -7.04 3.41 -18.12
C THR A 44 -6.97 4.64 -19.02
N LYS A 45 -5.78 5.22 -19.11
CA LYS A 45 -5.60 6.40 -19.91
C LYS A 45 -6.10 6.16 -21.32
N SER A 46 -6.02 4.92 -21.76
CA SER A 46 -6.45 4.57 -23.08
C SER A 46 -7.98 4.52 -23.17
N LEU A 47 -8.62 4.11 -22.08
CA LEU A 47 -10.07 4.03 -22.05
C LEU A 47 -10.71 5.41 -22.07
N VAL A 48 -10.15 6.31 -21.28
CA VAL A 48 -10.65 7.68 -21.20
C VAL A 48 -10.35 8.43 -22.48
N SER A 49 -9.13 8.30 -22.94
CA SER A 49 -8.71 8.98 -24.16
C SER A 49 -9.38 8.35 -25.38
N GLY A 50 -9.91 7.15 -25.19
CA GLY A 50 -10.56 6.45 -26.28
C GLY A 50 -11.83 7.18 -26.74
N ASP A 51 -11.65 8.35 -27.34
CA ASP A 51 -12.77 9.14 -27.80
C ASP A 51 -13.44 8.46 -28.99
N GLU A 52 -14.77 8.56 -29.05
CA GLU A 52 -15.54 7.95 -30.13
C GLU A 52 -16.43 9.00 -30.80
N MET A 1 -6.88 9.79 24.73
CA MET A 1 -6.99 8.31 24.92
C MET A 1 -6.24 7.60 23.79
N PHE A 2 -6.96 6.76 23.05
CA PHE A 2 -6.37 6.03 21.95
C PHE A 2 -6.23 6.92 20.73
N SER A 3 -6.68 8.17 20.86
CA SER A 3 -6.61 9.13 19.75
C SER A 3 -5.46 10.11 19.98
N ASN A 4 -5.07 10.27 21.25
CA ASN A 4 -3.98 11.18 21.58
C ASN A 4 -2.63 10.58 21.21
N ILE A 5 -2.63 9.28 20.95
CA ILE A 5 -1.40 8.59 20.58
C ILE A 5 -0.87 9.08 19.25
N GLY A 6 -1.77 9.24 18.28
CA GLY A 6 -1.38 9.70 16.95
C GLY A 6 -0.58 8.62 16.22
N ILE A 7 0.50 9.02 15.58
CA ILE A 7 1.35 8.07 14.87
C ILE A 7 2.13 7.19 15.85
N PRO A 8 2.71 7.75 16.88
CA PRO A 8 3.47 6.95 17.88
C PRO A 8 2.72 5.65 18.21
N GLY A 9 1.40 5.70 18.12
CA GLY A 9 0.59 4.52 18.40
C GLY A 9 0.47 3.65 17.15
N LEU A 10 0.52 4.27 15.98
CA LEU A 10 0.41 3.53 14.73
C LEU A 10 1.54 2.51 14.60
N ILE A 11 2.75 2.91 14.99
CA ILE A 11 3.90 2.02 14.91
C ILE A 11 3.69 0.79 15.77
N LEU A 12 3.19 0.96 16.98
CA LEU A 12 2.98 -0.16 17.88
C LEU A 12 2.05 -1.17 17.22
N ILE A 13 0.95 -0.67 16.65
CA ILE A 13 0.00 -1.54 15.96
C ILE A 13 0.65 -2.15 14.73
N PHE A 14 1.41 -1.34 14.03
CA PHE A 14 2.03 -1.79 12.81
C PHE A 14 2.90 -3.01 13.09
N VAL A 15 3.63 -2.94 14.19
CA VAL A 15 4.51 -4.04 14.58
C VAL A 15 3.71 -5.33 14.73
N ILE A 16 2.55 -5.21 15.33
CA ILE A 16 1.68 -6.38 15.53
C ILE A 16 1.48 -7.09 14.21
N ALA A 17 1.50 -6.32 13.14
CA ALA A 17 1.34 -6.87 11.80
C ALA A 17 2.67 -7.44 11.30
N LEU A 18 3.76 -6.77 11.65
CA LEU A 18 5.08 -7.20 11.22
C LEU A 18 5.46 -8.55 11.80
N ILE A 19 5.15 -8.75 13.06
CA ILE A 19 5.49 -10.01 13.70
C ILE A 19 4.82 -11.16 12.96
N ILE A 20 3.56 -10.96 12.58
CA ILE A 20 2.82 -11.98 11.84
C ILE A 20 3.18 -11.93 10.35
N PHE A 21 3.37 -10.73 9.81
CA PHE A 21 3.71 -10.57 8.39
C PHE A 21 5.23 -10.46 8.21
N GLY A 22 5.80 -9.30 8.54
CA GLY A 22 7.24 -9.10 8.41
C GLY A 22 7.56 -7.84 7.60
N PRO A 23 8.55 -7.09 7.97
CA PRO A 23 8.93 -5.84 7.24
C PRO A 23 9.54 -6.14 5.87
N SER A 24 9.99 -7.38 5.69
CA SER A 24 10.61 -7.78 4.42
C SER A 24 9.56 -8.39 3.48
N LYS A 25 8.35 -8.60 4.00
CA LYS A 25 7.27 -9.18 3.22
C LYS A 25 6.37 -8.08 2.63
N LEU A 26 6.21 -6.99 3.37
CA LEU A 26 5.36 -5.89 2.94
C LEU A 26 5.96 -5.23 1.68
N PRO A 27 7.23 -4.92 1.69
CA PRO A 27 7.92 -4.29 0.52
C PRO A 27 7.78 -5.15 -0.74
N GLU A 28 7.83 -6.45 -0.56
CA GLU A 28 7.72 -7.39 -1.68
C GLU A 28 6.36 -7.28 -2.33
N ILE A 29 5.32 -7.16 -1.52
CA ILE A 29 3.96 -7.06 -2.04
C ILE A 29 3.80 -5.75 -2.83
N GLY A 30 4.33 -4.67 -2.28
CA GLY A 30 4.23 -3.37 -2.94
C GLY A 30 4.89 -3.41 -4.31
N ARG A 31 6.08 -4.02 -4.37
CA ARG A 31 6.80 -4.12 -5.63
C ARG A 31 6.04 -4.98 -6.61
N ALA A 32 5.57 -6.11 -6.13
CA ALA A 32 4.83 -7.02 -6.98
C ALA A 32 3.57 -6.34 -7.51
N ALA A 33 2.92 -5.60 -6.63
CA ALA A 33 1.71 -4.87 -6.98
C ALA A 33 2.08 -3.63 -7.78
N GLY A 34 3.27 -3.11 -7.54
CA GLY A 34 3.72 -1.90 -8.20
C GLY A 34 3.61 -2.03 -9.72
N ARG A 35 4.20 -3.09 -10.26
CA ARG A 35 4.19 -3.31 -11.69
C ARG A 35 2.78 -3.56 -12.19
N THR A 36 2.03 -4.34 -11.45
CA THR A 36 0.64 -4.64 -11.81
C THR A 36 -0.19 -3.36 -11.76
N LEU A 37 0.02 -2.59 -10.71
CA LEU A 37 -0.71 -1.35 -10.54
C LEU A 37 -0.23 -0.28 -11.51
N LEU A 38 1.05 -0.32 -11.79
CA LEU A 38 1.67 0.63 -12.69
C LEU A 38 1.00 0.58 -14.05
N GLU A 39 0.67 -0.62 -14.50
CA GLU A 39 0.04 -0.78 -15.79
C GLU A 39 -1.44 -0.41 -15.69
N PHE A 40 -2.00 -0.49 -14.49
CA PHE A 40 -3.42 -0.17 -14.30
C PHE A 40 -3.71 1.30 -14.61
N LYS A 41 -2.90 2.18 -14.05
CA LYS A 41 -3.12 3.60 -14.25
C LYS A 41 -2.94 3.97 -15.72
N SER A 42 -2.02 3.27 -16.38
CA SER A 42 -1.76 3.51 -17.78
C SER A 42 -2.99 3.14 -18.61
N ALA A 43 -3.62 2.02 -18.23
CA ALA A 43 -4.81 1.57 -18.94
C ALA A 43 -5.98 2.52 -18.65
N THR A 44 -6.06 2.96 -17.40
CA THR A 44 -7.11 3.87 -16.99
C THR A 44 -7.01 5.21 -17.73
N LYS A 45 -5.78 5.70 -17.85
CA LYS A 45 -5.56 6.96 -18.53
C LYS A 45 -6.19 6.93 -19.90
N SER A 46 -6.27 5.75 -20.50
CA SER A 46 -6.85 5.62 -21.82
C SER A 46 -8.38 5.67 -21.75
N LEU A 47 -8.94 5.24 -20.63
CA LEU A 47 -10.40 5.23 -20.43
C LEU A 47 -10.95 6.64 -20.27
N VAL A 48 -10.07 7.56 -19.88
CA VAL A 48 -10.47 8.94 -19.66
C VAL A 48 -11.10 9.52 -20.91
N SER A 49 -10.55 9.16 -22.06
CA SER A 49 -11.06 9.64 -23.34
C SER A 49 -12.03 8.64 -23.95
N GLY A 50 -11.58 7.40 -24.10
CA GLY A 50 -12.41 6.34 -24.66
C GLY A 50 -12.80 6.66 -26.09
N ASP A 51 -11.88 7.29 -26.82
CA ASP A 51 -12.13 7.65 -28.22
C ASP A 51 -10.83 7.65 -29.02
N GLU A 52 -10.87 7.02 -30.19
CA GLU A 52 -9.70 6.96 -31.04
C GLU A 52 -9.03 8.33 -31.16
N MET A 1 -6.80 9.66 25.14
CA MET A 1 -6.86 8.19 25.39
C MET A 1 -6.17 7.45 24.24
N PHE A 2 -6.94 6.60 23.56
CA PHE A 2 -6.41 5.83 22.45
C PHE A 2 -6.47 6.64 21.16
N SER A 3 -7.00 7.86 21.26
CA SER A 3 -7.11 8.74 20.10
C SER A 3 -6.02 9.82 20.13
N ASN A 4 -5.51 10.10 21.33
CA ASN A 4 -4.47 11.10 21.49
C ASN A 4 -3.11 10.54 21.08
N ILE A 5 -3.04 9.22 20.95
CA ILE A 5 -1.80 8.58 20.56
C ILE A 5 -1.37 9.02 19.18
N GLY A 6 -2.31 9.09 18.25
CA GLY A 6 -2.02 9.49 16.88
C GLY A 6 -1.18 8.41 16.19
N ILE A 7 -0.14 8.85 15.48
CA ILE A 7 0.75 7.92 14.79
C ILE A 7 1.61 7.18 15.81
N PRO A 8 2.17 7.85 16.79
CA PRO A 8 3.00 7.20 17.82
C PRO A 8 2.41 5.86 18.25
N GLY A 9 1.09 5.75 18.19
CA GLY A 9 0.41 4.51 18.56
C GLY A 9 0.30 3.58 17.36
N LEU A 10 0.31 4.17 16.16
CA LEU A 10 0.19 3.38 14.94
C LEU A 10 1.38 2.43 14.81
N ILE A 11 2.56 2.93 15.18
CA ILE A 11 3.78 2.12 15.08
C ILE A 11 3.66 0.88 15.97
N LEU A 12 3.17 1.05 17.17
CA LEU A 12 3.02 -0.08 18.07
C LEU A 12 2.13 -1.12 17.44
N ILE A 13 1.00 -0.68 16.88
CA ILE A 13 0.09 -1.59 16.20
C ILE A 13 0.75 -2.18 14.97
N PHE A 14 1.46 -1.35 14.24
CA PHE A 14 2.07 -1.79 13.02
C PHE A 14 3.00 -2.97 13.29
N VAL A 15 3.75 -2.86 14.37
CA VAL A 15 4.70 -3.91 14.76
C VAL A 15 3.97 -5.23 14.92
N ILE A 16 2.78 -5.17 15.53
CA ILE A 16 1.98 -6.39 15.74
C ILE A 16 1.78 -7.10 14.42
N ALA A 17 1.73 -6.33 13.35
CA ALA A 17 1.55 -6.91 12.02
C ALA A 17 2.89 -7.42 11.49
N LEU A 18 3.96 -6.75 11.82
CA LEU A 18 5.27 -7.15 11.36
C LEU A 18 5.67 -8.51 11.90
N ILE A 19 5.38 -8.74 13.16
CA ILE A 19 5.72 -10.01 13.77
C ILE A 19 5.08 -11.17 13.00
N ILE A 20 3.83 -10.98 12.60
CA ILE A 20 3.10 -12.00 11.85
C ILE A 20 3.42 -11.91 10.36
N PHE A 21 3.59 -10.68 9.86
CA PHE A 21 3.90 -10.48 8.45
C PHE A 21 5.40 -10.36 8.25
N GLY A 22 5.97 -9.21 8.64
CA GLY A 22 7.40 -8.99 8.50
C GLY A 22 7.68 -7.70 7.73
N PRO A 23 8.70 -6.96 8.10
CA PRO A 23 9.05 -5.69 7.39
C PRO A 23 9.67 -5.96 6.02
N SER A 24 10.13 -7.20 5.82
CA SER A 24 10.74 -7.58 4.55
C SER A 24 9.69 -8.17 3.60
N LYS A 25 8.57 -8.61 4.16
CA LYS A 25 7.51 -9.19 3.35
C LYS A 25 6.60 -8.09 2.81
N LEU A 26 6.43 -7.04 3.60
CA LEU A 26 5.59 -5.91 3.20
C LEU A 26 6.12 -5.27 1.92
N PRO A 27 7.37 -4.84 1.89
CA PRO A 27 7.98 -4.20 0.68
C PRO A 27 7.90 -5.11 -0.54
N GLU A 28 7.96 -6.42 -0.30
CA GLU A 28 7.89 -7.37 -1.40
C GLU A 28 6.53 -7.28 -2.09
N ILE A 29 5.49 -7.18 -1.29
CA ILE A 29 4.13 -7.07 -1.82
C ILE A 29 3.97 -5.77 -2.60
N GLY A 30 4.49 -4.69 -2.04
CA GLY A 30 4.40 -3.39 -2.70
C GLY A 30 5.07 -3.43 -4.06
N ARG A 31 6.24 -4.05 -4.13
CA ARG A 31 6.97 -4.14 -5.38
C ARG A 31 6.20 -4.97 -6.39
N ALA A 32 5.73 -6.13 -5.94
CA ALA A 32 4.99 -7.01 -6.83
C ALA A 32 3.74 -6.31 -7.34
N ALA A 33 2.99 -5.72 -6.41
CA ALA A 33 1.78 -4.99 -6.77
C ALA A 33 2.15 -3.77 -7.60
N GLY A 34 3.36 -3.26 -7.35
CA GLY A 34 3.82 -2.09 -8.04
C GLY A 34 3.75 -2.28 -9.56
N ARG A 35 4.23 -3.43 -10.01
CA ARG A 35 4.22 -3.74 -11.44
C ARG A 35 2.79 -3.87 -11.94
N THR A 36 1.95 -4.48 -11.13
CA THR A 36 0.55 -4.66 -11.50
C THR A 36 -0.13 -3.30 -11.61
N LEU A 37 0.17 -2.42 -10.68
CA LEU A 37 -0.42 -1.10 -10.69
C LEU A 37 0.17 -0.25 -11.80
N LEU A 38 1.44 -0.47 -12.06
CA LEU A 38 2.15 0.28 -13.08
C LEU A 38 1.47 0.11 -14.42
N GLU A 39 1.00 -1.09 -14.70
CA GLU A 39 0.36 -1.35 -15.97
C GLU A 39 -1.08 -0.83 -15.94
N PHE A 40 -1.64 -0.66 -14.74
CA PHE A 40 -3.01 -0.19 -14.62
C PHE A 40 -3.16 1.24 -15.13
N LYS A 41 -2.26 2.10 -14.70
CA LYS A 41 -2.32 3.49 -15.11
C LYS A 41 -2.11 3.61 -16.61
N SER A 42 -1.29 2.73 -17.15
CA SER A 42 -1.00 2.75 -18.57
C SER A 42 -2.28 2.41 -19.34
N ALA A 43 -3.07 1.49 -18.80
CA ALA A 43 -4.32 1.11 -19.44
C ALA A 43 -5.37 2.21 -19.26
N THR A 44 -5.41 2.79 -18.07
CA THR A 44 -6.35 3.86 -17.79
C THR A 44 -6.06 5.07 -18.66
N LYS A 45 -4.79 5.40 -18.77
CA LYS A 45 -4.40 6.55 -19.57
C LYS A 45 -4.87 6.37 -21.00
N SER A 46 -5.01 5.13 -21.42
CA SER A 46 -5.46 4.84 -22.77
C SER A 46 -6.97 5.08 -22.91
N LEU A 47 -7.70 4.88 -21.81
CA LEU A 47 -9.15 5.05 -21.82
C LEU A 47 -9.53 6.52 -21.97
N VAL A 48 -8.76 7.38 -21.32
CA VAL A 48 -9.00 8.82 -21.38
C VAL A 48 -9.29 9.25 -22.81
N SER A 49 -10.13 10.26 -22.96
CA SER A 49 -10.49 10.77 -24.28
C SER A 49 -11.11 9.65 -25.13
N GLY A 50 -11.50 8.57 -24.48
CA GLY A 50 -12.10 7.44 -25.19
C GLY A 50 -13.59 7.67 -25.40
N ASP A 51 -13.95 8.91 -25.70
CA ASP A 51 -15.35 9.27 -25.92
C ASP A 51 -15.73 9.03 -27.38
N GLU A 52 -16.60 8.05 -27.61
CA GLU A 52 -17.03 7.72 -28.97
C GLU A 52 -18.21 8.61 -29.38
N MET A 1 -8.37 9.70 23.41
CA MET A 1 -8.13 8.28 23.79
C MET A 1 -7.25 7.62 22.75
N PHE A 2 -7.85 6.82 21.88
CA PHE A 2 -7.10 6.13 20.84
C PHE A 2 -6.78 7.08 19.69
N SER A 3 -7.24 8.32 19.82
CA SER A 3 -7.00 9.34 18.78
C SER A 3 -5.86 10.26 19.21
N ASN A 4 -5.64 10.35 20.52
CA ASN A 4 -4.59 11.20 21.06
C ASN A 4 -3.22 10.59 20.81
N ILE A 5 -3.20 9.31 20.50
CA ILE A 5 -1.95 8.60 20.25
C ILE A 5 -1.25 9.16 19.01
N GLY A 6 -2.02 9.36 17.95
CA GLY A 6 -1.46 9.86 16.70
C GLY A 6 -0.61 8.79 16.03
N ILE A 7 0.56 9.18 15.53
CA ILE A 7 1.46 8.24 14.87
C ILE A 7 2.11 7.31 15.88
N PRO A 8 2.58 7.80 16.99
CA PRO A 8 3.20 6.93 18.03
C PRO A 8 2.39 5.65 18.22
N GLY A 9 1.08 5.75 18.01
CA GLY A 9 0.19 4.60 18.13
C GLY A 9 0.19 3.77 16.85
N LEU A 10 0.41 4.44 15.71
CA LEU A 10 0.42 3.76 14.43
C LEU A 10 1.52 2.70 14.38
N ILE A 11 2.69 3.06 14.90
CA ILE A 11 3.83 2.14 14.89
C ILE A 11 3.50 0.89 15.70
N LEU A 12 2.91 1.05 16.88
CA LEU A 12 2.59 -0.09 17.72
C LEU A 12 1.67 -1.04 16.96
N ILE A 13 0.67 -0.48 16.31
CA ILE A 13 -0.26 -1.28 15.51
C ILE A 13 0.46 -1.88 14.32
N PHE A 14 1.31 -1.09 13.70
CA PHE A 14 2.02 -1.53 12.53
C PHE A 14 2.83 -2.78 12.84
N VAL A 15 3.48 -2.76 14.00
CA VAL A 15 4.29 -3.88 14.43
C VAL A 15 3.46 -5.15 14.45
N ILE A 16 2.23 -5.04 14.96
CA ILE A 16 1.34 -6.19 15.02
C ILE A 16 1.25 -6.86 13.66
N ALA A 17 1.30 -6.06 12.61
CA ALA A 17 1.22 -6.58 11.26
C ALA A 17 2.56 -7.21 10.87
N LEU A 18 3.63 -6.67 11.43
CA LEU A 18 4.97 -7.14 11.13
C LEU A 18 5.22 -8.53 11.71
N ILE A 19 4.75 -8.78 12.91
CA ILE A 19 4.98 -10.08 13.53
C ILE A 19 4.39 -11.16 12.63
N ILE A 20 3.17 -10.92 12.17
CA ILE A 20 2.49 -11.83 11.27
C ILE A 20 3.11 -11.74 9.87
N PHE A 21 3.17 -10.53 9.32
CA PHE A 21 3.72 -10.35 7.99
C PHE A 21 5.25 -10.25 8.02
N GLY A 22 5.79 -9.11 8.45
CA GLY A 22 7.23 -8.92 8.51
C GLY A 22 7.68 -7.77 7.60
N PRO A 23 8.70 -7.03 7.99
CA PRO A 23 9.22 -5.89 7.17
C PRO A 23 9.95 -6.37 5.92
N SER A 24 10.25 -7.67 5.88
CA SER A 24 10.93 -8.25 4.73
C SER A 24 9.91 -8.73 3.72
N LYS A 25 8.64 -8.73 4.14
CA LYS A 25 7.54 -9.20 3.29
C LYS A 25 6.86 -8.07 2.52
N LEU A 26 6.88 -6.85 3.06
CA LEU A 26 6.27 -5.75 2.36
C LEU A 26 7.10 -5.43 1.10
N PRO A 27 8.39 -5.21 1.23
CA PRO A 27 9.28 -4.98 0.05
C PRO A 27 8.88 -5.85 -1.16
N GLU A 28 8.83 -7.16 -0.95
CA GLU A 28 8.48 -8.09 -2.03
C GLU A 28 7.05 -7.85 -2.53
N ILE A 29 6.13 -7.64 -1.61
CA ILE A 29 4.74 -7.40 -1.97
C ILE A 29 4.61 -6.09 -2.74
N GLY A 30 5.30 -5.06 -2.25
CA GLY A 30 5.24 -3.75 -2.89
C GLY A 30 5.73 -3.82 -4.33
N ARG A 31 6.82 -4.54 -4.53
CA ARG A 31 7.38 -4.69 -5.86
C ARG A 31 6.42 -5.45 -6.76
N ALA A 32 5.88 -6.53 -6.21
CA ALA A 32 4.96 -7.34 -6.98
C ALA A 32 3.74 -6.52 -7.36
N ALA A 33 3.26 -5.73 -6.41
CA ALA A 33 2.12 -4.86 -6.64
C ALA A 33 2.51 -3.72 -7.57
N GLY A 34 3.80 -3.37 -7.53
CA GLY A 34 4.29 -2.27 -8.32
C GLY A 34 3.98 -2.47 -9.80
N ARG A 35 4.34 -3.63 -10.33
CA ARG A 35 4.10 -3.94 -11.73
C ARG A 35 2.61 -3.99 -12.03
N THR A 36 1.86 -4.60 -11.14
CA THR A 36 0.42 -4.71 -11.30
C THR A 36 -0.21 -3.33 -11.26
N LEU A 37 0.23 -2.53 -10.33
CA LEU A 37 -0.29 -1.19 -10.17
C LEU A 37 0.19 -0.28 -11.29
N LEU A 38 1.41 -0.52 -11.71
CA LEU A 38 2.04 0.26 -12.77
C LEU A 38 1.20 0.19 -14.03
N GLU A 39 0.69 -0.98 -14.33
CA GLU A 39 -0.13 -1.14 -15.53
C GLU A 39 -1.51 -0.55 -15.29
N PHE A 40 -1.92 -0.44 -14.01
CA PHE A 40 -3.24 0.09 -13.68
C PHE A 40 -3.39 1.54 -14.11
N LYS A 41 -2.42 2.36 -13.75
CA LYS A 41 -2.46 3.77 -14.09
C LYS A 41 -2.39 3.97 -15.60
N SER A 42 -1.63 3.11 -16.25
CA SER A 42 -1.47 3.17 -17.69
C SER A 42 -2.81 2.90 -18.38
N ALA A 43 -3.55 1.94 -17.83
CA ALA A 43 -4.86 1.60 -18.38
C ALA A 43 -5.83 2.75 -18.15
N THR A 44 -5.71 3.37 -16.98
CA THR A 44 -6.55 4.49 -16.61
C THR A 44 -6.34 5.67 -17.56
N LYS A 45 -5.09 5.96 -17.88
CA LYS A 45 -4.77 7.06 -18.77
C LYS A 45 -5.53 6.90 -20.07
N SER A 46 -5.82 5.67 -20.42
CA SER A 46 -6.54 5.39 -21.65
C SER A 46 -8.03 5.71 -21.52
N LEU A 47 -8.57 5.54 -20.32
CA LEU A 47 -9.99 5.79 -20.06
C LEU A 47 -10.30 7.28 -20.14
N VAL A 48 -9.35 8.08 -19.70
CA VAL A 48 -9.52 9.54 -19.69
C VAL A 48 -10.19 10.01 -20.97
N SER A 49 -9.82 9.38 -22.07
CA SER A 49 -10.39 9.73 -23.37
C SER A 49 -11.88 9.50 -23.37
N GLY A 50 -12.29 8.36 -22.82
CA GLY A 50 -13.70 8.01 -22.74
C GLY A 50 -14.36 8.14 -24.10
N ASP A 51 -13.58 7.85 -25.14
CA ASP A 51 -14.09 7.92 -26.50
C ASP A 51 -13.10 7.31 -27.49
N GLU A 52 -13.36 6.08 -27.91
CA GLU A 52 -12.48 5.40 -28.85
C GLU A 52 -12.72 5.91 -30.27
N MET A 1 -7.09 9.80 24.47
CA MET A 1 -7.14 8.32 24.66
C MET A 1 -6.39 7.63 23.52
N PHE A 2 -7.11 6.81 22.76
CA PHE A 2 -6.52 6.09 21.66
C PHE A 2 -6.50 6.97 20.40
N SER A 3 -6.98 8.19 20.53
CA SER A 3 -7.02 9.13 19.41
C SER A 3 -5.91 10.16 19.53
N ASN A 4 -5.45 10.39 20.76
CA ASN A 4 -4.38 11.35 21.02
C ASN A 4 -3.02 10.76 20.67
N ILE A 5 -2.98 9.44 20.51
CA ILE A 5 -1.73 8.78 20.19
C ILE A 5 -1.22 9.22 18.82
N GLY A 6 -2.13 9.30 17.86
CA GLY A 6 -1.78 9.69 16.49
C GLY A 6 -0.97 8.58 15.82
N ILE A 7 0.11 8.96 15.14
CA ILE A 7 0.97 7.98 14.47
C ILE A 7 1.74 7.17 15.52
N PRO A 8 2.33 7.80 16.51
CA PRO A 8 3.11 7.07 17.56
C PRO A 8 2.45 5.76 17.97
N GLY A 9 1.12 5.75 18.02
CA GLY A 9 0.41 4.54 18.39
C GLY A 9 0.31 3.57 17.22
N LEU A 10 0.36 4.11 16.01
CA LEU A 10 0.27 3.29 14.80
C LEU A 10 1.47 2.35 14.70
N ILE A 11 2.65 2.85 15.06
CA ILE A 11 3.86 2.04 14.99
C ILE A 11 3.72 0.81 15.87
N LEU A 12 3.21 0.99 17.09
CA LEU A 12 3.05 -0.14 17.98
C LEU A 12 2.15 -1.17 17.34
N ILE A 13 1.06 -0.73 16.74
CA ILE A 13 0.15 -1.64 16.05
C ILE A 13 0.81 -2.24 14.83
N PHE A 14 1.54 -1.40 14.11
CA PHE A 14 2.17 -1.85 12.90
C PHE A 14 3.08 -3.04 13.19
N VAL A 15 3.83 -2.92 14.28
CA VAL A 15 4.75 -3.99 14.69
C VAL A 15 4.01 -5.30 14.85
N ILE A 16 2.82 -5.23 15.44
CA ILE A 16 2.01 -6.43 15.64
C ILE A 16 1.84 -7.17 14.33
N ALA A 17 1.84 -6.41 13.25
CA ALA A 17 1.71 -6.99 11.92
C ALA A 17 3.07 -7.50 11.43
N LEU A 18 4.13 -6.78 11.77
CA LEU A 18 5.46 -7.16 11.35
C LEU A 18 5.90 -8.49 11.96
N ILE A 19 5.59 -8.67 13.22
CA ILE A 19 5.98 -9.91 13.89
C ILE A 19 5.37 -11.11 13.17
N ILE A 20 4.12 -10.98 12.76
CA ILE A 20 3.42 -12.04 12.04
C ILE A 20 3.78 -12.02 10.56
N PHE A 21 3.93 -10.82 9.98
CA PHE A 21 4.28 -10.69 8.57
C PHE A 21 5.78 -10.50 8.39
N GLY A 22 6.29 -9.31 8.77
CA GLY A 22 7.71 -9.03 8.65
C GLY A 22 7.93 -7.76 7.83
N PRO A 23 8.92 -6.97 8.16
CA PRO A 23 9.22 -5.72 7.42
C PRO A 23 9.85 -6.02 6.06
N SER A 24 10.29 -7.27 5.87
CA SER A 24 10.91 -7.67 4.61
C SER A 24 9.90 -8.34 3.70
N LYS A 25 8.69 -8.56 4.21
CA LYS A 25 7.62 -9.19 3.45
C LYS A 25 6.68 -8.14 2.88
N LEU A 26 6.58 -7.00 3.55
CA LEU A 26 5.70 -5.93 3.09
C LEU A 26 6.29 -5.29 1.82
N PRO A 27 7.55 -4.94 1.85
CA PRO A 27 8.24 -4.31 0.68
C PRO A 27 8.09 -5.16 -0.58
N GLU A 28 8.17 -6.47 -0.39
CA GLU A 28 8.05 -7.40 -1.51
C GLU A 28 6.66 -7.31 -2.13
N ILE A 29 5.65 -7.23 -1.29
CA ILE A 29 4.27 -7.13 -1.78
C ILE A 29 4.07 -5.82 -2.52
N GLY A 30 4.60 -4.74 -1.97
CA GLY A 30 4.47 -3.44 -2.60
C GLY A 30 5.11 -3.43 -3.97
N ARG A 31 6.29 -4.03 -4.07
CA ARG A 31 7.00 -4.09 -5.33
C ARG A 31 6.24 -4.92 -6.33
N ALA A 32 5.82 -6.10 -5.91
CA ALA A 32 5.09 -6.98 -6.80
C ALA A 32 3.79 -6.32 -7.24
N ALA A 33 3.06 -5.78 -6.27
CA ALA A 33 1.81 -5.09 -6.56
C ALA A 33 2.11 -3.83 -7.36
N GLY A 34 3.30 -3.29 -7.13
CA GLY A 34 3.69 -2.07 -7.78
C GLY A 34 3.59 -2.21 -9.30
N ARG A 35 4.12 -3.32 -9.81
CA ARG A 35 4.09 -3.59 -11.24
C ARG A 35 2.67 -3.75 -11.74
N THR A 36 1.84 -4.39 -10.92
CA THR A 36 0.45 -4.61 -11.25
C THR A 36 -0.28 -3.27 -11.37
N LEU A 37 0.03 -2.37 -10.43
CA LEU A 37 -0.60 -1.06 -10.44
C LEU A 37 -0.24 -0.27 -11.70
N LEU A 38 0.98 -0.48 -12.14
CA LEU A 38 1.48 0.19 -13.34
C LEU A 38 0.59 -0.17 -14.53
N GLU A 39 0.10 -1.39 -14.54
CA GLU A 39 -0.73 -1.86 -15.62
C GLU A 39 -2.15 -1.32 -15.47
N PHE A 40 -2.51 -0.95 -14.24
CA PHE A 40 -3.85 -0.44 -13.97
C PHE A 40 -4.08 0.92 -14.62
N LYS A 41 -3.14 1.82 -14.40
CA LYS A 41 -3.25 3.15 -14.97
C LYS A 41 -3.22 3.10 -16.48
N SER A 42 -2.46 2.15 -17.01
CA SER A 42 -2.35 1.99 -18.45
C SER A 42 -3.70 1.56 -19.02
N ALA A 43 -4.44 0.77 -18.25
CA ALA A 43 -5.75 0.32 -18.68
C ALA A 43 -6.79 1.41 -18.46
N THR A 44 -6.72 2.07 -17.32
CA THR A 44 -7.64 3.16 -16.99
C THR A 44 -7.47 4.31 -17.96
N LYS A 45 -6.22 4.64 -18.26
CA LYS A 45 -5.94 5.74 -19.16
C LYS A 45 -6.71 5.56 -20.47
N SER A 46 -6.97 4.31 -20.81
CA SER A 46 -7.69 4.02 -22.04
C SER A 46 -9.19 4.28 -21.87
N LEU A 47 -9.70 4.08 -20.65
CA LEU A 47 -11.11 4.29 -20.36
C LEU A 47 -11.48 5.76 -20.38
N VAL A 48 -10.48 6.61 -20.22
CA VAL A 48 -10.69 8.05 -20.19
C VAL A 48 -11.46 8.47 -21.44
N SER A 49 -11.47 9.77 -21.72
CA SER A 49 -12.17 10.27 -22.89
C SER A 49 -11.50 9.78 -24.18
N GLY A 50 -11.40 8.46 -24.33
CA GLY A 50 -10.77 7.90 -25.53
C GLY A 50 -11.31 8.55 -26.79
N ASP A 51 -10.67 9.64 -27.20
CA ASP A 51 -11.09 10.36 -28.40
C ASP A 51 -9.98 11.29 -28.90
N GLU A 52 -10.17 11.82 -30.10
CA GLU A 52 -9.17 12.73 -30.67
C GLU A 52 -8.72 13.76 -29.64
N MET A 1 -8.14 8.35 24.42
CA MET A 1 -6.89 7.83 25.04
C MET A 1 -5.94 7.32 23.98
N PHE A 2 -6.10 6.06 23.62
CA PHE A 2 -5.25 5.44 22.64
C PHE A 2 -5.58 5.98 21.25
N SER A 3 -6.54 6.89 21.19
CA SER A 3 -6.96 7.49 19.93
C SER A 3 -6.35 8.89 19.78
N ASN A 4 -6.00 9.50 20.90
CA ASN A 4 -5.42 10.83 20.88
C ASN A 4 -4.00 10.78 20.33
N ILE A 5 -3.38 9.61 20.40
CA ILE A 5 -2.03 9.46 19.93
C ILE A 5 -1.93 9.77 18.43
N GLY A 6 -2.70 9.05 17.62
CA GLY A 6 -2.68 9.24 16.16
C GLY A 6 -1.70 8.26 15.51
N ILE A 7 -0.85 8.78 14.61
CA ILE A 7 0.14 7.96 13.93
C ILE A 7 1.07 7.27 14.96
N PRO A 8 1.63 7.99 15.90
CA PRO A 8 2.47 7.36 16.97
C PRO A 8 1.88 6.02 17.41
N GLY A 9 0.55 5.93 17.35
CA GLY A 9 -0.15 4.71 17.74
C GLY A 9 -0.15 3.70 16.59
N LEU A 10 -0.19 4.21 15.36
CA LEU A 10 -0.20 3.34 14.20
C LEU A 10 1.06 2.49 14.12
N ILE A 11 2.20 3.10 14.46
CA ILE A 11 3.48 2.39 14.41
C ILE A 11 3.45 1.20 15.36
N LEU A 12 2.97 1.41 16.57
CA LEU A 12 2.92 0.32 17.54
C LEU A 12 2.09 -0.82 17.01
N ILE A 13 0.94 -0.49 16.43
CA ILE A 13 0.06 -1.49 15.86
C ILE A 13 0.71 -2.17 14.68
N PHE A 14 1.37 -1.38 13.84
CA PHE A 14 1.99 -1.92 12.66
C PHE A 14 3.00 -3.00 13.04
N VAL A 15 3.76 -2.73 14.09
CA VAL A 15 4.78 -3.66 14.57
C VAL A 15 4.13 -5.01 14.87
N ILE A 16 2.96 -4.97 15.47
CA ILE A 16 2.26 -6.20 15.79
C ILE A 16 2.11 -7.05 14.54
N ALA A 17 1.91 -6.41 13.41
CA ALA A 17 1.76 -7.10 12.13
C ALA A 17 3.11 -7.66 11.68
N LEU A 18 4.16 -6.95 12.00
CA LEU A 18 5.49 -7.36 11.61
C LEU A 18 5.88 -8.68 12.25
N ILE A 19 5.50 -8.86 13.50
CA ILE A 19 5.84 -10.10 14.18
C ILE A 19 5.28 -11.30 13.42
N ILE A 20 4.05 -11.17 12.96
CA ILE A 20 3.38 -12.22 12.22
C ILE A 20 3.77 -12.18 10.74
N PHE A 21 3.93 -10.97 10.19
CA PHE A 21 4.30 -10.82 8.79
C PHE A 21 5.82 -10.66 8.65
N GLY A 22 6.35 -9.50 9.02
CA GLY A 22 7.79 -9.26 8.93
C GLY A 22 8.08 -7.96 8.19
N PRO A 23 9.07 -7.21 8.61
CA PRO A 23 9.44 -5.92 7.95
C PRO A 23 10.01 -6.14 6.55
N SER A 24 10.47 -7.36 6.30
CA SER A 24 11.05 -7.70 5.01
C SER A 24 9.96 -8.18 4.05
N LYS A 25 8.72 -8.17 4.52
CA LYS A 25 7.58 -8.59 3.70
C LYS A 25 6.84 -7.39 3.12
N LEU A 26 7.13 -6.21 3.62
CA LEU A 26 6.46 -5.01 3.13
C LEU A 26 7.02 -4.62 1.75
N PRO A 27 8.32 -4.73 1.55
CA PRO A 27 8.96 -4.39 0.24
C PRO A 27 8.47 -5.33 -0.86
N GLU A 28 8.27 -6.58 -0.49
CA GLU A 28 7.81 -7.60 -1.44
C GLU A 28 6.41 -7.29 -1.95
N ILE A 29 5.54 -6.86 -1.05
CA ILE A 29 4.17 -6.54 -1.40
C ILE A 29 4.15 -5.34 -2.35
N GLY A 30 4.96 -4.33 -2.05
CA GLY A 30 5.01 -3.13 -2.88
C GLY A 30 5.44 -3.48 -4.30
N ARG A 31 6.46 -4.33 -4.40
CA ARG A 31 6.97 -4.73 -5.70
C ARG A 31 5.91 -5.50 -6.47
N ALA A 32 5.26 -6.42 -5.77
CA ALA A 32 4.25 -7.24 -6.40
C ALA A 32 3.11 -6.35 -6.88
N ALA A 33 2.64 -5.47 -6.00
CA ALA A 33 1.58 -4.54 -6.35
C ALA A 33 2.08 -3.59 -7.43
N GLY A 34 3.38 -3.36 -7.41
CA GLY A 34 3.98 -2.44 -8.36
C GLY A 34 3.65 -2.84 -9.79
N ARG A 35 3.76 -4.14 -10.08
CA ARG A 35 3.47 -4.65 -11.41
C ARG A 35 1.99 -4.49 -11.73
N THR A 36 1.16 -4.79 -10.74
CA THR A 36 -0.28 -4.69 -10.90
C THR A 36 -0.69 -3.24 -11.13
N LEU A 37 -0.10 -2.34 -10.37
CA LEU A 37 -0.41 -0.93 -10.50
C LEU A 37 0.13 -0.36 -11.81
N LEU A 38 1.27 -0.87 -12.20
CA LEU A 38 1.93 -0.41 -13.42
C LEU A 38 1.01 -0.61 -14.61
N GLU A 39 0.33 -1.73 -14.65
CA GLU A 39 -0.56 -2.01 -15.77
C GLU A 39 -1.84 -1.20 -15.62
N PHE A 40 -2.16 -0.77 -14.40
CA PHE A 40 -3.37 0.00 -14.16
C PHE A 40 -3.32 1.37 -14.84
N LYS A 41 -2.23 2.09 -14.62
CA LYS A 41 -2.09 3.42 -15.19
C LYS A 41 -2.05 3.34 -16.71
N SER A 42 -1.45 2.26 -17.21
CA SER A 42 -1.35 2.06 -18.64
C SER A 42 -2.75 1.87 -19.24
N ALA A 43 -3.59 1.12 -18.52
CA ALA A 43 -4.95 0.90 -18.98
C ALA A 43 -5.77 2.17 -18.88
N THR A 44 -5.56 2.90 -17.78
CA THR A 44 -6.25 4.16 -17.56
C THR A 44 -5.88 5.20 -18.61
N LYS A 45 -4.59 5.27 -18.92
CA LYS A 45 -4.12 6.23 -19.91
C LYS A 45 -4.89 6.08 -21.21
N SER A 46 -5.35 4.86 -21.46
CA SER A 46 -6.09 4.60 -22.69
C SER A 46 -7.54 5.13 -22.58
N LEU A 47 -8.08 5.14 -21.36
CA LEU A 47 -9.45 5.61 -21.14
C LEU A 47 -9.54 7.12 -21.34
N VAL A 48 -8.51 7.83 -20.94
CA VAL A 48 -8.48 9.28 -21.07
C VAL A 48 -9.07 9.71 -22.41
N SER A 49 -10.08 10.58 -22.36
CA SER A 49 -10.72 11.06 -23.58
C SER A 49 -10.89 9.92 -24.59
N GLY A 50 -11.55 8.86 -24.16
CA GLY A 50 -11.76 7.70 -25.03
C GLY A 50 -12.78 8.01 -26.13
N ASP A 51 -12.51 9.07 -26.89
CA ASP A 51 -13.40 9.46 -27.97
C ASP A 51 -14.86 9.41 -27.51
N GLU A 52 -15.09 9.81 -26.27
CA GLU A 52 -16.42 9.82 -25.70
C GLU A 52 -17.15 8.52 -26.02
N MET A 1 -9.03 11.17 21.08
CA MET A 1 -8.93 9.74 21.50
C MET A 1 -7.83 9.06 20.69
N PHE A 2 -8.24 8.24 19.73
CA PHE A 2 -7.28 7.53 18.89
C PHE A 2 -6.72 8.45 17.82
N SER A 3 -7.21 9.68 17.78
CA SER A 3 -6.75 10.66 16.80
C SER A 3 -5.65 11.53 17.41
N ASN A 4 -5.65 11.62 18.74
CA ASN A 4 -4.67 12.43 19.43
C ASN A 4 -3.28 11.84 19.29
N ILE A 5 -3.19 10.53 19.21
CA ILE A 5 -1.92 9.86 19.07
C ILE A 5 -1.20 10.34 17.80
N GLY A 6 -1.92 10.34 16.67
CA GLY A 6 -1.36 10.76 15.38
C GLY A 6 -1.02 9.54 14.53
N ILE A 7 0.26 9.43 14.20
CA ILE A 7 0.78 8.29 13.44
C ILE A 7 1.32 7.19 14.37
N PRO A 8 1.73 7.52 15.60
CA PRO A 8 2.28 6.50 16.55
C PRO A 8 1.40 5.26 16.66
N GLY A 9 0.09 5.48 16.67
CA GLY A 9 -0.85 4.37 16.78
C GLY A 9 -0.74 3.45 15.58
N LEU A 10 -0.45 4.03 14.42
CA LEU A 10 -0.34 3.26 13.20
C LEU A 10 0.81 2.27 13.29
N ILE A 11 1.93 2.70 13.86
CA ILE A 11 3.09 1.83 14.00
C ILE A 11 2.73 0.63 14.85
N LEU A 12 2.05 0.86 15.95
CA LEU A 12 1.68 -0.24 16.82
C LEU A 12 0.83 -1.24 16.05
N ILE A 13 -0.12 -0.74 15.28
CA ILE A 13 -0.97 -1.59 14.47
C ILE A 13 -0.15 -2.25 13.37
N PHE A 14 0.74 -1.49 12.77
CA PHE A 14 1.52 -2.00 11.68
C PHE A 14 2.31 -3.24 12.12
N VAL A 15 2.87 -3.16 13.31
CA VAL A 15 3.65 -4.26 13.86
C VAL A 15 2.81 -5.53 13.88
N ILE A 16 1.55 -5.39 14.26
CA ILE A 16 0.65 -6.54 14.31
C ILE A 16 0.62 -7.24 12.96
N ALA A 17 0.79 -6.46 11.91
CA ALA A 17 0.82 -7.01 10.56
C ALA A 17 2.18 -7.67 10.28
N LEU A 18 3.23 -7.08 10.79
CA LEU A 18 4.57 -7.59 10.56
C LEU A 18 4.75 -8.97 11.17
N ILE A 19 4.24 -9.17 12.35
CA ILE A 19 4.36 -10.46 13.00
C ILE A 19 3.76 -11.55 12.12
N ILE A 20 2.63 -11.25 11.52
CA ILE A 20 1.95 -12.21 10.65
C ILE A 20 2.53 -12.16 9.24
N PHE A 21 2.94 -10.97 8.81
CA PHE A 21 3.51 -10.80 7.48
C PHE A 21 5.03 -10.79 7.55
N GLY A 22 5.61 -9.66 7.96
CA GLY A 22 7.06 -9.57 8.08
C GLY A 22 7.58 -8.30 7.40
N PRO A 23 8.56 -7.64 7.98
CA PRO A 23 9.16 -6.40 7.41
C PRO A 23 10.00 -6.70 6.17
N SER A 24 10.40 -7.96 6.02
CA SER A 24 11.22 -8.37 4.87
C SER A 24 10.33 -8.83 3.72
N LYS A 25 9.11 -9.26 4.04
CA LYS A 25 8.19 -9.73 3.03
C LYS A 25 7.43 -8.56 2.40
N LEU A 26 7.27 -7.50 3.18
CA LEU A 26 6.58 -6.31 2.70
C LEU A 26 7.33 -5.68 1.52
N PRO A 27 8.58 -5.31 1.72
CA PRO A 27 9.40 -4.67 0.65
C PRO A 27 9.44 -5.52 -0.63
N GLU A 28 9.49 -6.84 -0.46
CA GLU A 28 9.54 -7.74 -1.59
C GLU A 28 8.25 -7.67 -2.41
N ILE A 29 7.14 -7.70 -1.71
CA ILE A 29 5.83 -7.64 -2.35
C ILE A 29 5.64 -6.30 -3.04
N GLY A 30 6.07 -5.23 -2.36
CA GLY A 30 5.93 -3.90 -2.91
C GLY A 30 6.63 -3.79 -4.25
N ARG A 31 7.83 -4.36 -4.34
CA ARG A 31 8.58 -4.31 -5.58
C ARG A 31 7.86 -5.07 -6.69
N ALA A 32 7.49 -6.30 -6.39
CA ALA A 32 6.82 -7.12 -7.39
C ALA A 32 5.49 -6.48 -7.77
N ALA A 33 4.71 -6.10 -6.76
CA ALA A 33 3.43 -5.46 -7.00
C ALA A 33 3.66 -4.11 -7.64
N GLY A 34 4.81 -3.53 -7.36
CA GLY A 34 5.14 -2.23 -7.89
C GLY A 34 5.01 -2.21 -9.41
N ARG A 35 5.50 -3.28 -10.04
CA ARG A 35 5.44 -3.39 -11.50
C ARG A 35 4.00 -3.59 -11.97
N THR A 36 3.29 -4.46 -11.27
CA THR A 36 1.91 -4.74 -11.61
C THR A 36 1.06 -3.47 -11.43
N LEU A 37 1.29 -2.78 -10.34
CA LEU A 37 0.55 -1.56 -10.07
C LEU A 37 0.91 -0.45 -11.04
N LEU A 38 2.17 -0.44 -11.42
CA LEU A 38 2.67 0.58 -12.32
C LEU A 38 1.91 0.54 -13.63
N GLU A 39 1.58 -0.65 -14.09
CA GLU A 39 0.87 -0.78 -15.35
C GLU A 39 -0.63 -0.55 -15.14
N PHE A 40 -1.09 -0.72 -13.90
CA PHE A 40 -2.50 -0.53 -13.62
C PHE A 40 -2.91 0.94 -13.76
N LYS A 41 -2.10 1.81 -13.21
CA LYS A 41 -2.41 3.22 -13.27
C LYS A 41 -2.44 3.72 -14.70
N SER A 42 -1.56 3.15 -15.51
CA SER A 42 -1.48 3.53 -16.92
C SER A 42 -2.76 3.14 -17.64
N ALA A 43 -3.26 1.94 -17.33
CA ALA A 43 -4.50 1.46 -17.93
C ALA A 43 -5.70 2.21 -17.36
N THR A 44 -5.67 2.45 -16.05
CA THR A 44 -6.74 3.16 -15.39
C THR A 44 -6.86 4.58 -15.92
N LYS A 45 -5.72 5.21 -16.14
CA LYS A 45 -5.71 6.57 -16.63
C LYS A 45 -6.56 6.69 -17.88
N SER A 46 -6.61 5.61 -18.64
CA SER A 46 -7.39 5.60 -19.86
C SER A 46 -8.89 5.50 -19.57
N LEU A 47 -9.23 4.78 -18.49
CA LEU A 47 -10.61 4.60 -18.12
C LEU A 47 -11.21 5.90 -17.59
N VAL A 48 -10.44 6.59 -16.76
CA VAL A 48 -10.89 7.86 -16.20
C VAL A 48 -10.88 8.95 -17.25
N SER A 49 -10.03 8.79 -18.25
CA SER A 49 -9.92 9.77 -19.31
C SER A 49 -11.25 9.94 -20.03
N GLY A 50 -11.90 8.82 -20.30
CA GLY A 50 -13.19 8.83 -20.99
C GLY A 50 -13.00 8.73 -22.50
N ASP A 51 -13.37 7.59 -23.07
CA ASP A 51 -13.25 7.36 -24.51
C ASP A 51 -14.51 7.81 -25.23
N GLU A 52 -14.38 8.83 -26.07
CA GLU A 52 -15.52 9.34 -26.83
C GLU A 52 -16.75 9.45 -25.94
N MET A 1 -9.02 8.10 22.20
CA MET A 1 -8.44 6.78 22.62
C MET A 1 -7.30 6.41 21.68
N PHE A 2 -7.64 5.67 20.62
CA PHE A 2 -6.65 5.24 19.66
C PHE A 2 -6.32 6.37 18.69
N SER A 3 -6.99 7.50 18.87
CA SER A 3 -6.77 8.67 18.02
C SER A 3 -5.91 9.69 18.74
N ASN A 4 -5.91 9.64 20.07
CA ASN A 4 -5.14 10.57 20.86
C ASN A 4 -3.66 10.19 20.85
N ILE A 5 -3.38 8.98 20.40
CA ILE A 5 -2.00 8.52 20.35
C ILE A 5 -1.21 9.37 19.38
N GLY A 6 -1.75 9.57 18.18
CA GLY A 6 -1.08 10.35 17.14
C GLY A 6 -0.33 9.41 16.21
N ILE A 7 0.99 9.56 16.13
CA ILE A 7 1.82 8.71 15.28
C ILE A 7 2.62 7.63 16.06
N PRO A 8 2.81 7.76 17.37
CA PRO A 8 3.60 6.76 18.15
C PRO A 8 2.86 5.43 18.36
N GLY A 9 1.65 5.51 18.86
CA GLY A 9 0.86 4.31 19.08
C GLY A 9 0.73 3.51 17.79
N LEU A 10 0.90 4.21 16.66
CA LEU A 10 0.81 3.55 15.37
C LEU A 10 1.89 2.50 15.23
N ILE A 11 3.10 2.84 15.69
CA ILE A 11 4.23 1.91 15.59
C ILE A 11 3.94 0.64 16.39
N LEU A 12 3.43 0.79 17.60
CA LEU A 12 3.13 -0.38 18.41
C LEU A 12 2.15 -1.28 17.69
N ILE A 13 1.11 -0.69 17.11
CA ILE A 13 0.13 -1.44 16.35
C ILE A 13 0.75 -2.04 15.11
N PHE A 14 1.57 -1.26 14.45
CA PHE A 14 2.18 -1.70 13.22
C PHE A 14 2.95 -2.99 13.45
N VAL A 15 3.66 -3.04 14.57
CA VAL A 15 4.46 -4.21 14.91
C VAL A 15 3.56 -5.44 14.98
N ILE A 16 2.39 -5.28 15.56
CA ILE A 16 1.44 -6.38 15.68
C ILE A 16 1.20 -7.00 14.31
N ALA A 17 1.28 -6.16 13.30
CA ALA A 17 1.10 -6.62 11.92
C ALA A 17 2.39 -7.27 11.41
N LEU A 18 3.53 -6.73 11.82
CA LEU A 18 4.81 -7.24 11.38
C LEU A 18 5.06 -8.65 11.88
N ILE A 19 4.70 -8.91 13.12
CA ILE A 19 4.92 -10.23 13.68
C ILE A 19 4.17 -11.27 12.85
N ILE A 20 2.93 -10.94 12.48
CA ILE A 20 2.12 -11.83 11.66
C ILE A 20 2.51 -11.71 10.18
N PHE A 21 2.83 -10.48 9.72
CA PHE A 21 3.22 -10.27 8.32
C PHE A 21 4.76 -10.30 8.17
N GLY A 22 5.43 -9.23 8.58
CA GLY A 22 6.90 -9.16 8.49
C GLY A 22 7.35 -7.90 7.76
N PRO A 23 8.40 -7.24 8.22
CA PRO A 23 8.90 -5.99 7.58
C PRO A 23 9.52 -6.25 6.21
N SER A 24 9.86 -7.51 5.94
CA SER A 24 10.47 -7.88 4.66
C SER A 24 9.41 -8.32 3.67
N LYS A 25 8.28 -8.80 4.19
CA LYS A 25 7.20 -9.25 3.35
C LYS A 25 6.40 -8.06 2.83
N LEU A 26 6.30 -7.03 3.67
CA LEU A 26 5.57 -5.82 3.32
C LEU A 26 6.15 -5.15 2.07
N PRO A 27 7.41 -4.75 2.08
CA PRO A 27 8.04 -4.07 0.91
C PRO A 27 7.97 -4.92 -0.36
N GLU A 28 7.99 -6.23 -0.19
CA GLU A 28 7.93 -7.13 -1.33
C GLU A 28 6.59 -7.00 -2.04
N ILE A 29 5.53 -6.91 -1.26
CA ILE A 29 4.19 -6.78 -1.81
C ILE A 29 4.05 -5.46 -2.56
N GLY A 30 4.56 -4.39 -1.96
CA GLY A 30 4.49 -3.07 -2.58
C GLY A 30 5.21 -3.05 -3.92
N ARG A 31 6.39 -3.66 -3.94
CA ARG A 31 7.18 -3.73 -5.15
C ARG A 31 6.46 -4.54 -6.22
N ALA A 32 5.93 -5.68 -5.80
CA ALA A 32 5.23 -6.54 -6.73
C ALA A 32 4.02 -5.82 -7.30
N ALA A 33 3.26 -5.18 -6.42
CA ALA A 33 2.10 -4.41 -6.84
C ALA A 33 2.56 -3.23 -7.68
N GLY A 34 3.76 -2.78 -7.38
CA GLY A 34 4.32 -1.64 -8.07
C GLY A 34 4.33 -1.87 -9.58
N ARG A 35 4.74 -3.07 -9.98
CA ARG A 35 4.78 -3.41 -11.39
C ARG A 35 3.39 -3.49 -11.99
N THR A 36 2.48 -4.08 -11.23
CA THR A 36 1.10 -4.23 -11.65
C THR A 36 0.43 -2.88 -11.83
N LEU A 37 0.67 -1.99 -10.88
CA LEU A 37 0.10 -0.66 -10.94
C LEU A 37 0.71 0.16 -12.06
N LEU A 38 1.98 -0.05 -12.27
CA LEU A 38 2.72 0.66 -13.30
C LEU A 38 2.10 0.44 -14.66
N GLU A 39 1.66 -0.78 -14.92
CA GLU A 39 1.07 -1.08 -16.21
C GLU A 39 -0.39 -0.62 -16.24
N PHE A 40 -1.00 -0.45 -15.06
CA PHE A 40 -2.38 -0.01 -15.00
C PHE A 40 -2.55 1.42 -15.48
N LYS A 41 -1.67 2.30 -15.02
CA LYS A 41 -1.77 3.69 -15.40
C LYS A 41 -1.57 3.86 -16.90
N SER A 42 -0.70 3.03 -17.46
CA SER A 42 -0.41 3.06 -18.89
C SER A 42 -1.65 2.67 -19.68
N ALA A 43 -2.36 1.65 -19.19
CA ALA A 43 -3.57 1.19 -19.86
C ALA A 43 -4.69 2.21 -19.67
N THR A 44 -4.77 2.76 -18.46
CA THR A 44 -5.77 3.76 -18.12
C THR A 44 -5.58 5.02 -18.94
N LYS A 45 -4.34 5.44 -19.10
CA LYS A 45 -4.04 6.65 -19.86
C LYS A 45 -4.67 6.56 -21.23
N SER A 46 -4.80 5.34 -21.72
CA SER A 46 -5.38 5.12 -23.03
C SER A 46 -6.91 5.28 -23.00
N LEU A 47 -7.51 4.93 -21.86
CA LEU A 47 -8.96 5.02 -21.70
C LEU A 47 -9.42 6.47 -21.60
N VAL A 48 -8.50 7.34 -21.23
CA VAL A 48 -8.82 8.76 -21.08
C VAL A 48 -9.56 9.27 -22.31
N SER A 49 -9.53 8.49 -23.37
CA SER A 49 -10.20 8.87 -24.60
C SER A 49 -11.68 9.04 -24.36
N GLY A 50 -12.25 8.12 -23.58
CA GLY A 50 -13.67 8.17 -23.25
C GLY A 50 -14.49 7.36 -24.25
N ASP A 51 -15.71 6.98 -23.84
CA ASP A 51 -16.60 6.20 -24.71
C ASP A 51 -18.02 6.73 -24.64
N GLU A 52 -18.14 8.05 -24.54
CA GLU A 52 -19.46 8.68 -24.47
C GLU A 52 -19.35 10.16 -24.82
N MET A 1 -8.28 9.84 22.81
CA MET A 1 -8.18 8.40 23.19
C MET A 1 -7.32 7.66 22.16
N PHE A 2 -7.91 6.65 21.54
CA PHE A 2 -7.20 5.87 20.54
C PHE A 2 -7.18 6.59 19.20
N SER A 3 -7.79 7.77 19.17
CA SER A 3 -7.86 8.57 17.94
C SER A 3 -6.82 9.69 17.97
N ASN A 4 -6.42 10.09 19.17
CA ASN A 4 -5.44 11.15 19.33
C ASN A 4 -4.03 10.64 19.05
N ILE A 5 -3.88 9.32 19.01
CA ILE A 5 -2.59 8.71 18.76
C ILE A 5 -2.09 9.08 17.36
N GLY A 6 -2.98 9.01 16.38
CA GLY A 6 -2.61 9.32 15.00
C GLY A 6 -1.67 8.25 14.45
N ILE A 7 -0.63 8.71 13.75
CA ILE A 7 0.37 7.79 13.19
C ILE A 7 1.20 7.17 14.32
N PRO A 8 1.63 7.94 15.28
CA PRO A 8 2.43 7.40 16.41
C PRO A 8 1.86 6.07 16.90
N GLY A 9 0.55 5.89 16.76
CA GLY A 9 -0.11 4.65 17.18
C GLY A 9 -0.08 3.64 16.04
N LEU A 10 -0.02 4.14 14.80
CA LEU A 10 0.01 3.28 13.64
C LEU A 10 1.24 2.37 13.67
N ILE A 11 2.38 2.95 14.07
CA ILE A 11 3.63 2.20 14.12
C ILE A 11 3.49 1.02 15.07
N LEU A 12 2.92 1.26 16.22
CA LEU A 12 2.75 0.20 17.20
C LEU A 12 1.95 -0.94 16.60
N ILE A 13 0.86 -0.61 15.94
CA ILE A 13 0.04 -1.63 15.30
C ILE A 13 0.81 -2.29 14.19
N PHE A 14 1.53 -1.48 13.43
CA PHE A 14 2.28 -1.98 12.30
C PHE A 14 3.25 -3.07 12.74
N VAL A 15 3.91 -2.82 13.86
CA VAL A 15 4.87 -3.78 14.41
C VAL A 15 4.21 -5.12 14.64
N ILE A 16 2.99 -5.08 15.16
CA ILE A 16 2.25 -6.31 15.43
C ILE A 16 2.20 -7.17 14.18
N ALA A 17 2.15 -6.51 13.04
CA ALA A 17 2.13 -7.21 11.76
C ALA A 17 3.54 -7.71 11.43
N LEU A 18 4.54 -6.91 11.79
CA LEU A 18 5.91 -7.26 11.50
C LEU A 18 6.35 -8.52 12.24
N ILE A 19 5.98 -8.63 13.50
CA ILE A 19 6.37 -9.80 14.27
C ILE A 19 5.87 -11.07 13.60
N ILE A 20 4.63 -11.04 13.10
CA ILE A 20 4.04 -12.17 12.43
C ILE A 20 4.51 -12.26 10.98
N PHE A 21 4.67 -11.11 10.33
CA PHE A 21 5.12 -11.09 8.95
C PHE A 21 6.62 -10.82 8.85
N GLY A 22 7.05 -9.60 9.20
CA GLY A 22 8.45 -9.25 9.14
C GLY A 22 8.65 -7.97 8.34
N PRO A 23 9.57 -7.13 8.72
CA PRO A 23 9.85 -5.86 8.00
C PRO A 23 10.40 -6.09 6.60
N SER A 24 10.91 -7.30 6.35
CA SER A 24 11.47 -7.64 5.05
C SER A 24 10.38 -8.17 4.12
N LYS A 25 9.15 -8.22 4.62
CA LYS A 25 8.01 -8.72 3.84
C LYS A 25 7.13 -7.56 3.37
N LEU A 26 7.48 -6.34 3.78
CA LEU A 26 6.71 -5.17 3.39
C LEU A 26 7.19 -4.69 2.02
N PRO A 27 8.49 -4.71 1.76
CA PRO A 27 9.04 -4.28 0.44
C PRO A 27 8.61 -5.23 -0.68
N GLU A 28 8.50 -6.51 -0.34
CA GLU A 28 8.10 -7.53 -1.31
C GLU A 28 6.67 -7.29 -1.79
N ILE A 29 5.80 -6.92 -0.88
CA ILE A 29 4.42 -6.66 -1.22
C ILE A 29 4.32 -5.47 -2.17
N GLY A 30 5.08 -4.43 -1.87
CA GLY A 30 5.07 -3.23 -2.71
C GLY A 30 5.50 -3.55 -4.13
N ARG A 31 6.56 -4.35 -4.26
CA ARG A 31 7.06 -4.72 -5.56
C ARG A 31 6.05 -5.55 -6.32
N ALA A 32 5.50 -6.54 -5.63
CA ALA A 32 4.53 -7.42 -6.25
C ALA A 32 3.31 -6.61 -6.70
N ALA A 33 2.81 -5.78 -5.79
CA ALA A 33 1.66 -4.92 -6.09
C ALA A 33 2.06 -3.90 -7.15
N GLY A 34 3.34 -3.56 -7.16
CA GLY A 34 3.83 -2.57 -8.08
C GLY A 34 3.50 -2.95 -9.52
N ARG A 35 3.74 -4.21 -9.85
CA ARG A 35 3.46 -4.71 -11.19
C ARG A 35 1.97 -4.69 -11.47
N THR A 36 1.19 -5.08 -10.47
CA THR A 36 -0.26 -5.10 -10.60
C THR A 36 -0.77 -3.67 -10.81
N LEU A 37 -0.23 -2.74 -10.05
CA LEU A 37 -0.65 -1.37 -10.16
C LEU A 37 -0.16 -0.74 -11.45
N LEU A 38 1.02 -1.14 -11.85
CA LEU A 38 1.64 -0.61 -13.06
C LEU A 38 0.74 -0.87 -14.25
N GLU A 39 0.14 -2.03 -14.31
CA GLU A 39 -0.72 -2.35 -15.42
C GLU A 39 -2.06 -1.62 -15.28
N PHE A 40 -2.40 -1.23 -14.04
CA PHE A 40 -3.67 -0.55 -13.78
C PHE A 40 -3.74 0.79 -14.50
N LYS A 41 -2.70 1.58 -14.34
CA LYS A 41 -2.67 2.89 -14.95
C LYS A 41 -2.67 2.77 -16.48
N SER A 42 -2.01 1.73 -16.96
CA SER A 42 -1.94 1.49 -18.39
C SER A 42 -3.33 1.19 -18.95
N ALA A 43 -4.14 0.50 -18.14
CA ALA A 43 -5.50 0.16 -18.56
C ALA A 43 -6.42 1.36 -18.36
N THR A 44 -6.26 2.05 -17.24
CA THR A 44 -7.06 3.23 -16.94
C THR A 44 -6.80 4.33 -17.95
N LYS A 45 -5.54 4.50 -18.31
CA LYS A 45 -5.16 5.54 -19.25
C LYS A 45 -6.00 5.44 -20.51
N SER A 46 -6.40 4.23 -20.85
CA SER A 46 -7.21 4.01 -22.02
C SER A 46 -8.66 4.44 -21.78
N LEU A 47 -9.12 4.28 -20.55
CA LEU A 47 -10.49 4.65 -20.21
C LEU A 47 -10.66 6.17 -20.21
N VAL A 48 -9.69 6.86 -19.64
CA VAL A 48 -9.73 8.31 -19.58
C VAL A 48 -9.47 8.92 -20.95
N SER A 49 -8.76 8.18 -21.77
CA SER A 49 -8.42 8.66 -23.10
C SER A 49 -9.66 9.21 -23.80
N GLY A 50 -10.83 8.73 -23.37
CA GLY A 50 -12.08 9.18 -23.97
C GLY A 50 -12.26 10.68 -23.77
N ASP A 51 -11.56 11.47 -24.57
CA ASP A 51 -11.66 12.92 -24.47
C ASP A 51 -12.86 13.43 -25.25
N GLU A 52 -13.15 14.72 -25.11
CA GLU A 52 -14.28 15.33 -25.80
C GLU A 52 -14.03 16.82 -26.03
#